data_9PFG
#
_entry.id   9PFG
#
_cell.length_a   1.00
_cell.length_b   1.00
_cell.length_c   1.00
_cell.angle_alpha   90.00
_cell.angle_beta   90.00
_cell.angle_gamma   90.00
#
_symmetry.space_group_name_H-M   'P 1'
#
loop_
_entity.id
_entity.type
_entity.pdbx_description
1 polymer 'Synaptosomal-associated protein 25'
2 polymer Syntaxin-1A
3 polymer 'Alpha-soluble NSF attachment protein'
4 polymer 'Vesicle-fusing ATPase'
5 water water
#
loop_
_entity_poly.entity_id
_entity_poly.type
_entity_poly.pdbx_seq_one_letter_code
_entity_poly.pdbx_strand_id
1 'polypeptide(L)'
;SMAEDADMRNELEEMQRRADQLADESLESTRRMLQLVEESKDAGIRTLVMLDEQGEQLERIEEGMDQINKDMKEAEKNLT
DLGK
;
A,C
2 'polypeptide(L)' MALSEIETRHSEIIKLENSIRELHDMFMDMAMLVESQGEMIDRIEYNVEHAVDYVERAVSDTKKAVKYQSKARRKKIM B,D
3 'polypeptide(L)'
;GMDTSGKQAEAMALLAEAERKVKNSQSFFSGLFGGSSKIEEACEIYARAANMFKMAKNWSAAGNAFCQAAQLHLQLQSKH
DAATCFVDAGNAFKKADPQEAINCLMRAIEIYTDMGRFTIAAKHHISIAEIYETELVDVEKAIAHYEQSADYYKGEESNS
SANKCLLKVAGYAAQLEQYQKAIDIYEQVGTSAMDSPLLKYSAKDYFFKAALCHFCIDMLNAKLAVQKYEELFPAFSDSR
ECKLMKKLLEAHEEQNVDSYTESVKEYDSISRLDQWLTTMLLRIKKTIQGDEEDLR
;
H,E,F,G
4 'polypeptide(L)'
;GAHMAGRSMQAARCPTDELSLSNCAVVSEKDYQSGQHVIVRTSPNHKYIFTLRTHPSVVPGSVAFSLPQRKWAGLSIGQE
IEVALYSFDKAKQCIGTMTIEIDFLQKKNIDSNPYDTDKMAAEFIQQFNNQAFSVGQQLVFSFNDKLFGLLVKDIEAMDP
SILKGEPASGKRQKIEVGLVVGNSQVAFEKAENSSLNLIGKAKTKENRQSIINPDWNFEKMGIGGLDKEFSDIFRRAFAS
RVFPPEIVEQMGCKHVKGILLYGPPGCGKTLLARQIGKMLNAREPKVVNGPEILNKYVGESEANIRKLFADAEEEQRRLG
ANSGLHIIIFDEIDAICKQRGSMAGSTGVHDTVVNQLLSKIDGVEQLNNILVIGMTNRPDLIDEALLRPGRLEVKMEIGL
PDEKGRLQILHIHTARMRGHQLLSADVDIKELAVETKNFSGAELEGLVRAAQSTAMNRHIKASTKVEVDMEKAESLQVTR
GDFLASLENDIKPAFGTNQEDYASYIMNGIIKWGDPVTRVLDDGELLVQQTKNSDRTPLVSVLLEGPPHSGKTALAAKIA
EESNFPFIKICSPDKMIGFSETAKCQAMKKIFDDAYKSQLSCVVVDDIERLLDYVPIGPRFSNLVLQALLVLLKKAPPQG
RKLLIIGTTSRKDVLQEMEMLNAFSTTIHVPNIATGEQLLEALELLGNFKDKERTTIAQQVKGKKVWIGIKKLLMLIEMS
LQMDPEYRVRKFLALLREEGASPLDFD
;
J,K
#
# COMPACT_ATOMS: atom_id res chain seq x y z
N ASP A 20 44.36 3.98 -6.91
CA ASP A 20 44.13 5.42 -6.92
C ASP A 20 42.97 5.78 -7.85
N GLN A 21 43.08 5.36 -9.12
CA GLN A 21 42.00 5.58 -10.06
C GLN A 21 40.83 4.63 -9.84
N LEU A 22 41.05 3.53 -9.14
CA LEU A 22 39.94 2.65 -8.75
C LEU A 22 39.10 3.28 -7.64
N ALA A 23 39.67 4.22 -6.88
CA ALA A 23 38.85 4.94 -5.89
C ALA A 23 37.81 5.81 -6.58
N ASP A 24 38.17 6.48 -7.67
CA ASP A 24 37.23 7.24 -8.48
C ASP A 24 35.94 6.44 -8.68
N GLU A 25 36.11 5.14 -8.94
CA GLU A 25 34.95 4.27 -9.08
C GLU A 25 34.04 4.37 -7.87
N SER A 26 34.62 4.35 -6.67
CA SER A 26 33.85 4.59 -5.45
C SER A 26 32.97 5.84 -5.59
N LEU A 27 33.56 6.95 -6.02
CA LEU A 27 32.79 8.18 -6.19
C LEU A 27 31.62 7.97 -7.12
N GLU A 28 31.87 7.33 -8.27
CA GLU A 28 30.79 7.09 -9.22
C GLU A 28 29.68 6.24 -8.60
N SER A 29 30.07 5.17 -7.90
CA SER A 29 29.10 4.33 -7.23
C SER A 29 28.28 5.13 -6.24
N THR A 30 28.93 5.98 -5.46
CA THR A 30 28.21 6.76 -4.45
C THR A 30 27.19 7.67 -5.11
N ARG A 31 27.57 8.32 -6.21
CA ARG A 31 26.62 9.20 -6.89
C ARG A 31 25.43 8.41 -7.41
N ARG A 32 25.68 7.24 -8.02
CA ARG A 32 24.56 6.44 -8.51
C ARG A 32 23.65 6.01 -7.37
N MET A 33 24.23 5.59 -6.26
CA MET A 33 23.43 5.21 -5.11
C MET A 33 22.56 6.36 -4.65
N LEU A 34 23.12 7.57 -4.58
CA LEU A 34 22.34 8.70 -4.11
C LEU A 34 21.16 8.98 -5.03
N GLN A 35 21.39 8.90 -6.35
CA GLN A 35 20.27 9.08 -7.28
C GLN A 35 19.18 8.03 -7.03
N LEU A 36 19.59 6.77 -6.87
CA LEU A 36 18.61 5.71 -6.64
C LEU A 36 17.79 5.98 -5.39
N VAL A 37 18.45 6.41 -4.32
CA VAL A 37 17.74 6.67 -3.07
C VAL A 37 16.71 7.78 -3.27
N GLU A 38 17.08 8.83 -4.00
CA GLU A 38 16.11 9.90 -4.25
C GLU A 38 14.87 9.39 -4.98
N GLU A 39 15.09 8.57 -6.03
CA GLU A 39 13.94 8.04 -6.75
C GLU A 39 13.04 7.22 -5.82
N SER A 40 13.64 6.37 -4.99
CA SER A 40 12.83 5.56 -4.08
C SER A 40 11.99 6.44 -3.16
N LYS A 41 12.60 7.51 -2.64
CA LYS A 41 11.84 8.38 -1.74
C LYS A 41 10.61 8.96 -2.44
N ASP A 42 10.77 9.44 -3.67
CA ASP A 42 9.62 10.01 -4.36
C ASP A 42 8.51 8.97 -4.54
N ALA A 43 8.89 7.75 -4.94
CA ALA A 43 7.89 6.70 -5.08
C ALA A 43 7.13 6.48 -3.78
N GLY A 44 7.86 6.47 -2.66
CA GLY A 44 7.21 6.28 -1.37
C GLY A 44 6.19 7.36 -1.08
N ILE A 45 6.52 8.61 -1.38
CA ILE A 45 5.56 9.70 -1.13
C ILE A 45 4.27 9.42 -1.88
N ARG A 46 4.39 9.09 -3.16
CA ARG A 46 3.18 8.90 -3.95
C ARG A 46 2.33 7.75 -3.40
N THR A 47 2.98 6.65 -3.02
CA THR A 47 2.23 5.53 -2.46
C THR A 47 1.46 5.97 -1.22
N LEU A 48 2.09 6.75 -0.34
CA LEU A 48 1.42 7.17 0.89
C LEU A 48 0.15 7.95 0.56
N VAL A 49 0.25 8.93 -0.34
CA VAL A 49 -0.93 9.74 -0.64
C VAL A 49 -2.06 8.85 -1.18
N MET A 50 -1.72 7.92 -2.08
CA MET A 50 -2.76 7.07 -2.66
C MET A 50 -3.45 6.24 -1.59
N LEU A 51 -2.67 5.69 -0.66
CA LEU A 51 -3.27 4.89 0.40
C LEU A 51 -4.24 5.71 1.23
N ASP A 52 -3.89 6.96 1.54
CA ASP A 52 -4.80 7.80 2.30
C ASP A 52 -6.14 7.93 1.60
N GLU A 53 -6.11 8.23 0.30
CA GLU A 53 -7.36 8.41 -0.43
C GLU A 53 -8.20 7.13 -0.42
N GLN A 54 -7.57 5.99 -0.65
CA GLN A 54 -8.31 4.73 -0.64
C GLN A 54 -8.96 4.49 0.71
N GLY A 55 -8.25 4.80 1.80
CA GLY A 55 -8.83 4.62 3.12
C GLY A 55 -10.10 5.42 3.28
N GLU A 56 -10.09 6.67 2.79
CA GLU A 56 -11.32 7.47 2.86
C GLU A 56 -12.46 6.80 2.11
N GLN A 57 -12.17 6.26 0.92
CA GLN A 57 -13.24 5.60 0.16
C GLN A 57 -13.82 4.41 0.91
N LEU A 58 -12.96 3.61 1.54
CA LEU A 58 -13.48 2.47 2.30
C LEU A 58 -14.38 2.91 3.43
N GLU A 59 -13.98 3.98 4.13
CA GLU A 59 -14.84 4.52 5.16
C GLU A 59 -16.20 4.92 4.58
N ARG A 60 -16.19 5.58 3.42
N ARG A 60 -16.18 5.57 3.42
CA ARG A 60 -17.46 5.98 2.82
CA ARG A 60 -17.45 5.99 2.82
C ARG A 60 -18.34 4.79 2.47
C ARG A 60 -18.33 4.80 2.45
N ILE A 61 -17.74 3.63 2.19
CA ILE A 61 -18.54 2.49 1.74
C ILE A 61 -19.17 1.75 2.93
N GLU A 62 -18.45 1.70 4.04
CA GLU A 62 -18.99 0.99 5.22
C GLU A 62 -20.38 1.51 5.60
N GLU A 63 -20.54 2.83 5.64
CA GLU A 63 -21.80 3.41 6.08
C GLU A 63 -22.95 3.02 5.16
N GLY A 64 -22.73 3.13 3.84
CA GLY A 64 -23.74 2.66 2.91
C GLY A 64 -24.18 1.26 3.22
N MET A 65 -23.21 0.35 3.42
CA MET A 65 -23.56 -1.04 3.69
C MET A 65 -24.44 -1.15 4.93
N ASP A 66 -24.03 -0.50 6.01
CA ASP A 66 -24.82 -0.53 7.24
C ASP A 66 -26.25 -0.10 7.00
N GLN A 67 -26.42 1.08 6.40
CA GLN A 67 -27.76 1.64 6.20
C GLN A 67 -28.62 0.68 5.40
N ILE A 68 -28.10 0.14 4.29
CA ILE A 68 -28.92 -0.73 3.46
C ILE A 68 -29.33 -1.98 4.24
N ASN A 69 -28.39 -2.58 4.95
CA ASN A 69 -28.72 -3.75 5.77
C ASN A 69 -29.90 -3.44 6.68
N LYS A 70 -29.79 -2.35 7.45
CA LYS A 70 -30.86 -1.99 8.38
C LYS A 70 -32.19 -1.85 7.65
N ASP A 71 -32.20 -1.09 6.55
CA ASP A 71 -33.44 -0.83 5.85
C ASP A 71 -34.10 -2.12 5.40
N MET A 72 -33.31 -2.99 4.77
CA MET A 72 -33.85 -4.27 4.31
C MET A 72 -34.46 -5.05 5.46
N LYS A 73 -33.71 -5.22 6.54
CA LYS A 73 -34.23 -5.98 7.68
C LYS A 73 -35.56 -5.42 8.15
N GLU A 74 -35.60 -4.10 8.40
CA GLU A 74 -36.82 -3.47 8.89
C GLU A 74 -37.99 -3.76 7.97
N ALA A 75 -37.81 -3.48 6.67
CA ALA A 75 -38.90 -3.66 5.73
C ALA A 75 -39.37 -5.12 5.70
N GLU A 76 -38.42 -6.06 5.77
CA GLU A 76 -38.80 -7.47 5.76
C GLU A 76 -39.68 -7.80 6.95
N LYS A 77 -39.23 -7.42 8.16
CA LYS A 77 -40.05 -7.62 9.34
C LYS A 77 -41.43 -6.99 9.15
N ASN A 78 -41.47 -5.78 8.60
CA ASN A 78 -42.73 -5.09 8.38
C ASN A 78 -43.68 -5.92 7.54
N LEU A 79 -43.26 -6.27 6.33
CA LEU A 79 -44.05 -7.14 5.45
C LEU A 79 -44.55 -8.37 6.21
N THR A 80 -43.61 -9.13 6.76
CA THR A 80 -43.97 -10.35 7.48
C THR A 80 -45.11 -10.11 8.47
N ASP A 81 -44.90 -9.23 9.44
CA ASP A 81 -45.92 -8.98 10.45
C ASP A 81 -47.24 -8.57 9.80
N LEU A 82 -47.18 -7.55 8.93
CA LEU A 82 -48.37 -7.10 8.21
C LEU A 82 -49.17 -8.29 7.68
N GLY A 83 -48.50 -9.21 6.99
CA GLY A 83 -49.19 -10.35 6.41
C GLY A 83 -49.83 -11.25 7.44
N LYS A 84 -49.01 -11.95 8.20
CA LYS A 84 -49.46 -12.89 9.24
C LYS A 84 -50.71 -12.40 9.95
N ALA B 2 43.04 14.06 1.61
CA ALA B 2 41.69 14.35 2.11
C ALA B 2 40.87 15.07 1.04
N LEU B 3 40.90 16.40 1.07
CA LEU B 3 40.24 17.25 0.08
C LEU B 3 38.96 16.64 -0.45
N SER B 4 38.81 16.53 -1.77
CA SER B 4 37.60 15.97 -2.35
C SER B 4 37.29 14.60 -1.77
N GLU B 5 38.30 13.73 -1.67
CA GLU B 5 38.08 12.40 -1.12
C GLU B 5 37.34 12.46 0.20
N ILE B 6 37.92 13.13 1.20
CA ILE B 6 37.34 13.13 2.53
C ILE B 6 35.99 13.84 2.52
N GLU B 7 35.89 14.96 1.80
CA GLU B 7 34.66 15.74 1.86
C GLU B 7 33.50 14.98 1.23
N THR B 8 33.72 14.38 0.06
CA THR B 8 32.71 13.54 -0.55
C THR B 8 32.37 12.37 0.36
N ARG B 9 33.38 11.68 0.87
CA ARG B 9 33.13 10.58 1.79
C ARG B 9 32.12 10.99 2.84
N HIS B 10 32.48 11.98 3.65
CA HIS B 10 31.64 12.32 4.80
C HIS B 10 30.28 12.82 4.34
N SER B 11 30.25 13.79 3.43
CA SER B 11 28.98 14.40 3.07
C SER B 11 28.03 13.39 2.46
N GLU B 12 28.51 12.62 1.48
CA GLU B 12 27.66 11.64 0.83
C GLU B 12 27.19 10.58 1.82
N ILE B 13 28.09 10.11 2.69
CA ILE B 13 27.69 9.10 3.66
C ILE B 13 26.56 9.62 4.54
N ILE B 14 26.74 10.83 5.07
CA ILE B 14 25.73 11.38 5.98
C ILE B 14 24.41 11.55 5.25
N LYS B 15 24.44 12.11 4.04
CA LYS B 15 23.20 12.32 3.30
C LYS B 15 22.50 10.98 3.03
N LEU B 16 23.27 9.97 2.64
CA LEU B 16 22.68 8.66 2.41
C LEU B 16 21.99 8.15 3.66
N GLU B 17 22.65 8.28 4.81
CA GLU B 17 22.06 7.78 6.05
C GLU B 17 20.77 8.51 6.37
N ASN B 18 20.75 9.84 6.19
CA ASN B 18 19.54 10.59 6.47
C ASN B 18 18.38 10.12 5.59
N SER B 19 18.64 9.96 4.30
CA SER B 19 17.58 9.51 3.41
C SER B 19 17.06 8.14 3.82
N ILE B 20 17.97 7.24 4.19
CA ILE B 20 17.55 5.90 4.60
C ILE B 20 16.63 5.97 5.80
N ARG B 21 16.97 6.80 6.79
CA ARG B 21 16.12 6.91 7.97
C ARG B 21 14.72 7.40 7.59
N GLU B 22 14.64 8.39 6.70
CA GLU B 22 13.32 8.85 6.29
C GLU B 22 12.51 7.74 5.63
N LEU B 23 13.15 6.94 4.77
CA LEU B 23 12.44 5.82 4.17
C LEU B 23 11.91 4.88 5.24
N HIS B 24 12.73 4.60 6.25
CA HIS B 24 12.31 3.73 7.35
C HIS B 24 10.99 4.21 7.96
N ASP B 25 10.94 5.49 8.33
CA ASP B 25 9.73 6.01 8.95
C ASP B 25 8.54 5.87 8.02
N MET B 26 8.73 6.22 6.75
CA MET B 26 7.63 6.15 5.80
C MET B 26 7.03 4.76 5.78
N PHE B 27 7.87 3.74 5.70
CA PHE B 27 7.35 2.38 5.54
C PHE B 27 6.64 1.92 6.79
N MET B 28 7.14 2.29 7.98
CA MET B 28 6.42 1.88 9.18
C MET B 28 5.00 2.43 9.18
N ASP B 29 4.85 3.72 8.86
CA ASP B 29 3.50 4.30 8.85
C ASP B 29 2.62 3.64 7.79
N MET B 30 3.18 3.42 6.60
CA MET B 30 2.43 2.75 5.54
C MET B 30 1.89 1.41 6.01
N ALA B 31 2.74 0.60 6.66
CA ALA B 31 2.30 -0.72 7.09
C ALA B 31 1.15 -0.63 8.08
N MET B 32 1.24 0.29 9.04
CA MET B 32 0.12 0.42 9.98
C MET B 32 -1.18 0.77 9.25
N LEU B 33 -1.12 1.71 8.31
CA LEU B 33 -2.33 2.07 7.58
C LEU B 33 -2.91 0.88 6.83
N VAL B 34 -2.04 0.10 6.19
CA VAL B 34 -2.52 -1.06 5.43
C VAL B 34 -3.24 -2.02 6.36
N GLU B 35 -2.70 -2.25 7.56
CA GLU B 35 -3.38 -3.14 8.50
C GLU B 35 -4.80 -2.66 8.81
N SER B 36 -4.93 -1.38 9.18
CA SER B 36 -6.26 -0.91 9.54
C SER B 36 -7.24 -1.08 8.38
N GLN B 37 -6.80 -0.75 7.16
CA GLN B 37 -7.68 -0.91 6.01
C GLN B 37 -8.08 -2.38 5.83
N GLY B 38 -7.15 -3.29 6.08
CA GLY B 38 -7.49 -4.70 5.97
C GLY B 38 -8.64 -5.05 6.88
N GLU B 39 -8.65 -4.50 8.09
CA GLU B 39 -9.74 -4.85 8.99
C GLU B 39 -11.06 -4.23 8.57
N MET B 40 -11.03 -3.04 7.96
CA MET B 40 -12.28 -2.48 7.45
C MET B 40 -12.85 -3.34 6.33
N ILE B 41 -12.01 -3.81 5.40
CA ILE B 41 -12.50 -4.66 4.33
C ILE B 41 -13.12 -5.93 4.92
N ASP B 42 -12.44 -6.50 5.92
CA ASP B 42 -12.98 -7.71 6.54
C ASP B 42 -14.38 -7.45 7.08
N ARG B 43 -14.58 -6.31 7.75
CA ARG B 43 -15.91 -6.05 8.30
C ARG B 43 -16.95 -5.84 7.22
N ILE B 44 -16.57 -5.28 6.06
CA ILE B 44 -17.57 -5.09 5.01
C ILE B 44 -18.07 -6.43 4.47
N GLU B 45 -17.17 -7.40 4.36
CA GLU B 45 -17.56 -8.66 3.71
C GLU B 45 -18.76 -9.31 4.40
N TYR B 46 -18.74 -9.36 5.74
CA TYR B 46 -19.82 -10.02 6.47
C TYR B 46 -21.15 -9.34 6.22
N ASN B 47 -21.17 -8.01 6.35
CA ASN B 47 -22.41 -7.28 6.14
C ASN B 47 -22.91 -7.39 4.71
N VAL B 48 -22.04 -7.77 3.77
CA VAL B 48 -22.56 -8.03 2.43
C VAL B 48 -23.20 -9.42 2.37
N GLU B 49 -22.65 -10.38 3.09
CA GLU B 49 -23.22 -11.73 3.02
C GLU B 49 -24.57 -11.78 3.71
N HIS B 50 -24.70 -11.12 4.86
CA HIS B 50 -25.98 -11.04 5.54
C HIS B 50 -27.07 -10.52 4.60
N ALA B 51 -26.81 -9.38 3.97
CA ALA B 51 -27.79 -8.79 3.07
C ALA B 51 -28.13 -9.74 1.93
N VAL B 52 -27.16 -10.49 1.42
CA VAL B 52 -27.45 -11.39 0.32
C VAL B 52 -28.44 -12.46 0.75
N ASP B 53 -28.18 -13.08 1.89
CA ASP B 53 -29.08 -14.13 2.36
C ASP B 53 -30.45 -13.57 2.68
N TYR B 54 -30.51 -12.41 3.34
CA TYR B 54 -31.79 -11.81 3.69
C TYR B 54 -32.63 -11.58 2.45
N VAL B 55 -32.07 -10.88 1.45
CA VAL B 55 -32.83 -10.54 0.26
C VAL B 55 -33.29 -11.82 -0.44
N GLU B 56 -32.38 -12.77 -0.65
CA GLU B 56 -32.77 -13.99 -1.35
C GLU B 56 -33.94 -14.69 -0.66
N ARG B 57 -33.80 -14.95 0.64
CA ARG B 57 -34.85 -15.66 1.36
C ARG B 57 -36.16 -14.89 1.30
N ALA B 58 -36.11 -13.59 1.60
CA ALA B 58 -37.32 -12.78 1.61
C ALA B 58 -38.04 -12.86 0.28
N VAL B 59 -37.33 -12.58 -0.82
CA VAL B 59 -37.99 -12.60 -2.13
C VAL B 59 -38.62 -13.96 -2.39
N SER B 60 -37.84 -15.04 -2.21
CA SER B 60 -38.39 -16.37 -2.47
C SER B 60 -39.68 -16.59 -1.71
N ASP B 61 -39.61 -16.44 -0.38
CA ASP B 61 -40.75 -16.76 0.47
C ASP B 61 -41.96 -15.89 0.12
N THR B 62 -41.74 -14.58 -0.03
CA THR B 62 -42.86 -13.69 -0.30
C THR B 62 -43.50 -14.01 -1.65
N LYS B 63 -42.69 -14.29 -2.66
CA LYS B 63 -43.24 -14.66 -3.95
C LYS B 63 -44.11 -15.91 -3.84
N LYS B 64 -43.60 -16.95 -3.19
CA LYS B 64 -44.39 -18.16 -3.02
C LYS B 64 -45.71 -17.84 -2.32
N ALA B 65 -45.65 -17.13 -1.20
CA ALA B 65 -46.85 -16.83 -0.44
C ALA B 65 -47.87 -16.07 -1.28
N VAL B 66 -47.42 -15.01 -1.98
CA VAL B 66 -48.34 -14.16 -2.71
C VAL B 66 -48.95 -14.92 -3.88
N LYS B 67 -48.15 -15.72 -4.59
CA LYS B 67 -48.70 -16.50 -5.69
C LYS B 67 -49.73 -17.51 -5.18
N TYR B 68 -49.48 -18.10 -4.01
CA TYR B 68 -50.43 -19.06 -3.48
C TYR B 68 -51.73 -18.39 -3.03
N GLN B 69 -51.66 -17.14 -2.59
CA GLN B 69 -52.85 -16.42 -2.17
C GLN B 69 -53.70 -16.01 -3.38
N ASP C 20 42.27 5.31 7.01
CA ASP C 20 42.85 4.84 8.25
C ASP C 20 41.78 4.76 9.34
N GLN C 21 42.01 5.46 10.45
CA GLN C 21 40.99 5.50 11.49
C GLN C 21 39.74 6.23 11.00
N LEU C 22 39.91 7.24 10.14
CA LEU C 22 38.72 7.87 9.56
C LEU C 22 38.05 6.90 8.61
N ALA C 23 38.84 6.10 7.89
CA ALA C 23 38.28 5.02 7.09
C ALA C 23 37.60 3.99 7.97
N ASP C 24 38.00 3.87 9.24
CA ASP C 24 37.28 3.00 10.15
C ASP C 24 35.88 3.55 10.42
N GLU C 25 35.79 4.85 10.72
CA GLU C 25 34.48 5.48 10.79
C GLU C 25 33.67 5.19 9.54
N SER C 26 34.30 5.26 8.37
CA SER C 26 33.56 5.06 7.13
C SER C 26 33.11 3.61 6.98
N LEU C 27 33.96 2.66 7.38
CA LEU C 27 33.56 1.26 7.35
C LEU C 27 32.36 1.02 8.25
N GLU C 28 32.39 1.60 9.44
CA GLU C 28 31.23 1.48 10.32
C GLU C 28 30.00 2.09 9.68
N SER C 29 30.17 3.23 9.01
CA SER C 29 29.04 3.85 8.32
C SER C 29 28.47 2.91 7.28
N THR C 30 29.33 2.30 6.48
CA THR C 30 28.84 1.38 5.46
C THR C 30 28.10 0.22 6.10
N ARG C 31 28.59 -0.26 7.24
CA ARG C 31 27.91 -1.35 7.93
C ARG C 31 26.49 -0.94 8.34
N ARG C 32 26.35 0.26 8.90
CA ARG C 32 25.02 0.73 9.26
C ARG C 32 24.12 0.83 8.04
N MET C 33 24.64 1.38 6.95
CA MET C 33 23.87 1.45 5.72
C MET C 33 23.36 0.08 5.32
N LEU C 34 24.25 -0.92 5.35
CA LEU C 34 23.86 -2.25 4.91
C LEU C 34 22.73 -2.81 5.77
N GLN C 35 22.86 -2.67 7.08
CA GLN C 35 21.80 -3.16 7.97
C GLN C 35 20.48 -2.47 7.67
N LEU C 36 20.51 -1.15 7.51
CA LEU C 36 19.26 -0.42 7.26
C LEU C 36 18.59 -0.87 5.98
N VAL C 37 19.37 -1.04 4.91
CA VAL C 37 18.75 -1.43 3.64
C VAL C 37 18.15 -2.82 3.75
N GLU C 38 18.80 -3.72 4.47
CA GLU C 38 18.20 -5.05 4.64
C GLU C 38 16.86 -4.97 5.35
N GLU C 39 16.78 -4.17 6.42
CA GLU C 39 15.49 -4.05 7.11
C GLU C 39 14.42 -3.49 6.19
N SER C 40 14.76 -2.44 5.43
CA SER C 40 13.78 -1.87 4.51
C SER C 40 13.28 -2.93 3.53
N LYS C 41 14.19 -3.79 3.05
CA LYS C 41 13.76 -4.81 2.09
C LYS C 41 12.75 -5.76 2.72
N ASP C 42 12.99 -6.18 3.96
CA ASP C 42 12.01 -7.08 4.59
C ASP C 42 10.63 -6.40 4.69
N ALA C 43 10.62 -5.14 5.11
CA ALA C 43 9.34 -4.44 5.23
C ALA C 43 8.63 -4.39 3.88
N GLY C 44 9.37 -4.09 2.82
CA GLY C 44 8.75 -4.05 1.50
C GLY C 44 8.12 -5.38 1.11
N ILE C 45 8.84 -6.47 1.35
CA ILE C 45 8.30 -7.78 0.99
C ILE C 45 6.98 -8.04 1.72
N ARG C 46 6.97 -7.75 3.02
N ARG C 46 6.96 -7.76 3.02
CA ARG C 46 5.75 -8.02 3.80
CA ARG C 46 5.74 -8.04 3.77
C ARG C 46 4.58 -7.18 3.28
C ARG C 46 4.58 -7.18 3.28
N THR C 47 4.83 -5.92 2.96
CA THR C 47 3.77 -5.07 2.44
C THR C 47 3.21 -5.64 1.14
N LEU C 48 4.08 -6.13 0.27
CA LEU C 48 3.59 -6.72 -0.98
C LEU C 48 2.64 -7.88 -0.70
N VAL C 49 3.03 -8.79 0.19
CA VAL C 49 2.15 -9.92 0.46
C VAL C 49 0.80 -9.44 0.97
N MET C 50 0.82 -8.45 1.87
CA MET C 50 -0.44 -7.97 2.43
C MET C 50 -1.34 -7.41 1.32
N LEU C 51 -0.76 -6.65 0.39
CA LEU C 51 -1.57 -6.08 -0.67
C LEU C 51 -2.21 -7.15 -1.52
N ASP C 52 -1.49 -8.24 -1.81
CA ASP C 52 -2.10 -9.31 -2.60
C ASP C 52 -3.35 -9.86 -1.91
N GLU C 53 -3.23 -10.14 -0.61
CA GLU C 53 -4.39 -10.72 0.07
C GLU C 53 -5.58 -9.75 0.02
N GLN C 54 -5.33 -8.48 0.26
CA GLN C 54 -6.42 -7.50 0.20
C GLN C 54 -7.05 -7.48 -1.19
N GLY C 55 -6.23 -7.58 -2.24
CA GLY C 55 -6.79 -7.60 -3.57
C GLY C 55 -7.78 -8.73 -3.77
N GLU C 56 -7.45 -9.91 -3.26
CA GLU C 56 -8.38 -11.03 -3.40
C GLU C 56 -9.70 -10.73 -2.69
N GLN C 57 -9.63 -10.16 -1.48
CA GLN C 57 -10.88 -9.84 -0.78
C GLN C 57 -11.72 -8.83 -1.58
N LEU C 58 -11.07 -7.82 -2.14
CA LEU C 58 -11.79 -6.84 -2.95
C LEU C 58 -12.52 -7.53 -4.09
N GLU C 59 -11.84 -8.46 -4.76
CA GLU C 59 -12.47 -9.19 -5.86
C GLU C 59 -13.76 -9.87 -5.40
N ARG C 60 -13.69 -10.57 -4.27
CA ARG C 60 -14.88 -11.27 -3.79
C ARG C 60 -16.03 -10.30 -3.51
N ILE C 61 -15.73 -9.16 -2.87
CA ILE C 61 -16.80 -8.22 -2.56
C ILE C 61 -17.46 -7.74 -3.83
N GLU C 62 -16.66 -7.38 -4.84
CA GLU C 62 -17.24 -6.89 -6.08
C GLU C 62 -18.13 -7.94 -6.71
N GLU C 63 -17.68 -9.20 -6.72
CA GLU C 63 -18.49 -10.24 -7.34
C GLU C 63 -19.84 -10.37 -6.65
N GLY C 64 -19.86 -10.32 -5.32
CA GLY C 64 -21.14 -10.41 -4.61
C GLY C 64 -22.08 -9.25 -4.91
N MET C 65 -21.52 -8.04 -5.02
CA MET C 65 -22.36 -6.85 -5.19
C MET C 65 -23.28 -6.95 -6.40
N ASP C 66 -22.74 -7.30 -7.53
CA ASP C 66 -23.56 -7.34 -8.76
C ASP C 66 -24.74 -8.25 -8.43
N GLN C 67 -24.52 -9.50 -8.07
CA GLN C 67 -25.65 -10.41 -7.80
C GLN C 67 -26.64 -9.58 -7.00
N ILE C 68 -26.25 -9.04 -5.88
CA ILE C 68 -27.21 -8.34 -5.03
C ILE C 68 -28.05 -7.39 -5.86
N ASN C 69 -27.43 -6.55 -6.67
CA ASN C 69 -28.13 -5.50 -7.45
C ASN C 69 -29.23 -6.12 -8.28
N LYS C 70 -28.90 -7.08 -9.11
CA LYS C 70 -29.88 -7.73 -10.01
C LYS C 70 -30.95 -8.38 -9.14
N ASP C 71 -30.60 -9.24 -8.21
CA ASP C 71 -31.68 -9.87 -7.46
C ASP C 71 -32.67 -8.84 -6.95
N MET C 72 -32.25 -7.64 -6.59
CA MET C 72 -33.21 -6.68 -5.98
C MET C 72 -34.13 -6.15 -7.07
N LYS C 73 -33.60 -5.79 -8.23
CA LYS C 73 -34.42 -5.17 -9.29
C LYS C 73 -35.47 -6.15 -9.77
N GLU C 74 -35.19 -7.44 -9.82
CA GLU C 74 -36.23 -8.43 -10.20
C GLU C 74 -37.42 -8.28 -9.28
N ALA C 75 -37.21 -8.23 -7.97
CA ALA C 75 -38.33 -8.20 -7.00
C ALA C 75 -39.24 -7.01 -7.32
N GLU C 76 -38.66 -5.82 -7.46
CA GLU C 76 -39.47 -4.60 -7.74
C GLU C 76 -40.34 -4.93 -8.93
N LYS C 77 -39.74 -5.32 -10.03
CA LYS C 77 -40.49 -5.61 -11.27
C LYS C 77 -41.64 -6.57 -10.98
N ASN C 78 -41.38 -7.75 -10.43
CA ASN C 78 -42.46 -8.75 -10.26
C ASN C 78 -43.56 -8.17 -9.38
N LEU C 79 -43.24 -7.53 -8.26
CA LEU C 79 -44.31 -7.09 -7.33
C LEU C 79 -45.07 -5.89 -7.90
N THR C 80 -44.43 -5.06 -8.73
CA THR C 80 -45.09 -3.90 -9.37
C THR C 80 -46.03 -4.46 -10.45
N ASP C 81 -45.63 -5.52 -11.13
CA ASP C 81 -46.53 -6.15 -12.12
C ASP C 81 -47.71 -6.69 -11.32
N LEU C 82 -47.45 -7.24 -10.13
CA LEU C 82 -48.53 -7.81 -9.29
C LEU C 82 -49.49 -6.69 -8.88
N GLY C 83 -48.99 -5.48 -8.62
CA GLY C 83 -49.83 -4.35 -8.15
C GLY C 83 -50.18 -3.36 -9.26
N ALA D 2 46.19 -2.38 4.24
CA ALA D 2 46.27 -2.03 2.83
C ALA D 2 45.12 -2.65 2.04
N LEU D 3 45.46 -3.52 1.10
CA LEU D 3 44.45 -4.14 0.24
C LEU D 3 43.34 -4.83 1.01
N SER D 4 43.50 -5.06 2.31
CA SER D 4 42.43 -5.61 3.11
C SER D 4 41.25 -4.65 3.14
N GLU D 5 41.45 -3.48 3.76
CA GLU D 5 40.40 -2.46 3.78
C GLU D 5 40.03 -1.95 2.40
N ILE D 6 40.89 -2.14 1.39
CA ILE D 6 40.56 -1.65 0.05
C ILE D 6 39.50 -2.53 -0.60
N GLU D 7 39.79 -3.82 -0.73
CA GLU D 7 38.80 -4.72 -1.30
C GLU D 7 37.52 -4.73 -0.49
N THR D 8 37.58 -4.31 0.77
CA THR D 8 36.39 -4.33 1.62
C THR D 8 35.32 -3.36 1.10
N ARG D 9 35.70 -2.11 0.82
CA ARG D 9 34.74 -1.17 0.28
C ARG D 9 34.22 -1.63 -1.08
N HIS D 10 35.11 -2.12 -1.95
CA HIS D 10 34.68 -2.56 -3.25
C HIS D 10 33.65 -3.69 -3.15
N SER D 11 33.60 -4.37 -2.01
CA SER D 11 32.61 -5.41 -1.77
C SER D 11 31.53 -4.97 -0.82
N GLU D 12 31.70 -3.84 -0.13
CA GLU D 12 30.63 -3.22 0.64
C GLU D 12 29.81 -2.25 -0.18
N ILE D 13 30.12 -2.08 -1.46
CA ILE D 13 29.38 -1.20 -2.35
C ILE D 13 28.44 -1.98 -3.26
N ILE D 14 28.92 -3.07 -3.84
CA ILE D 14 28.11 -3.84 -4.76
C ILE D 14 26.88 -4.41 -4.07
N LYS D 15 27.03 -4.82 -2.81
CA LYS D 15 25.88 -5.32 -2.06
C LYS D 15 24.80 -4.24 -1.97
N LEU D 16 25.20 -3.01 -1.63
CA LEU D 16 24.23 -1.93 -1.56
C LEU D 16 23.58 -1.70 -2.92
N GLU D 17 24.37 -1.76 -3.99
CA GLU D 17 23.80 -1.54 -5.31
C GLU D 17 22.71 -2.56 -5.61
N ASN D 18 22.99 -3.83 -5.39
CA ASN D 18 22.02 -4.87 -5.68
C ASN D 18 20.77 -4.71 -4.83
N SER D 19 20.94 -4.46 -3.53
CA SER D 19 19.79 -4.32 -2.65
C SER D 19 18.91 -3.14 -3.11
N ILE D 20 19.54 -2.03 -3.45
CA ILE D 20 18.78 -0.86 -3.86
C ILE D 20 17.97 -1.15 -5.12
N ARG D 21 18.59 -1.82 -6.10
CA ARG D 21 17.83 -2.13 -7.31
C ARG D 21 16.64 -3.03 -7.02
N GLU D 22 16.83 -4.02 -6.13
CA GLU D 22 15.70 -4.88 -5.79
C GLU D 22 14.57 -4.08 -5.16
N LEU D 23 14.90 -3.16 -4.25
CA LEU D 23 13.87 -2.32 -3.66
C LEU D 23 13.11 -1.55 -4.74
N HIS D 24 13.85 -1.02 -5.70
CA HIS D 24 13.23 -0.29 -6.80
C HIS D 24 12.14 -1.12 -7.47
N ASP D 25 12.50 -2.35 -7.87
CA ASP D 25 11.54 -3.19 -8.57
C ASP D 25 10.32 -3.48 -7.70
N MET D 26 10.55 -3.79 -6.43
CA MET D 26 9.42 -4.09 -5.54
C MET D 26 8.45 -2.93 -5.51
N PHE D 27 8.96 -1.71 -5.37
CA PHE D 27 8.07 -0.56 -5.23
C PHE D 27 7.29 -0.31 -6.50
N MET D 28 7.91 -0.48 -7.67
CA MET D 28 7.15 -0.29 -8.90
C MET D 28 5.96 -1.24 -8.96
N ASP D 29 6.19 -2.52 -8.66
CA ASP D 29 5.06 -3.46 -8.71
C ASP D 29 3.99 -3.08 -7.70
N MET D 30 4.40 -2.69 -6.49
CA MET D 30 3.42 -2.31 -5.49
C MET D 30 2.54 -1.16 -5.98
N ALA D 31 3.15 -0.14 -6.59
CA ALA D 31 2.36 1.00 -7.04
C ALA D 31 1.33 0.58 -8.09
N MET D 32 1.74 -0.26 -9.05
CA MET D 32 0.77 -0.70 -10.04
C MET D 32 -0.42 -1.39 -9.38
N LEU D 33 -0.14 -2.30 -8.44
CA LEU D 33 -1.24 -3.02 -7.79
C LEU D 33 -2.17 -2.06 -7.08
N VAL D 34 -1.61 -1.09 -6.35
CA VAL D 34 -2.44 -0.17 -5.59
C VAL D 34 -3.38 0.59 -6.52
N GLU D 35 -2.87 1.03 -7.68
CA GLU D 35 -3.72 1.76 -8.62
C GLU D 35 -4.90 0.89 -9.08
N SER D 36 -4.62 -0.36 -9.45
CA SER D 36 -5.71 -1.21 -9.91
C SER D 36 -6.78 -1.38 -8.81
N GLN D 37 -6.34 -1.58 -7.57
CA GLN D 37 -7.30 -1.72 -6.49
C GLN D 37 -8.12 -0.46 -6.33
N GLY D 38 -7.51 0.70 -6.52
CA GLY D 38 -8.28 1.94 -6.44
C GLY D 38 -9.42 1.97 -7.42
N GLU D 39 -9.18 1.53 -8.65
CA GLU D 39 -10.27 1.58 -9.62
C GLU D 39 -11.37 0.59 -9.26
N MET D 40 -10.98 -0.59 -8.78
CA MET D 40 -12.00 -1.55 -8.35
C MET D 40 -12.87 -0.96 -7.25
N ILE D 41 -12.25 -0.29 -6.27
CA ILE D 41 -13.02 0.29 -5.18
C ILE D 41 -14.02 1.31 -5.71
N ASP D 42 -13.60 2.12 -6.69
CA ASP D 42 -14.54 3.08 -7.26
C ASP D 42 -15.79 2.38 -7.82
N ARG D 43 -15.57 1.31 -8.58
CA ARG D 43 -16.72 0.60 -9.13
C ARG D 43 -17.63 0.07 -8.02
N ILE D 44 -17.05 -0.50 -6.97
CA ILE D 44 -17.85 -1.04 -5.88
C ILE D 44 -18.72 0.05 -5.27
N GLU D 45 -18.14 1.22 -5.05
CA GLU D 45 -18.91 2.31 -4.44
C GLU D 45 -20.10 2.69 -5.31
N TYR D 46 -19.88 2.81 -6.61
CA TYR D 46 -20.99 3.16 -7.50
C TYR D 46 -22.12 2.14 -7.36
N ASN D 47 -21.78 0.86 -7.42
CA ASN D 47 -22.82 -0.16 -7.35
C ASN D 47 -23.57 -0.09 -6.03
N VAL D 48 -22.85 0.11 -4.92
CA VAL D 48 -23.50 0.16 -3.62
C VAL D 48 -24.52 1.29 -3.58
N GLU D 49 -24.12 2.47 -4.04
CA GLU D 49 -25.04 3.62 -3.97
C GLU D 49 -26.27 3.36 -4.82
N HIS D 50 -26.08 2.81 -6.01
CA HIS D 50 -27.22 2.49 -6.87
C HIS D 50 -28.19 1.55 -6.15
N ALA D 51 -27.65 0.47 -5.58
CA ALA D 51 -28.51 -0.52 -4.94
C ALA D 51 -29.26 0.06 -3.76
N VAL D 52 -28.59 0.85 -2.93
CA VAL D 52 -29.28 1.39 -1.75
C VAL D 52 -30.41 2.31 -2.18
N ASP D 53 -30.18 3.13 -3.21
CA ASP D 53 -31.23 4.07 -3.60
C ASP D 53 -32.43 3.33 -4.18
N TYR D 54 -32.18 2.31 -5.02
CA TYR D 54 -33.30 1.53 -5.54
C TYR D 54 -34.04 0.81 -4.42
N VAL D 55 -33.32 0.27 -3.44
CA VAL D 55 -33.99 -0.41 -2.33
C VAL D 55 -34.91 0.56 -1.61
N GLU D 56 -34.43 1.77 -1.34
CA GLU D 56 -35.28 2.74 -0.66
C GLU D 56 -36.52 3.06 -1.48
N ARG D 57 -36.35 3.25 -2.79
CA ARG D 57 -37.51 3.56 -3.62
C ARG D 57 -38.53 2.42 -3.57
N ALA D 58 -38.07 1.19 -3.75
CA ALA D 58 -39.00 0.05 -3.78
C ALA D 58 -39.68 -0.14 -2.44
N VAL D 59 -38.95 0.00 -1.33
CA VAL D 59 -39.55 -0.19 -0.03
C VAL D 59 -40.61 0.86 0.23
N SER D 60 -40.30 2.13 -0.07
CA SER D 60 -41.30 3.17 0.12
C SER D 60 -42.51 2.93 -0.78
N ASP D 61 -42.27 2.45 -2.01
CA ASP D 61 -43.36 2.21 -2.93
C ASP D 61 -44.30 1.14 -2.41
N THR D 62 -43.74 0.00 -1.99
CA THR D 62 -44.60 -1.06 -1.45
C THR D 62 -45.30 -0.59 -0.19
N LYS D 63 -44.60 0.18 0.65
CA LYS D 63 -45.21 0.66 1.88
C LYS D 63 -46.44 1.51 1.58
N LYS D 64 -46.31 2.51 0.70
CA LYS D 64 -47.46 3.36 0.41
C LYS D 64 -48.54 2.59 -0.33
N ALA D 65 -48.14 1.69 -1.24
CA ALA D 65 -49.12 0.94 -2.02
C ALA D 65 -49.98 0.07 -1.10
N VAL D 66 -49.37 -0.57 -0.11
CA VAL D 66 -50.15 -1.41 0.80
C VAL D 66 -50.82 -0.59 1.90
N LYS D 67 -50.34 0.62 2.15
CA LYS D 67 -51.05 1.52 3.06
C LYS D 67 -52.38 1.95 2.45
N TYR D 68 -52.35 2.36 1.18
CA TYR D 68 -53.60 2.63 0.47
C TYR D 68 -54.31 1.35 0.07
N GLN D 69 -53.59 0.23 -0.02
CA GLN D 69 -54.18 -1.06 -0.35
C GLN D 69 -55.01 -0.96 -1.63
N GLY E 1 -22.43 -14.12 -34.17
CA GLY E 1 -20.97 -14.12 -34.48
C GLY E 1 -20.36 -12.75 -34.38
N MET E 2 -19.03 -12.68 -34.55
CA MET E 2 -18.34 -11.40 -34.48
C MET E 2 -18.78 -10.43 -35.57
N ASP E 3 -19.40 -10.92 -36.63
CA ASP E 3 -19.83 -10.11 -37.76
C ASP E 3 -20.49 -8.82 -37.30
N THR E 4 -19.92 -7.68 -37.71
CA THR E 4 -20.51 -6.39 -37.35
C THR E 4 -21.72 -6.06 -38.19
N SER E 5 -21.74 -6.49 -39.45
CA SER E 5 -22.86 -6.14 -40.34
C SER E 5 -24.17 -6.69 -39.81
N GLY E 6 -24.20 -7.98 -39.46
CA GLY E 6 -25.42 -8.56 -38.94
C GLY E 6 -25.87 -7.93 -37.64
N LYS E 7 -24.92 -7.65 -36.75
CA LYS E 7 -25.29 -7.03 -35.48
C LYS E 7 -25.87 -5.64 -35.70
N GLN E 8 -25.26 -4.85 -36.57
CA GLN E 8 -25.79 -3.51 -36.84
C GLN E 8 -27.15 -3.58 -37.51
N ALA E 9 -27.34 -4.51 -38.44
CA ALA E 9 -28.63 -4.64 -39.10
C ALA E 9 -29.70 -5.03 -38.09
N GLU E 10 -29.38 -5.97 -37.19
CA GLU E 10 -30.34 -6.36 -36.17
C GLU E 10 -30.66 -5.19 -35.26
N ALA E 11 -29.64 -4.41 -34.89
CA ALA E 11 -29.88 -3.24 -34.05
C ALA E 11 -30.80 -2.26 -34.74
N MET E 12 -30.56 -2.00 -36.02
CA MET E 12 -31.40 -1.06 -36.77
C MET E 12 -32.82 -1.56 -36.87
N ALA E 13 -33.01 -2.85 -37.16
CA ALA E 13 -34.37 -3.38 -37.26
C ALA E 13 -35.08 -3.28 -35.92
N LEU E 14 -34.38 -3.61 -34.83
CA LEU E 14 -35.00 -3.54 -33.51
C LEU E 14 -35.33 -2.10 -33.13
N LEU E 15 -34.45 -1.16 -33.46
CA LEU E 15 -34.72 0.24 -33.17
C LEU E 15 -35.93 0.74 -33.94
N ALA E 16 -36.02 0.38 -35.23
CA ALA E 16 -37.18 0.77 -36.02
C ALA E 16 -38.46 0.15 -35.44
N GLU E 17 -38.38 -1.11 -35.02
CA GLU E 17 -39.53 -1.75 -34.39
C GLU E 17 -39.96 -0.98 -33.15
N ALA E 18 -39.00 -0.59 -32.32
CA ALA E 18 -39.33 0.17 -31.11
C ALA E 18 -39.95 1.51 -31.46
N GLU E 19 -39.41 2.18 -32.49
CA GLU E 19 -39.95 3.47 -32.89
C GLU E 19 -41.41 3.34 -33.32
N ARG E 20 -41.70 2.37 -34.18
CA ARG E 20 -43.07 2.20 -34.64
C ARG E 20 -43.97 1.76 -33.49
N LYS E 21 -43.45 0.95 -32.57
CA LYS E 21 -44.26 0.50 -31.44
C LYS E 21 -44.66 1.67 -30.56
N VAL E 22 -43.72 2.58 -30.28
CA VAL E 22 -44.05 3.74 -29.46
C VAL E 22 -44.99 4.67 -30.22
N LYS E 23 -44.80 4.80 -31.53
CA LYS E 23 -45.70 5.64 -32.32
C LYS E 23 -47.12 5.08 -32.29
N ASN E 24 -47.25 3.76 -32.37
CA ASN E 24 -48.56 3.13 -32.22
C ASN E 24 -49.12 3.40 -30.82
N SER E 25 -48.27 3.26 -29.79
CA SER E 25 -48.72 3.47 -28.42
C SER E 25 -49.28 4.87 -28.24
N GLN E 26 -48.64 5.88 -28.84
CA GLN E 26 -49.11 7.24 -28.70
C GLN E 26 -50.54 7.41 -29.22
N SER E 27 -50.99 6.51 -30.09
CA SER E 27 -52.35 6.57 -30.61
C SER E 27 -53.36 6.36 -29.49
N SER E 36 -48.73 4.20 -21.32
CA SER E 36 -48.03 4.03 -20.06
C SER E 36 -47.54 2.59 -19.92
N SER E 37 -48.46 1.64 -20.04
CA SER E 37 -48.08 0.23 -19.97
C SER E 37 -47.10 -0.12 -21.09
N LYS E 38 -47.38 0.35 -22.31
CA LYS E 38 -46.50 0.12 -23.44
C LYS E 38 -45.24 0.96 -23.39
N ILE E 39 -45.27 2.12 -22.72
CA ILE E 39 -44.09 2.95 -22.65
C ILE E 39 -42.96 2.22 -21.94
N GLU E 40 -43.29 1.37 -20.97
CA GLU E 40 -42.26 0.59 -20.30
C GLU E 40 -41.55 -0.32 -21.29
N GLU E 41 -42.31 -1.04 -22.11
CA GLU E 41 -41.71 -1.90 -23.12
C GLU E 41 -40.90 -1.07 -24.11
N ALA E 42 -41.37 0.13 -24.42
CA ALA E 42 -40.62 1.00 -25.32
C ALA E 42 -39.26 1.35 -24.70
N CYS E 43 -39.24 1.66 -23.41
CA CYS E 43 -37.98 1.96 -22.74
C CYS E 43 -37.05 0.77 -22.76
N GLU E 44 -37.57 -0.43 -22.46
CA GLU E 44 -36.70 -1.60 -22.41
C GLU E 44 -36.12 -1.90 -23.78
N ILE E 45 -36.95 -1.81 -24.83
CA ILE E 45 -36.47 -2.10 -26.16
C ILE E 45 -35.46 -1.04 -26.60
N TYR E 46 -35.66 0.22 -26.20
CA TYR E 46 -34.68 1.24 -26.50
C TYR E 46 -33.35 0.92 -25.84
N ALA E 47 -33.36 0.49 -24.58
CA ALA E 47 -32.12 0.16 -23.89
C ALA E 47 -31.43 -1.01 -24.58
N ARG E 48 -32.19 -2.03 -24.98
CA ARG E 48 -31.58 -3.16 -25.68
C ARG E 48 -30.95 -2.72 -27.00
N ALA E 49 -31.64 -1.84 -27.73
CA ALA E 49 -31.08 -1.31 -28.97
C ALA E 49 -29.78 -0.56 -28.69
N ALA E 50 -29.75 0.24 -27.64
CA ALA E 50 -28.56 1.00 -27.31
C ALA E 50 -27.39 0.08 -27.00
N ASN E 51 -27.64 -0.97 -26.20
CA ASN E 51 -26.56 -1.90 -25.88
C ASN E 51 -26.07 -2.61 -27.13
N MET E 52 -26.99 -3.00 -28.02
CA MET E 52 -26.57 -3.64 -29.26
C MET E 52 -25.71 -2.72 -30.09
N PHE E 53 -26.10 -1.45 -30.21
CA PHE E 53 -25.29 -0.49 -30.94
C PHE E 53 -23.92 -0.35 -30.31
N LYS E 54 -23.86 -0.26 -28.97
CA LYS E 54 -22.58 -0.13 -28.29
C LYS E 54 -21.68 -1.31 -28.63
N MET E 55 -22.23 -2.51 -28.65
CA MET E 55 -21.44 -3.66 -29.06
C MET E 55 -21.16 -3.66 -30.56
N ALA E 56 -21.86 -2.83 -31.33
CA ALA E 56 -21.65 -2.73 -32.77
C ALA E 56 -20.62 -1.68 -33.17
N LYS E 57 -20.05 -0.96 -32.20
CA LYS E 57 -19.03 0.07 -32.40
C LYS E 57 -19.59 1.38 -32.93
N ASN E 58 -20.89 1.50 -33.15
CA ASN E 58 -21.49 2.75 -33.62
C ASN E 58 -21.88 3.57 -32.39
N TRP E 59 -20.90 4.33 -31.87
CA TRP E 59 -21.11 5.02 -30.61
C TRP E 59 -22.18 6.11 -30.72
N SER E 60 -22.27 6.77 -31.87
CA SER E 60 -23.23 7.86 -32.03
C SER E 60 -24.65 7.37 -31.84
N ALA E 61 -25.02 6.29 -32.53
CA ALA E 61 -26.39 5.79 -32.40
C ALA E 61 -26.66 5.26 -31.00
N ALA E 62 -25.64 4.72 -30.33
CA ALA E 62 -25.82 4.29 -28.95
C ALA E 62 -26.14 5.47 -28.05
N GLY E 63 -25.40 6.57 -28.19
CA GLY E 63 -25.72 7.74 -27.41
C GLY E 63 -27.11 8.27 -27.71
N ASN E 64 -27.49 8.28 -28.98
CA ASN E 64 -28.82 8.77 -29.34
C ASN E 64 -29.91 7.90 -28.71
N ALA E 65 -29.76 6.59 -28.76
CA ALA E 65 -30.76 5.70 -28.17
C ALA E 65 -30.85 5.91 -26.66
N PHE E 66 -29.71 6.04 -26.00
CA PHE E 66 -29.74 6.29 -24.56
C PHE E 66 -30.44 7.61 -24.24
N CYS E 67 -30.20 8.63 -25.06
CA CYS E 67 -30.87 9.91 -24.84
C CYS E 67 -32.38 9.76 -25.00
N GLN E 68 -32.81 9.02 -26.02
CA GLN E 68 -34.25 8.81 -26.20
C GLN E 68 -34.85 8.08 -25.00
N ALA E 69 -34.14 7.07 -24.49
CA ALA E 69 -34.64 6.34 -23.32
C ALA E 69 -34.75 7.27 -22.12
N ALA E 70 -33.74 8.12 -21.91
CA ALA E 70 -33.80 9.09 -20.82
C ALA E 70 -35.01 9.99 -20.96
N GLN E 71 -35.26 10.49 -22.18
CA GLN E 71 -36.41 11.36 -22.39
C GLN E 71 -37.71 10.64 -22.08
N LEU E 72 -37.81 9.38 -22.49
CA LEU E 72 -39.01 8.60 -22.17
C LEU E 72 -39.17 8.44 -20.67
N HIS E 73 -38.07 8.23 -19.95
CA HIS E 73 -38.15 8.12 -18.49
C HIS E 73 -38.56 9.43 -17.83
N LEU E 74 -38.20 10.57 -18.42
CA LEU E 74 -38.51 11.85 -17.78
C LEU E 74 -40.01 12.10 -17.74
N GLN E 75 -40.71 11.89 -18.85
CA GLN E 75 -42.14 12.19 -18.88
C GLN E 75 -42.88 11.35 -17.86
N LEU E 76 -42.56 10.06 -17.77
CA LEU E 76 -43.04 9.25 -16.67
C LEU E 76 -42.41 9.73 -15.36
N GLN E 77 -43.09 9.49 -14.25
CA GLN E 77 -42.69 10.04 -12.96
C GLN E 77 -41.56 9.22 -12.32
N SER E 78 -40.42 9.22 -12.99
CA SER E 78 -39.20 8.64 -12.46
C SER E 78 -38.02 9.51 -12.84
N LYS E 79 -37.06 9.63 -11.92
CA LYS E 79 -35.92 10.52 -12.10
C LYS E 79 -34.59 9.77 -12.10
N HIS E 80 -34.35 8.91 -11.11
CA HIS E 80 -33.07 8.23 -10.99
C HIS E 80 -32.72 7.49 -12.28
N ASP E 81 -33.70 6.84 -12.89
CA ASP E 81 -33.45 6.15 -14.15
C ASP E 81 -33.07 7.14 -15.24
N ALA E 82 -33.69 8.32 -15.24
CA ALA E 82 -33.31 9.34 -16.20
C ALA E 82 -31.86 9.76 -16.00
N ALA E 83 -31.45 9.93 -14.75
CA ALA E 83 -30.07 10.31 -14.48
C ALA E 83 -29.10 9.23 -14.97
N THR E 84 -29.43 7.97 -14.70
CA THR E 84 -28.56 6.89 -15.14
C THR E 84 -28.45 6.86 -16.66
N CYS E 85 -29.57 7.04 -17.34
CA CYS E 85 -29.54 7.02 -18.80
C CYS E 85 -28.76 8.20 -19.35
N PHE E 86 -28.88 9.37 -18.71
CA PHE E 86 -28.12 10.53 -19.17
C PHE E 86 -26.62 10.29 -19.02
N VAL E 87 -26.19 9.74 -17.89
CA VAL E 87 -24.75 9.54 -17.71
C VAL E 87 -24.23 8.50 -18.70
N ASP E 88 -25.01 7.44 -18.95
CA ASP E 88 -24.59 6.46 -19.95
C ASP E 88 -24.51 7.09 -21.34
N ALA E 89 -25.47 7.95 -21.69
CA ALA E 89 -25.44 8.62 -22.98
C ALA E 89 -24.22 9.50 -23.09
N GLY E 90 -23.87 10.22 -22.02
CA GLY E 90 -22.68 11.06 -22.06
C GLY E 90 -21.42 10.24 -22.24
N ASN E 91 -21.28 9.15 -21.49
CA ASN E 91 -20.10 8.31 -21.65
C ASN E 91 -20.00 7.77 -23.07
N ALA E 92 -21.13 7.44 -23.69
CA ALA E 92 -21.10 6.96 -25.07
C ALA E 92 -20.68 8.07 -26.03
N PHE E 93 -21.32 9.25 -25.93
CA PHE E 93 -21.02 10.35 -26.83
C PHE E 93 -19.59 10.87 -26.66
N LYS E 94 -18.96 10.58 -25.53
CA LYS E 94 -17.65 11.18 -25.24
C LYS E 94 -16.69 11.03 -26.40
N LYS E 95 -16.72 9.88 -27.09
CA LYS E 95 -15.74 9.61 -28.12
C LYS E 95 -16.00 10.38 -29.41
N ALA E 96 -17.26 10.69 -29.72
CA ALA E 96 -17.61 11.31 -31.00
C ALA E 96 -17.87 12.81 -30.89
N ASP E 97 -18.81 13.20 -30.03
CA ASP E 97 -19.31 14.58 -29.97
C ASP E 97 -19.20 15.11 -28.55
N PRO E 98 -18.07 15.73 -28.20
CA PRO E 98 -17.89 16.18 -26.82
C PRO E 98 -18.98 17.12 -26.31
N GLN E 99 -19.52 17.99 -27.17
CA GLN E 99 -20.49 18.95 -26.69
C GLN E 99 -21.75 18.27 -26.13
N GLU E 100 -22.23 17.24 -26.83
CA GLU E 100 -23.40 16.52 -26.33
C GLU E 100 -23.07 15.77 -25.04
N ALA E 101 -21.84 15.27 -24.92
CA ALA E 101 -21.43 14.63 -23.68
C ALA E 101 -21.53 15.63 -22.53
N ILE E 102 -21.03 16.84 -22.74
CA ILE E 102 -21.09 17.86 -21.68
C ILE E 102 -22.54 18.19 -21.36
N ASN E 103 -23.39 18.29 -22.39
CA ASN E 103 -24.79 18.58 -22.13
C ASN E 103 -25.44 17.51 -21.25
N CYS E 104 -25.26 16.24 -21.62
CA CYS E 104 -25.86 15.16 -20.86
C CYS E 104 -25.33 15.14 -19.43
N LEU E 105 -24.02 15.28 -19.27
CA LEU E 105 -23.45 15.26 -17.93
C LEU E 105 -24.00 16.41 -17.09
N MET E 106 -24.17 17.58 -17.70
CA MET E 106 -24.72 18.71 -16.94
C MET E 106 -26.14 18.42 -16.49
N ARG E 107 -26.96 17.83 -17.36
CA ARG E 107 -28.32 17.52 -16.95
C ARG E 107 -28.33 16.51 -15.80
N ALA E 108 -27.49 15.48 -15.89
CA ALA E 108 -27.42 14.51 -14.82
C ALA E 108 -26.97 15.16 -13.51
N ILE E 109 -26.01 16.08 -13.59
CA ILE E 109 -25.54 16.77 -12.40
C ILE E 109 -26.67 17.57 -11.77
N GLU E 110 -27.45 18.26 -12.59
CA GLU E 110 -28.59 19.01 -12.06
C GLU E 110 -29.52 18.09 -11.31
N ILE E 111 -29.89 16.97 -11.92
CA ILE E 111 -30.83 16.05 -11.27
C ILE E 111 -30.26 15.54 -9.96
N TYR E 112 -29.00 15.11 -9.98
CA TYR E 112 -28.40 14.53 -8.78
C TYR E 112 -28.36 15.54 -7.64
N THR E 113 -27.83 16.73 -7.92
CA THR E 113 -27.74 17.73 -6.86
C THR E 113 -29.11 18.17 -6.38
N ASP E 114 -30.13 18.07 -7.24
CA ASP E 114 -31.48 18.38 -6.81
C ASP E 114 -32.01 17.31 -5.86
N MET E 115 -31.66 16.05 -6.11
CA MET E 115 -32.19 14.97 -5.28
C MET E 115 -31.60 15.02 -3.88
N GLY E 116 -30.33 15.40 -3.75
CA GLY E 116 -29.71 15.51 -2.45
C GLY E 116 -28.29 14.97 -2.39
N ARG E 117 -27.99 13.97 -3.21
CA ARG E 117 -26.65 13.40 -3.23
C ARG E 117 -25.66 14.39 -3.82
N PHE E 118 -24.47 14.49 -3.22
CA PHE E 118 -23.51 15.51 -3.59
C PHE E 118 -22.24 14.95 -4.19
N THR E 119 -21.59 13.98 -3.55
CA THR E 119 -20.30 13.50 -4.02
C THR E 119 -20.36 13.08 -5.49
N ILE E 120 -21.47 12.47 -5.91
CA ILE E 120 -21.60 12.06 -7.30
C ILE E 120 -21.52 13.27 -8.21
N ALA E 121 -22.15 14.38 -7.80
CA ALA E 121 -22.04 15.61 -8.58
C ALA E 121 -20.59 16.05 -8.69
N ALA E 122 -19.82 15.89 -7.61
CA ALA E 122 -18.41 16.25 -7.66
C ALA E 122 -17.67 15.41 -8.68
N LYS E 123 -17.94 14.10 -8.71
CA LYS E 123 -17.25 13.24 -9.67
C LYS E 123 -17.59 13.66 -11.10
N HIS E 124 -18.86 13.94 -11.37
CA HIS E 124 -19.24 14.32 -12.73
C HIS E 124 -18.62 15.67 -13.11
N HIS E 125 -18.54 16.59 -12.15
CA HIS E 125 -17.86 17.86 -12.43
C HIS E 125 -16.39 17.64 -12.77
N ILE E 126 -15.72 16.74 -12.05
CA ILE E 126 -14.33 16.45 -12.37
C ILE E 126 -14.22 15.92 -13.79
N SER E 127 -15.14 15.01 -14.17
CA SER E 127 -15.10 14.48 -15.53
C SER E 127 -15.29 15.57 -16.58
N ILE E 128 -16.25 16.47 -16.33
CA ILE E 128 -16.49 17.56 -17.28
C ILE E 128 -15.23 18.41 -17.42
N ALA E 129 -14.58 18.73 -16.30
CA ALA E 129 -13.37 19.53 -16.38
C ALA E 129 -12.27 18.80 -17.16
N GLU E 130 -12.14 17.49 -16.94
CA GLU E 130 -11.12 16.73 -17.66
C GLU E 130 -11.35 16.81 -19.16
N ILE E 131 -12.60 16.64 -19.60
CA ILE E 131 -12.86 16.69 -21.03
C ILE E 131 -12.62 18.10 -21.56
N TYR E 132 -12.97 19.12 -20.78
CA TYR E 132 -12.72 20.49 -21.21
C TYR E 132 -11.24 20.72 -21.45
N GLU E 133 -10.40 20.25 -20.54
CA GLU E 133 -8.97 20.52 -20.67
C GLU E 133 -8.36 19.69 -21.80
N THR E 134 -8.80 18.44 -21.96
CA THR E 134 -8.14 17.58 -22.94
C THR E 134 -8.58 17.88 -24.38
N GLU E 135 -9.82 18.30 -24.61
CA GLU E 135 -10.32 18.47 -25.99
C GLU E 135 -10.40 19.93 -26.42
N LEU E 136 -11.18 20.74 -25.72
CA LEU E 136 -11.47 22.10 -26.16
C LEU E 136 -10.52 23.14 -25.57
N VAL E 137 -9.55 22.72 -24.76
CA VAL E 137 -8.53 23.60 -24.20
C VAL E 137 -9.11 24.96 -23.82
N ASP E 138 -10.16 24.97 -23.00
CA ASP E 138 -10.71 26.19 -22.43
C ASP E 138 -10.41 26.16 -20.94
N VAL E 139 -9.33 26.84 -20.54
CA VAL E 139 -8.80 26.68 -19.20
C VAL E 139 -9.75 27.28 -18.16
N GLU E 140 -10.39 28.41 -18.48
CA GLU E 140 -11.19 29.09 -17.47
C GLU E 140 -12.35 28.22 -17.01
N LYS E 141 -13.03 27.55 -17.94
CA LYS E 141 -14.13 26.68 -17.56
C LYS E 141 -13.63 25.50 -16.73
N ALA E 142 -12.45 24.98 -17.07
CA ALA E 142 -11.87 23.91 -16.25
C ALA E 142 -11.63 24.39 -14.83
N ILE E 143 -11.12 25.61 -14.68
CA ILE E 143 -10.92 26.16 -13.34
C ILE E 143 -12.26 26.27 -12.61
N ALA E 144 -13.29 26.74 -13.29
CA ALA E 144 -14.59 26.89 -12.64
C ALA E 144 -15.11 25.54 -12.15
N HIS E 145 -15.05 24.53 -13.00
CA HIS E 145 -15.57 23.22 -12.61
C HIS E 145 -14.75 22.62 -11.46
N TYR E 146 -13.44 22.76 -11.51
CA TYR E 146 -12.61 22.24 -10.43
C TYR E 146 -12.96 22.94 -9.11
N GLU E 147 -13.17 24.25 -9.15
CA GLU E 147 -13.52 24.96 -7.92
C GLU E 147 -14.86 24.47 -7.37
N GLN E 148 -15.83 24.23 -8.25
CA GLN E 148 -17.12 23.75 -7.78
C GLN E 148 -17.00 22.37 -7.13
N SER E 149 -16.23 21.48 -7.75
CA SER E 149 -16.03 20.16 -7.17
C SER E 149 -15.35 20.25 -5.81
N ALA E 150 -14.33 21.10 -5.70
CA ALA E 150 -13.65 21.26 -4.42
C ALA E 150 -14.62 21.77 -3.37
N ASP E 151 -15.49 22.70 -3.74
CA ASP E 151 -16.45 23.23 -2.78
C ASP E 151 -17.35 22.12 -2.26
N TYR E 152 -17.88 21.28 -3.15
CA TYR E 152 -18.75 20.20 -2.69
C TYR E 152 -17.99 19.25 -1.76
N TYR E 153 -16.80 18.83 -2.18
CA TYR E 153 -16.05 17.86 -1.37
C TYR E 153 -15.76 18.42 0.02
N LYS E 154 -15.32 19.67 0.09
CA LYS E 154 -15.05 20.28 1.38
C LYS E 154 -16.31 20.44 2.20
N GLY E 155 -17.46 20.64 1.54
CA GLY E 155 -18.71 20.70 2.27
C GLY E 155 -19.14 19.37 2.83
N GLU E 156 -18.64 18.27 2.29
CA GLU E 156 -18.96 16.94 2.80
C GLU E 156 -17.85 16.35 3.68
N GLU E 157 -16.97 17.19 4.21
CA GLU E 157 -15.93 16.82 5.17
C GLU E 157 -14.83 15.97 4.58
N SER E 158 -14.85 15.67 3.28
CA SER E 158 -13.80 14.90 2.64
C SER E 158 -12.66 15.85 2.28
N ASN E 159 -11.52 15.68 2.93
CA ASN E 159 -10.43 16.65 2.79
C ASN E 159 -9.49 16.33 1.64
N SER E 160 -9.11 15.07 1.46
CA SER E 160 -8.08 14.75 0.49
C SER E 160 -8.51 15.10 -0.94
N SER E 161 -9.75 14.79 -1.29
CA SER E 161 -10.23 15.12 -2.62
C SER E 161 -10.27 16.62 -2.84
N ALA E 162 -10.72 17.37 -1.84
CA ALA E 162 -10.72 18.82 -1.95
C ALA E 162 -9.30 19.34 -2.14
N ASN E 163 -8.33 18.76 -1.43
CA ASN E 163 -6.95 19.19 -1.60
C ASN E 163 -6.46 18.93 -3.01
N LYS E 164 -6.79 17.77 -3.57
CA LYS E 164 -6.35 17.47 -4.93
C LYS E 164 -6.93 18.46 -5.93
N CYS E 165 -8.23 18.73 -5.83
CA CYS E 165 -8.84 19.68 -6.75
C CYS E 165 -8.24 21.08 -6.58
N LEU E 166 -8.02 21.50 -5.34
CA LEU E 166 -7.43 22.81 -5.11
C LEU E 166 -6.05 22.89 -5.72
N LEU E 167 -5.25 21.83 -5.58
CA LEU E 167 -3.91 21.86 -6.18
C LEU E 167 -4.00 22.03 -7.70
N LYS E 168 -4.91 21.31 -8.34
CA LYS E 168 -5.03 21.45 -9.80
C LYS E 168 -5.43 22.87 -10.19
N VAL E 169 -6.44 23.42 -9.53
CA VAL E 169 -6.89 24.76 -9.91
C VAL E 169 -5.79 25.78 -9.65
N ALA E 170 -5.04 25.61 -8.57
CA ALA E 170 -3.93 26.53 -8.29
C ALA E 170 -2.88 26.45 -9.37
N GLY E 171 -2.56 25.24 -9.82
CA GLY E 171 -1.58 25.11 -10.88
C GLY E 171 -1.99 25.85 -12.14
N TYR E 172 -3.24 25.67 -12.56
CA TYR E 172 -3.69 26.38 -13.75
C TYR E 172 -3.73 27.90 -13.53
N ALA E 173 -4.15 28.34 -12.35
CA ALA E 173 -4.20 29.77 -12.08
C ALA E 173 -2.81 30.38 -12.18
N ALA E 174 -1.80 29.71 -11.62
CA ALA E 174 -0.44 30.19 -11.80
C ALA E 174 -0.05 30.18 -13.27
N GLN E 175 -0.48 29.17 -14.00
CA GLN E 175 -0.20 29.14 -15.43
C GLN E 175 -0.75 30.36 -16.14
N LEU E 176 -1.87 30.91 -15.68
CA LEU E 176 -2.53 32.02 -16.34
C LEU E 176 -2.16 33.38 -15.75
N GLU E 177 -1.00 33.47 -15.12
CA GLU E 177 -0.46 34.74 -14.64
C GLU E 177 -1.32 35.39 -13.56
N GLN E 178 -2.21 34.63 -12.92
CA GLN E 178 -2.98 35.11 -11.77
C GLN E 178 -2.27 34.62 -10.51
N TYR E 179 -1.17 35.27 -10.17
CA TYR E 179 -0.27 34.72 -9.15
C TYR E 179 -0.92 34.71 -7.77
N GLN E 180 -1.54 35.82 -7.38
CA GLN E 180 -2.03 35.91 -6.01
C GLN E 180 -2.92 34.72 -5.67
N LYS E 181 -3.86 34.40 -6.56
CA LYS E 181 -4.78 33.29 -6.28
C LYS E 181 -4.02 32.02 -5.96
N ALA E 182 -2.98 31.71 -6.75
CA ALA E 182 -2.26 30.48 -6.50
C ALA E 182 -1.60 30.47 -5.14
N ILE E 183 -1.06 31.61 -4.70
CA ILE E 183 -0.19 31.58 -3.53
C ILE E 183 -0.99 31.17 -2.31
N ASP E 184 -2.15 31.79 -2.11
CA ASP E 184 -2.95 31.43 -0.95
C ASP E 184 -3.21 29.93 -0.94
N ILE E 185 -3.58 29.38 -2.10
CA ILE E 185 -3.96 27.97 -2.11
C ILE E 185 -2.81 27.14 -1.59
N TYR E 186 -1.61 27.39 -2.11
CA TYR E 186 -0.48 26.58 -1.68
C TYR E 186 -0.27 26.70 -0.19
N GLU E 187 -0.25 27.93 0.33
CA GLU E 187 -0.01 28.07 1.75
C GLU E 187 -1.02 27.26 2.54
N GLN E 188 -2.29 27.34 2.17
CA GLN E 188 -3.28 26.60 2.93
C GLN E 188 -2.88 25.14 3.03
N VAL E 189 -2.63 24.51 1.88
CA VAL E 189 -2.35 23.08 1.90
C VAL E 189 -1.11 22.82 2.73
N GLY E 190 -0.12 23.71 2.62
CA GLY E 190 1.10 23.48 3.36
C GLY E 190 0.84 23.38 4.83
N THR E 191 0.07 24.32 5.38
CA THR E 191 -0.20 24.27 6.81
C THR E 191 -0.89 22.97 7.16
N SER E 192 -1.86 22.54 6.35
CA SER E 192 -2.54 21.29 6.65
C SER E 192 -1.54 20.14 6.64
N ALA E 193 -0.66 20.11 5.63
CA ALA E 193 0.32 19.04 5.58
C ALA E 193 1.30 19.10 6.73
N MET E 194 1.47 20.28 7.34
CA MET E 194 2.34 20.36 8.50
C MET E 194 1.76 19.62 9.69
N ASP E 195 0.43 19.56 9.80
CA ASP E 195 -0.24 18.98 10.96
C ASP E 195 -0.69 17.54 10.71
N SER E 196 0.09 16.77 9.97
CA SER E 196 -0.27 15.39 9.70
C SER E 196 0.93 14.49 9.95
N PRO E 197 0.71 13.27 10.43
CA PRO E 197 1.83 12.35 10.65
C PRO E 197 2.48 11.88 9.36
N LEU E 198 1.68 11.65 8.31
CA LEU E 198 2.18 11.03 7.08
C LEU E 198 2.64 12.07 6.06
N LEU E 199 1.75 12.99 5.69
CA LEU E 199 2.04 13.94 4.62
C LEU E 199 3.16 14.91 5.00
N LYS E 200 3.53 14.97 6.27
CA LYS E 200 4.58 15.86 6.76
C LYS E 200 5.77 15.94 5.80
N TYR E 201 6.20 14.81 5.25
CA TYR E 201 7.44 14.78 4.50
C TYR E 201 7.33 15.57 3.21
N SER E 202 6.17 15.53 2.55
CA SER E 202 5.97 16.25 1.30
C SER E 202 5.73 17.74 1.52
N ALA E 203 5.40 18.16 2.74
CA ALA E 203 4.93 19.51 2.96
C ALA E 203 5.91 20.58 2.49
N LYS E 204 7.21 20.28 2.43
CA LYS E 204 8.14 21.30 1.95
C LYS E 204 7.80 21.69 0.52
N ASP E 205 7.51 20.71 -0.33
CA ASP E 205 7.35 20.97 -1.75
C ASP E 205 6.37 22.11 -1.98
N TYR E 206 5.18 22.02 -1.39
CA TYR E 206 4.20 23.07 -1.58
C TYR E 206 4.79 24.43 -1.26
N PHE E 207 5.38 24.57 -0.07
CA PHE E 207 6.00 25.83 0.29
C PHE E 207 6.92 26.31 -0.83
N PHE E 208 7.78 25.41 -1.33
CA PHE E 208 8.72 25.82 -2.37
C PHE E 208 7.98 26.48 -3.52
N LYS E 209 6.94 25.83 -4.04
CA LYS E 209 6.24 26.40 -5.18
C LYS E 209 5.74 27.80 -4.83
N ALA E 210 5.13 27.96 -3.65
CA ALA E 210 4.63 29.27 -3.27
C ALA E 210 5.72 30.32 -3.39
N ALA E 211 6.91 30.00 -2.89
CA ALA E 211 7.99 30.97 -2.94
C ALA E 211 8.23 31.45 -4.36
N LEU E 212 8.27 30.52 -5.31
CA LEU E 212 8.53 30.91 -6.69
C LEU E 212 7.51 31.92 -7.17
N CYS E 213 6.25 31.73 -6.83
CA CYS E 213 5.25 32.69 -7.28
C CYS E 213 5.57 34.07 -6.76
N HIS E 214 5.94 34.18 -5.48
CA HIS E 214 6.33 35.48 -4.96
C HIS E 214 7.46 36.07 -5.78
N PHE E 215 8.45 35.24 -6.14
CA PHE E 215 9.59 35.74 -6.89
C PHE E 215 9.16 36.35 -8.21
N CYS E 216 8.05 35.88 -8.79
CA CYS E 216 7.59 36.45 -10.04
C CYS E 216 7.16 37.90 -9.84
N ILE E 217 6.55 38.22 -8.70
CA ILE E 217 6.12 39.59 -8.44
C ILE E 217 7.34 40.47 -8.16
N ASP E 218 7.97 40.26 -7.01
CA ASP E 218 9.15 41.01 -6.62
C ASP E 218 10.09 40.10 -5.83
N MET E 219 11.38 40.46 -5.83
CA MET E 219 12.36 39.64 -5.14
C MET E 219 12.37 39.87 -3.64
N LEU E 220 11.88 41.02 -3.18
CA LEU E 220 11.85 41.30 -1.75
C LEU E 220 10.65 40.66 -1.08
N ASN E 221 9.50 40.65 -1.76
CA ASN E 221 8.40 39.81 -1.29
C ASN E 221 8.84 38.37 -1.15
N ALA E 222 9.64 37.88 -2.11
CA ALA E 222 10.11 36.51 -2.04
C ALA E 222 10.99 36.30 -0.83
N LYS E 223 11.92 37.23 -0.57
CA LYS E 223 12.78 37.07 0.59
C LYS E 223 11.98 37.06 1.89
N LEU E 224 11.02 37.99 2.02
CA LEU E 224 10.21 38.03 3.23
C LEU E 224 9.40 36.75 3.40
N ALA E 225 8.83 36.24 2.30
CA ALA E 225 8.07 35.01 2.38
C ALA E 225 8.96 33.84 2.80
N VAL E 226 10.19 33.80 2.28
CA VAL E 226 11.11 32.74 2.67
C VAL E 226 11.38 32.81 4.16
N GLN E 227 11.59 34.01 4.69
CA GLN E 227 11.80 34.14 6.13
C GLN E 227 10.58 33.66 6.90
N LYS E 228 9.38 34.02 6.43
CA LYS E 228 8.16 33.62 7.13
C LYS E 228 8.03 32.10 7.18
N TYR E 229 8.27 31.44 6.05
CA TYR E 229 8.22 29.98 6.03
C TYR E 229 9.30 29.38 6.91
N GLU E 230 10.49 30.00 6.93
CA GLU E 230 11.57 29.50 7.77
C GLU E 230 11.17 29.50 9.24
N GLU E 231 10.65 30.62 9.73
CA GLU E 231 10.28 30.69 11.13
C GLU E 231 9.05 29.84 11.44
N LEU E 232 8.10 29.78 10.51
CA LEU E 232 6.91 28.95 10.74
C LEU E 232 7.25 27.47 10.71
N PHE E 233 8.14 27.06 9.81
CA PHE E 233 8.47 25.66 9.60
C PHE E 233 9.98 25.52 9.59
N PRO E 234 10.61 25.00 10.64
CA PRO E 234 12.08 24.96 10.66
C PRO E 234 12.68 23.85 9.83
N ALA E 235 11.97 22.75 9.63
CA ALA E 235 12.51 21.66 8.81
C ALA E 235 12.77 22.11 7.38
N PHE E 236 12.08 23.15 6.93
CA PHE E 236 12.30 23.67 5.58
C PHE E 236 13.73 24.19 5.42
N SER E 237 14.42 24.48 6.51
CA SER E 237 15.74 25.12 6.39
C SER E 237 16.78 24.17 5.82
N ASP E 238 16.73 22.89 6.21
CA ASP E 238 17.78 21.96 5.79
C ASP E 238 17.66 21.58 4.32
N SER E 239 16.45 21.58 3.77
CA SER E 239 16.22 20.97 2.47
C SER E 239 16.94 21.75 1.37
N ARG E 240 17.09 21.10 0.22
CA ARG E 240 17.80 21.72 -0.89
C ARG E 240 17.09 22.97 -1.36
N GLU E 241 15.76 22.93 -1.46
CA GLU E 241 15.03 24.02 -2.10
C GLU E 241 15.34 25.35 -1.43
N CYS E 242 15.47 25.37 -0.10
CA CYS E 242 15.79 26.61 0.59
C CYS E 242 17.15 27.13 0.17
N LYS E 243 18.15 26.24 0.07
CA LYS E 243 19.47 26.66 -0.36
C LYS E 243 19.44 27.21 -1.78
N LEU E 244 18.72 26.53 -2.67
CA LEU E 244 18.61 27.00 -4.03
C LEU E 244 17.96 28.38 -4.08
N MET E 245 16.92 28.57 -3.26
CA MET E 245 16.23 29.85 -3.28
C MET E 245 17.12 30.97 -2.78
N LYS E 246 17.87 30.71 -1.70
CA LYS E 246 18.76 31.74 -1.18
C LYS E 246 19.85 32.09 -2.19
N LYS E 247 20.43 31.07 -2.83
CA LYS E 247 21.49 31.34 -3.81
C LYS E 247 20.94 32.11 -5.01
N LEU E 248 19.77 31.73 -5.50
CA LEU E 248 19.18 32.46 -6.62
C LEU E 248 18.87 33.89 -6.23
N LEU E 249 18.37 34.09 -5.01
CA LEU E 249 18.05 35.43 -4.54
C LEU E 249 19.30 36.30 -4.50
N GLU E 250 20.40 35.75 -3.98
CA GLU E 250 21.65 36.50 -3.95
C GLU E 250 22.12 36.82 -5.37
N ALA E 251 22.07 35.85 -6.28
CA ALA E 251 22.53 36.09 -7.63
C ALA E 251 21.69 37.17 -8.31
N HIS E 252 20.39 37.14 -8.10
CA HIS E 252 19.53 38.19 -8.64
C HIS E 252 19.91 39.54 -8.07
N GLU E 253 20.18 39.59 -6.77
CA GLU E 253 20.55 40.86 -6.16
C GLU E 253 21.83 41.41 -6.77
N GLU E 254 22.81 40.55 -7.04
CA GLU E 254 24.10 41.00 -7.54
C GLU E 254 24.16 41.20 -9.05
N GLN E 255 23.14 40.74 -9.78
CA GLN E 255 22.96 40.95 -11.22
C GLN E 255 23.84 40.05 -12.08
N ASN E 256 24.51 39.05 -11.50
CA ASN E 256 25.43 38.22 -12.28
C ASN E 256 24.62 37.04 -12.83
N VAL E 257 23.98 37.28 -13.95
CA VAL E 257 23.16 36.29 -14.64
C VAL E 257 23.87 34.94 -14.70
N ASP E 258 25.20 34.98 -14.86
CA ASP E 258 25.95 33.74 -15.06
C ASP E 258 25.83 32.82 -13.85
N SER E 259 25.91 33.36 -12.63
CA SER E 259 25.78 32.51 -11.46
C SER E 259 24.39 31.88 -11.41
N TYR E 260 23.35 32.66 -11.73
CA TYR E 260 22.01 32.11 -11.74
C TYR E 260 21.91 30.95 -12.72
N THR E 261 22.39 31.16 -13.94
CA THR E 261 22.31 30.11 -14.94
C THR E 261 23.09 28.87 -14.50
N GLU E 262 24.30 29.07 -13.99
CA GLU E 262 25.12 27.93 -13.59
C GLU E 262 24.48 27.16 -12.45
N SER E 263 23.96 27.87 -11.45
CA SER E 263 23.35 27.19 -10.32
C SER E 263 22.13 26.39 -10.76
N VAL E 264 21.26 26.99 -11.56
CA VAL E 264 20.09 26.28 -12.04
C VAL E 264 20.52 25.07 -12.87
N LYS E 265 21.57 25.23 -13.68
CA LYS E 265 22.04 24.12 -14.50
C LYS E 265 22.54 22.97 -13.65
N GLU E 266 23.28 23.27 -12.58
CA GLU E 266 23.74 22.21 -11.69
C GLU E 266 22.57 21.50 -11.04
N TYR E 267 21.60 22.27 -10.53
CA TYR E 267 20.46 21.66 -9.86
C TYR E 267 19.67 20.79 -10.83
N ASP E 268 19.55 21.23 -12.09
CA ASP E 268 18.91 20.41 -13.10
C ASP E 268 19.71 19.14 -13.37
N SER E 269 21.04 19.25 -13.42
CA SER E 269 21.85 18.08 -13.68
C SER E 269 21.64 17.03 -12.61
N ILE E 270 21.57 17.45 -11.35
CA ILE E 270 21.34 16.49 -10.27
C ILE E 270 19.99 15.79 -10.47
N SER E 271 18.96 16.55 -10.82
CA SER E 271 17.64 15.98 -11.04
C SER E 271 16.90 16.79 -12.10
N ARG E 272 16.04 16.11 -12.84
N ARG E 272 16.05 16.12 -12.87
CA ARG E 272 15.26 16.77 -13.88
CA ARG E 272 15.27 16.78 -13.89
C ARG E 272 14.09 17.53 -13.27
C ARG E 272 14.12 17.56 -13.25
N LEU E 273 13.51 18.43 -14.06
CA LEU E 273 12.40 19.26 -13.61
C LEU E 273 11.24 19.13 -14.58
N ASP E 274 10.04 19.41 -14.07
CA ASP E 274 8.85 19.39 -14.88
C ASP E 274 8.72 20.69 -15.68
N GLN E 275 7.86 20.65 -16.70
CA GLN E 275 7.66 21.84 -17.53
C GLN E 275 7.33 23.06 -16.68
N TRP E 276 6.54 22.87 -15.63
CA TRP E 276 6.14 23.98 -14.78
C TRP E 276 7.35 24.68 -14.18
N LEU E 277 8.24 23.91 -13.55
CA LEU E 277 9.40 24.51 -12.91
C LEU E 277 10.29 25.20 -13.93
N THR E 278 10.52 24.55 -15.07
CA THR E 278 11.41 25.14 -16.08
C THR E 278 10.84 26.45 -16.60
N THR E 279 9.54 26.49 -16.91
CA THR E 279 8.99 27.73 -17.43
C THR E 279 9.02 28.83 -16.39
N MET E 280 8.75 28.51 -15.13
CA MET E 280 8.81 29.55 -14.11
C MET E 280 10.24 30.08 -13.93
N LEU E 281 11.22 29.19 -13.90
CA LEU E 281 12.59 29.64 -13.78
C LEU E 281 12.99 30.49 -14.97
N LEU E 282 12.50 30.13 -16.16
CA LEU E 282 12.80 30.95 -17.35
C LEU E 282 12.19 32.34 -17.23
N ARG E 283 10.96 32.44 -16.71
CA ARG E 283 10.36 33.76 -16.53
C ARG E 283 11.20 34.60 -15.58
N ILE E 284 11.64 34.01 -14.47
CA ILE E 284 12.46 34.76 -13.52
C ILE E 284 13.77 35.18 -14.17
N LYS E 285 14.39 34.28 -14.92
CA LYS E 285 15.61 34.59 -15.64
C LYS E 285 15.42 35.79 -16.55
N LYS E 286 14.33 35.79 -17.32
CA LYS E 286 14.08 36.90 -18.23
C LYS E 286 13.90 38.20 -17.47
N THR E 287 13.21 38.15 -16.33
CA THR E 287 13.07 39.34 -15.52
C THR E 287 14.42 39.88 -15.08
N ILE E 288 15.30 38.99 -14.59
CA ILE E 288 16.57 39.45 -14.02
C ILE E 288 17.49 39.98 -15.11
N GLN E 289 17.51 39.32 -16.27
CA GLN E 289 18.44 39.71 -17.32
C GLN E 289 18.28 41.18 -17.68
N GLY E 290 17.05 41.68 -17.66
CA GLY E 290 16.83 43.09 -17.93
C GLY E 290 17.54 43.99 -16.94
N ASP E 291 17.63 43.55 -15.68
CA ASP E 291 18.34 44.35 -14.68
C ASP E 291 19.79 44.54 -15.07
N GLU E 292 20.46 43.47 -15.52
CA GLU E 292 21.86 43.55 -15.89
C GLU E 292 22.03 44.30 -17.21
N GLY F 1 -14.32 -36.37 11.53
CA GLY F 1 -14.44 -37.35 10.42
C GLY F 1 -15.29 -36.82 9.27
N MET F 2 -14.75 -36.93 8.05
CA MET F 2 -15.39 -36.42 6.84
C MET F 2 -15.35 -37.46 5.73
N ASP F 3 -15.47 -38.74 6.07
CA ASP F 3 -15.34 -39.80 5.09
C ASP F 3 -16.35 -39.63 3.97
N THR F 4 -15.94 -39.99 2.76
CA THR F 4 -16.74 -39.77 1.57
C THR F 4 -17.77 -40.85 1.33
N SER F 5 -17.81 -41.90 2.16
CA SER F 5 -18.77 -42.97 1.95
C SER F 5 -20.19 -42.46 2.12
N GLY F 6 -20.52 -41.95 3.30
CA GLY F 6 -21.85 -41.43 3.54
C GLY F 6 -22.18 -40.24 2.66
N LYS F 7 -21.17 -39.40 2.38
CA LYS F 7 -21.40 -38.24 1.53
C LYS F 7 -21.81 -38.68 0.12
N GLN F 8 -21.10 -39.65 -0.44
CA GLN F 8 -21.45 -40.18 -1.75
C GLN F 8 -22.81 -40.86 -1.71
N ALA F 9 -23.09 -41.64 -0.66
CA ALA F 9 -24.39 -42.30 -0.57
C ALA F 9 -25.52 -41.29 -0.59
N GLU F 10 -25.41 -40.25 0.24
CA GLU F 10 -26.45 -39.22 0.28
C GLU F 10 -26.57 -38.54 -1.07
N ALA F 11 -25.45 -38.21 -1.70
CA ALA F 11 -25.50 -37.53 -2.98
C ALA F 11 -26.21 -38.37 -4.03
N MET F 12 -25.87 -39.66 -4.10
CA MET F 12 -26.53 -40.53 -5.07
C MET F 12 -28.02 -40.65 -4.77
N ALA F 13 -28.39 -40.77 -3.50
CA ALA F 13 -29.80 -40.88 -3.14
C ALA F 13 -30.56 -39.64 -3.59
N LEU F 14 -29.98 -38.46 -3.33
CA LEU F 14 -30.64 -37.22 -3.73
C LEU F 14 -30.76 -37.12 -5.23
N LEU F 15 -29.70 -37.50 -5.96
CA LEU F 15 -29.77 -37.45 -7.41
C LEU F 15 -30.86 -38.39 -7.93
N ALA F 16 -30.93 -39.61 -7.38
CA ALA F 16 -31.91 -40.58 -7.85
C ALA F 16 -33.33 -40.07 -7.59
N GLU F 17 -33.59 -39.54 -6.39
CA GLU F 17 -34.94 -39.10 -6.10
C GLU F 17 -35.31 -37.86 -6.92
N ALA F 18 -34.33 -36.99 -7.20
CA ALA F 18 -34.59 -35.86 -8.08
C ALA F 18 -34.95 -36.34 -9.48
N GLU F 19 -34.21 -37.32 -10.00
CA GLU F 19 -34.55 -37.86 -11.30
C GLU F 19 -35.95 -38.45 -11.30
N ARG F 20 -36.30 -39.16 -10.23
CA ARG F 20 -37.66 -39.69 -10.11
C ARG F 20 -38.69 -38.57 -10.19
N LYS F 21 -38.51 -37.54 -9.37
CA LYS F 21 -39.50 -36.48 -9.30
C LYS F 21 -39.65 -35.75 -10.63
N VAL F 22 -38.53 -35.46 -11.29
CA VAL F 22 -38.62 -34.78 -12.58
C VAL F 22 -39.25 -35.69 -13.63
N LYS F 23 -38.98 -36.99 -13.55
CA LYS F 23 -39.52 -37.92 -14.55
C LYS F 23 -41.04 -37.97 -14.50
N ASN F 24 -41.62 -37.94 -13.30
CA ASN F 24 -43.07 -38.06 -13.18
C ASN F 24 -43.81 -36.96 -13.92
N SER F 25 -43.15 -35.82 -14.17
CA SER F 25 -43.78 -34.69 -14.86
C SER F 25 -43.73 -34.97 -16.36
N GLN F 26 -44.77 -35.61 -16.87
CA GLN F 26 -44.86 -35.91 -18.29
C GLN F 26 -45.37 -34.69 -19.06
N GLY F 35 -47.97 -27.08 -10.97
CA GLY F 35 -47.61 -27.49 -12.31
C GLY F 35 -46.11 -27.50 -12.53
N SER F 36 -45.48 -26.35 -12.35
CA SER F 36 -44.04 -26.22 -12.50
C SER F 36 -43.28 -26.40 -11.19
N SER F 37 -43.98 -26.53 -10.06
CA SER F 37 -43.32 -26.74 -8.78
C SER F 37 -42.41 -27.96 -8.81
N LYS F 38 -42.76 -28.98 -9.61
CA LYS F 38 -41.88 -30.13 -9.75
C LYS F 38 -40.50 -29.72 -10.24
N ILE F 39 -40.45 -28.84 -11.23
CA ILE F 39 -39.15 -28.39 -11.73
C ILE F 39 -38.38 -27.65 -10.64
N GLU F 40 -39.07 -26.80 -9.89
CA GLU F 40 -38.38 -26.03 -8.85
C GLU F 40 -37.78 -26.94 -7.80
N GLU F 41 -38.58 -27.89 -7.29
CA GLU F 41 -38.06 -28.79 -6.27
C GLU F 41 -36.93 -29.65 -6.84
N ALA F 42 -37.08 -30.12 -8.08
CA ALA F 42 -36.01 -30.92 -8.68
C ALA F 42 -34.72 -30.12 -8.79
N CYS F 43 -34.82 -28.86 -9.22
CA CYS F 43 -33.62 -28.04 -9.36
C CYS F 43 -32.96 -27.80 -8.01
N GLU F 44 -33.76 -27.54 -6.97
CA GLU F 44 -33.17 -27.34 -5.66
C GLU F 44 -32.46 -28.59 -5.18
N ILE F 45 -33.07 -29.76 -5.38
CA ILE F 45 -32.44 -31.01 -4.99
C ILE F 45 -31.14 -31.21 -5.76
N TYR F 46 -31.16 -30.89 -7.05
CA TYR F 46 -29.95 -31.03 -7.86
C TYR F 46 -28.83 -30.15 -7.33
N ALA F 47 -29.15 -28.90 -6.96
CA ALA F 47 -28.13 -28.02 -6.42
C ALA F 47 -27.57 -28.57 -5.11
N ARG F 48 -28.44 -29.05 -4.23
CA ARG F 48 -27.94 -29.61 -2.98
C ARG F 48 -27.06 -30.83 -3.23
N ALA F 49 -27.46 -31.69 -4.17
CA ALA F 49 -26.66 -32.85 -4.50
C ALA F 49 -25.30 -32.45 -5.06
N ALA F 50 -25.27 -31.39 -5.88
CA ALA F 50 -24.01 -30.92 -6.42
C ALA F 50 -23.09 -30.43 -5.31
N ASN F 51 -23.63 -29.67 -4.36
CA ASN F 51 -22.80 -29.22 -3.25
C ASN F 51 -22.30 -30.41 -2.44
N MET F 52 -23.16 -31.42 -2.26
CA MET F 52 -22.77 -32.61 -1.52
C MET F 52 -21.62 -33.33 -2.21
N PHE F 53 -21.74 -33.52 -3.53
CA PHE F 53 -20.66 -34.14 -4.30
C PHE F 53 -19.38 -33.34 -4.20
N LYS F 54 -19.49 -32.01 -4.28
CA LYS F 54 -18.28 -31.18 -4.16
C LYS F 54 -17.61 -31.40 -2.82
N MET F 55 -18.41 -31.56 -1.76
CA MET F 55 -17.83 -31.91 -0.47
C MET F 55 -17.10 -33.25 -0.52
N ALA F 56 -17.51 -34.13 -1.43
CA ALA F 56 -16.98 -35.49 -1.50
C ALA F 56 -15.71 -35.61 -2.35
N LYS F 57 -15.17 -34.51 -2.84
CA LYS F 57 -13.96 -34.46 -3.67
C LYS F 57 -14.18 -35.02 -5.07
N ASN F 58 -15.35 -35.53 -5.39
CA ASN F 58 -15.65 -36.02 -6.74
C ASN F 58 -16.19 -34.85 -7.55
N TRP F 59 -15.36 -34.29 -8.42
CA TRP F 59 -15.72 -33.06 -9.10
C TRP F 59 -16.56 -33.30 -10.35
N SER F 60 -16.36 -34.42 -11.04
CA SER F 60 -17.14 -34.68 -12.25
C SER F 60 -18.63 -34.75 -11.94
N ALA F 61 -18.99 -35.43 -10.85
CA ALA F 61 -20.39 -35.49 -10.46
C ALA F 61 -20.93 -34.10 -10.15
N ALA F 62 -20.11 -33.26 -9.51
CA ALA F 62 -20.53 -31.90 -9.23
C ALA F 62 -20.81 -31.14 -10.53
N GLY F 63 -19.94 -31.29 -11.51
CA GLY F 63 -20.17 -30.62 -12.78
C GLY F 63 -21.44 -31.10 -13.46
N ASN F 64 -21.66 -32.41 -13.46
CA ASN F 64 -22.85 -32.96 -14.10
C ASN F 64 -24.12 -32.45 -13.41
N ALA F 65 -24.14 -32.49 -12.08
CA ALA F 65 -25.30 -32.02 -11.35
C ALA F 65 -25.56 -30.54 -11.63
N PHE F 66 -24.50 -29.72 -11.58
CA PHE F 66 -24.68 -28.30 -11.83
C PHE F 66 -25.20 -28.04 -13.22
N CYS F 67 -24.68 -28.75 -14.24
CA CYS F 67 -25.13 -28.50 -15.59
C CYS F 67 -26.57 -28.94 -15.79
N GLN F 68 -26.96 -30.06 -15.18
CA GLN F 68 -28.36 -30.49 -15.27
C GLN F 68 -29.28 -29.46 -14.62
N ALA F 69 -28.90 -28.96 -13.44
CA ALA F 69 -29.71 -27.93 -12.80
C ALA F 69 -29.78 -26.68 -13.67
N ALA F 70 -28.67 -26.31 -14.29
CA ALA F 70 -28.66 -25.15 -15.18
C ALA F 70 -29.65 -25.33 -16.33
N GLN F 71 -29.64 -26.51 -16.95
CA GLN F 71 -30.54 -26.76 -18.06
C GLN F 71 -31.99 -26.68 -17.60
N LEU F 72 -32.31 -27.35 -16.49
CA LEU F 72 -33.69 -27.35 -15.99
C LEU F 72 -34.14 -25.94 -15.63
N HIS F 73 -33.24 -25.12 -15.08
CA HIS F 73 -33.60 -23.77 -14.69
C HIS F 73 -33.76 -22.86 -15.90
N LEU F 74 -32.91 -23.04 -16.91
CA LEU F 74 -33.08 -22.30 -18.15
C LEU F 74 -34.34 -22.69 -18.90
N GLN F 75 -34.85 -23.90 -18.68
CA GLN F 75 -36.09 -24.30 -19.34
C GLN F 75 -37.22 -23.34 -18.99
N LEU F 76 -37.26 -22.87 -17.75
CA LEU F 76 -38.19 -21.83 -17.37
C LEU F 76 -37.77 -20.49 -17.97
N GLN F 77 -38.63 -19.48 -17.81
CA GLN F 77 -38.31 -18.15 -18.32
C GLN F 77 -37.10 -17.56 -17.62
N SER F 78 -36.89 -17.88 -16.34
CA SER F 78 -35.72 -17.38 -15.63
C SER F 78 -34.46 -17.84 -16.32
N LYS F 79 -33.55 -16.88 -16.53
CA LYS F 79 -32.24 -17.14 -17.19
C LYS F 79 -31.11 -16.67 -16.29
N HIS F 80 -31.32 -15.63 -15.49
CA HIS F 80 -30.26 -15.06 -14.63
C HIS F 80 -29.65 -16.15 -13.76
N ASP F 81 -30.32 -17.28 -13.58
CA ASP F 81 -29.81 -18.35 -12.69
C ASP F 81 -29.06 -19.39 -13.51
N ALA F 82 -29.40 -19.64 -14.76
CA ALA F 82 -28.65 -20.50 -15.66
C ALA F 82 -27.21 -20.03 -15.75
N ALA F 83 -27.00 -18.74 -16.02
CA ALA F 83 -25.66 -18.16 -15.98
C ALA F 83 -24.89 -18.61 -14.75
N THR F 84 -25.47 -18.40 -13.57
CA THR F 84 -24.75 -18.70 -12.32
C THR F 84 -24.41 -20.18 -12.24
N CYS F 85 -25.39 -21.06 -12.46
CA CYS F 85 -25.10 -22.49 -12.44
C CYS F 85 -24.01 -22.85 -13.43
N PHE F 86 -24.02 -22.25 -14.62
CA PHE F 86 -23.02 -22.62 -15.63
C PHE F 86 -21.62 -22.21 -15.18
N VAL F 87 -21.47 -20.99 -14.66
CA VAL F 87 -20.14 -20.59 -14.18
C VAL F 87 -19.69 -21.50 -13.06
N ASP F 88 -20.62 -21.92 -12.19
CA ASP F 88 -20.23 -22.83 -11.11
C ASP F 88 -19.81 -24.19 -11.66
N ALA F 89 -20.54 -24.70 -12.65
CA ALA F 89 -20.15 -25.94 -13.29
C ALA F 89 -18.76 -25.83 -13.88
N GLY F 90 -18.44 -24.69 -14.48
CA GLY F 90 -17.12 -24.50 -15.04
C GLY F 90 -16.04 -24.54 -13.98
N ASN F 91 -16.23 -23.77 -12.90
CA ASN F 91 -15.30 -23.85 -11.78
C ASN F 91 -15.08 -25.29 -11.35
N ALA F 92 -16.17 -26.05 -11.22
CA ALA F 92 -16.04 -27.45 -10.81
C ALA F 92 -15.23 -28.26 -11.80
N PHE F 93 -15.60 -28.20 -13.09
CA PHE F 93 -14.95 -28.97 -14.13
C PHE F 93 -13.51 -28.56 -14.37
N LYS F 94 -13.09 -27.42 -13.84
CA LYS F 94 -11.74 -26.91 -14.12
C LYS F 94 -10.64 -27.87 -13.65
N LYS F 95 -11.00 -28.96 -12.99
CA LYS F 95 -10.00 -29.90 -12.47
C LYS F 95 -9.73 -31.05 -13.44
N ALA F 96 -10.78 -31.79 -13.82
CA ALA F 96 -10.58 -33.04 -14.55
C ALA F 96 -10.37 -32.81 -16.04
N ASP F 97 -11.39 -32.28 -16.72
CA ASP F 97 -11.40 -32.19 -18.18
C ASP F 97 -11.67 -30.75 -18.61
N PRO F 98 -10.64 -29.99 -18.95
CA PRO F 98 -10.84 -28.56 -19.24
C PRO F 98 -11.77 -28.29 -20.41
N GLN F 99 -11.92 -29.23 -21.35
CA GLN F 99 -12.68 -28.92 -22.55
C GLN F 99 -14.11 -28.53 -22.23
N GLU F 100 -14.77 -29.26 -21.32
CA GLU F 100 -16.14 -28.90 -20.96
C GLU F 100 -16.21 -27.54 -20.29
N ALA F 101 -15.17 -27.19 -19.53
CA ALA F 101 -15.17 -25.89 -18.86
C ALA F 101 -15.26 -24.76 -19.88
N ILE F 102 -14.56 -24.88 -21.00
CA ILE F 102 -14.61 -23.85 -22.02
C ILE F 102 -16.04 -23.70 -22.54
N ASN F 103 -16.69 -24.83 -22.84
CA ASN F 103 -18.04 -24.77 -23.38
C ASN F 103 -18.99 -24.10 -22.40
N CYS F 104 -18.95 -24.50 -21.12
CA CYS F 104 -19.86 -23.92 -20.15
C CYS F 104 -19.58 -22.42 -19.96
N LEU F 105 -18.31 -22.05 -19.81
CA LEU F 105 -17.99 -20.65 -19.62
C LEU F 105 -18.41 -19.81 -20.82
N MET F 106 -18.35 -20.37 -22.03
CA MET F 106 -18.75 -19.61 -23.20
C MET F 106 -20.26 -19.45 -23.24
N ARG F 107 -20.98 -20.53 -22.95
CA ARG F 107 -22.44 -20.42 -22.83
C ARG F 107 -22.84 -19.39 -21.78
N ALA F 108 -22.02 -19.22 -20.75
CA ALA F 108 -22.28 -18.18 -19.76
C ALA F 108 -22.05 -16.79 -20.34
N ILE F 109 -20.84 -16.53 -20.81
CA ILE F 109 -20.45 -15.27 -21.42
C ILE F 109 -21.54 -14.80 -22.38
N GLU F 110 -22.04 -15.71 -23.21
CA GLU F 110 -23.05 -15.32 -24.20
C GLU F 110 -24.25 -14.66 -23.52
N ILE F 111 -24.79 -15.28 -22.47
CA ILE F 111 -25.96 -14.74 -21.79
C ILE F 111 -25.63 -13.39 -21.16
N TYR F 112 -24.49 -13.32 -20.46
CA TYR F 112 -24.17 -12.08 -19.76
C TYR F 112 -24.10 -10.91 -20.74
N THR F 113 -23.33 -11.05 -21.82
CA THR F 113 -23.24 -9.96 -22.78
C THR F 113 -24.62 -9.64 -23.36
N ASP F 114 -25.45 -10.66 -23.62
CA ASP F 114 -26.79 -10.40 -24.12
C ASP F 114 -27.59 -9.53 -23.15
N MET F 115 -27.32 -9.65 -21.86
CA MET F 115 -28.06 -8.89 -20.86
C MET F 115 -27.65 -7.42 -20.81
N GLY F 116 -26.44 -7.08 -21.23
CA GLY F 116 -25.97 -5.72 -21.18
C GLY F 116 -24.85 -5.45 -20.18
N ARG F 117 -24.34 -6.53 -19.59
CA ARG F 117 -23.29 -6.38 -18.58
C ARG F 117 -21.96 -6.78 -19.22
N PHE F 118 -21.20 -5.74 -19.56
CA PHE F 118 -19.96 -6.01 -20.25
C PHE F 118 -18.78 -6.22 -19.30
N THR F 119 -18.68 -5.46 -18.21
CA THR F 119 -17.54 -5.61 -17.32
C THR F 119 -17.41 -7.04 -16.80
N ILE F 120 -18.50 -7.77 -16.66
CA ILE F 120 -18.46 -9.12 -16.11
C ILE F 120 -18.51 -10.19 -17.20
N ALA F 121 -18.14 -9.83 -18.43
CA ALA F 121 -17.86 -10.79 -19.48
C ALA F 121 -16.39 -10.84 -19.80
N ALA F 122 -15.69 -9.71 -19.64
CA ALA F 122 -14.24 -9.69 -19.80
C ALA F 122 -13.57 -10.64 -18.81
N LYS F 123 -14.07 -10.71 -17.58
CA LYS F 123 -13.46 -11.57 -16.57
C LYS F 123 -13.51 -13.04 -17.01
N HIS F 124 -14.68 -13.44 -17.51
CA HIS F 124 -14.80 -14.82 -17.94
C HIS F 124 -13.91 -15.10 -19.15
N HIS F 125 -13.77 -14.12 -20.04
CA HIS F 125 -12.85 -14.30 -21.17
C HIS F 125 -11.42 -14.49 -20.69
N ILE F 126 -11.01 -13.71 -19.69
CA ILE F 126 -9.66 -13.88 -19.15
C ILE F 126 -9.50 -15.28 -18.58
N SER F 127 -10.52 -15.78 -17.89
CA SER F 127 -10.44 -17.12 -17.33
C SER F 127 -10.31 -18.18 -18.41
N ILE F 128 -11.09 -18.05 -19.48
CA ILE F 128 -11.00 -19.00 -20.58
C ILE F 128 -9.60 -18.96 -21.19
N ALA F 129 -9.04 -17.76 -21.33
CA ALA F 129 -7.71 -17.65 -21.91
C ALA F 129 -6.67 -18.34 -21.04
N GLU F 130 -6.78 -18.17 -19.71
CA GLU F 130 -5.84 -18.84 -18.83
C GLU F 130 -5.95 -20.35 -18.96
N ILE F 131 -7.17 -20.88 -19.04
CA ILE F 131 -7.34 -22.31 -19.26
C ILE F 131 -6.63 -22.73 -20.54
N TYR F 132 -6.90 -22.02 -21.63
CA TYR F 132 -6.33 -22.40 -22.92
C TYR F 132 -4.82 -22.45 -22.85
N GLU F 133 -4.21 -21.39 -22.31
CA GLU F 133 -2.76 -21.31 -22.31
C GLU F 133 -2.13 -22.35 -21.38
N THR F 134 -2.73 -22.59 -20.21
CA THR F 134 -2.06 -23.42 -19.22
C THR F 134 -2.13 -24.92 -19.52
N GLU F 135 -3.23 -25.40 -20.10
CA GLU F 135 -3.46 -26.83 -20.25
C GLU F 135 -3.47 -27.31 -21.69
N LEU F 136 -4.02 -26.54 -22.62
CA LEU F 136 -4.13 -26.95 -24.01
C LEU F 136 -2.95 -26.51 -24.86
N VAL F 137 -1.96 -25.83 -24.27
CA VAL F 137 -0.75 -25.41 -24.96
C VAL F 137 -1.10 -24.89 -26.35
N ASP F 138 -1.95 -23.88 -26.41
CA ASP F 138 -2.33 -23.24 -27.66
C ASP F 138 -2.37 -21.74 -27.41
N VAL F 139 -1.79 -20.95 -28.31
CA VAL F 139 -1.61 -19.53 -28.06
C VAL F 139 -2.46 -18.65 -28.97
N GLU F 140 -2.89 -19.14 -30.13
CA GLU F 140 -3.69 -18.32 -31.01
C GLU F 140 -5.02 -17.94 -30.36
N LYS F 141 -5.71 -18.93 -29.80
CA LYS F 141 -6.98 -18.63 -29.15
C LYS F 141 -6.78 -17.81 -27.89
N ALA F 142 -5.65 -17.99 -27.20
CA ALA F 142 -5.34 -17.13 -26.07
C ALA F 142 -5.24 -15.68 -26.51
N ILE F 143 -4.54 -15.43 -27.62
CA ILE F 143 -4.45 -14.07 -28.15
C ILE F 143 -5.84 -13.53 -28.47
N ALA F 144 -6.66 -14.35 -29.13
CA ALA F 144 -7.99 -13.87 -29.51
C ALA F 144 -8.79 -13.47 -28.27
N HIS F 145 -8.80 -14.34 -27.26
CA HIS F 145 -9.58 -14.04 -26.05
C HIS F 145 -9.06 -12.81 -25.34
N TYR F 146 -7.73 -12.68 -25.22
CA TYR F 146 -7.19 -11.50 -24.55
C TYR F 146 -7.57 -10.24 -25.30
N GLU F 147 -7.53 -10.27 -26.64
CA GLU F 147 -7.89 -9.09 -27.41
C GLU F 147 -9.35 -8.72 -27.18
N GLN F 148 -10.25 -9.72 -27.18
CA GLN F 148 -11.66 -9.42 -26.95
C GLN F 148 -11.88 -8.82 -25.57
N SER F 149 -11.23 -9.38 -24.55
CA SER F 149 -11.40 -8.84 -23.22
C SER F 149 -10.87 -7.42 -23.12
N ALA F 150 -9.73 -7.15 -23.76
CA ALA F 150 -9.19 -5.80 -23.74
C ALA F 150 -10.15 -4.82 -24.40
N ASP F 151 -10.79 -5.23 -25.49
CA ASP F 151 -11.77 -4.37 -26.13
C ASP F 151 -12.93 -4.06 -25.19
N TYR F 152 -13.47 -5.09 -24.55
CA TYR F 152 -14.59 -4.86 -23.64
C TYR F 152 -14.19 -3.92 -22.51
N TYR F 153 -13.01 -4.13 -21.92
CA TYR F 153 -12.58 -3.28 -20.81
C TYR F 153 -12.40 -1.85 -21.25
N LYS F 154 -11.69 -1.64 -22.37
CA LYS F 154 -11.47 -0.29 -22.86
C LYS F 154 -12.78 0.41 -23.22
N GLY F 155 -13.82 -0.37 -23.52
CA GLY F 155 -15.13 0.23 -23.72
C GLY F 155 -15.61 0.99 -22.50
N GLU F 156 -15.27 0.48 -21.30
CA GLU F 156 -15.74 1.05 -20.04
C GLU F 156 -14.69 1.89 -19.34
N GLU F 157 -13.76 2.48 -20.10
CA GLU F 157 -12.78 3.41 -19.55
C GLU F 157 -12.02 2.82 -18.36
N SER F 158 -11.93 1.50 -18.28
CA SER F 158 -11.09 0.84 -17.28
C SER F 158 -9.70 0.63 -17.85
N ASN F 159 -8.95 1.74 -17.96
CA ASN F 159 -7.74 1.73 -18.77
C ASN F 159 -6.71 0.72 -18.24
N SER F 160 -6.58 0.61 -16.92
CA SER F 160 -5.48 -0.20 -16.37
C SER F 160 -5.59 -1.66 -16.80
N SER F 161 -6.77 -2.26 -16.64
CA SER F 161 -6.92 -3.66 -17.04
C SER F 161 -6.73 -3.84 -18.53
N ALA F 162 -7.21 -2.89 -19.33
CA ALA F 162 -6.99 -2.97 -20.77
C ALA F 162 -5.50 -2.96 -21.07
N ASN F 163 -4.74 -2.13 -20.35
CA ASN F 163 -3.30 -2.10 -20.58
C ASN F 163 -2.67 -3.44 -20.23
N LYS F 164 -3.10 -4.06 -19.14
CA LYS F 164 -2.52 -5.35 -18.77
C LYS F 164 -2.81 -6.41 -19.84
N CYS F 165 -4.05 -6.46 -20.32
CA CYS F 165 -4.39 -7.44 -21.35
C CYS F 165 -3.60 -7.18 -22.63
N LEU F 166 -3.49 -5.92 -23.04
CA LEU F 166 -2.73 -5.60 -24.24
C LEU F 166 -1.26 -5.97 -24.07
N LEU F 167 -0.72 -5.81 -22.86
CA LEU F 167 0.66 -6.20 -22.64
C LEU F 167 0.85 -7.70 -22.86
N LYS F 168 -0.07 -8.51 -22.34
CA LYS F 168 0.05 -9.96 -22.57
C LYS F 168 -0.08 -10.29 -24.05
N VAL F 169 -1.02 -9.65 -24.74
CA VAL F 169 -1.18 -9.91 -26.17
C VAL F 169 0.09 -9.58 -26.92
N ALA F 170 0.69 -8.42 -26.62
CA ALA F 170 1.91 -8.02 -27.30
C ALA F 170 3.04 -8.99 -27.01
N GLY F 171 3.15 -9.46 -25.76
CA GLY F 171 4.19 -10.41 -25.44
C GLY F 171 4.10 -11.67 -26.28
N TYR F 172 2.90 -12.25 -26.35
CA TYR F 172 2.76 -13.47 -27.13
C TYR F 172 2.96 -13.22 -28.63
N ALA F 173 2.44 -12.10 -29.14
CA ALA F 173 2.60 -11.82 -30.56
C ALA F 173 4.08 -11.69 -30.91
N ALA F 174 4.85 -10.99 -30.07
CA ALA F 174 6.29 -10.93 -30.30
C ALA F 174 6.90 -12.32 -30.24
N GLN F 175 6.43 -13.14 -29.31
CA GLN F 175 6.92 -14.52 -29.23
C GLN F 175 6.71 -15.27 -30.53
N LEU F 176 5.63 -14.96 -31.27
CA LEU F 176 5.29 -15.67 -32.49
C LEU F 176 5.78 -14.96 -33.75
N GLU F 177 6.79 -14.11 -33.64
CA GLU F 177 7.44 -13.46 -34.79
C GLU F 177 6.51 -12.51 -35.54
N GLN F 178 5.42 -12.05 -34.91
CA GLN F 178 4.58 -11.00 -35.48
C GLN F 178 4.97 -9.68 -34.83
N TYR F 179 6.09 -9.11 -35.29
CA TYR F 179 6.70 -8.01 -34.57
C TYR F 179 5.85 -6.74 -34.64
N GLN F 180 5.33 -6.40 -35.81
CA GLN F 180 4.65 -5.12 -35.98
C GLN F 180 3.60 -4.89 -34.92
N LYS F 181 2.78 -5.91 -34.65
CA LYS F 181 1.74 -5.77 -33.64
C LYS F 181 2.36 -5.44 -32.28
N ALA F 182 3.42 -6.17 -31.91
CA ALA F 182 4.03 -5.95 -30.62
C ALA F 182 4.55 -4.53 -30.50
N ILE F 183 5.22 -4.04 -31.55
CA ILE F 183 5.79 -2.70 -31.46
C ILE F 183 4.69 -1.66 -31.35
N ASP F 184 3.61 -1.82 -32.13
CA ASP F 184 2.54 -0.83 -32.04
C ASP F 184 1.96 -0.79 -30.63
N ILE F 185 1.68 -1.96 -30.06
CA ILE F 185 1.07 -2.01 -28.74
C ILE F 185 2.01 -1.42 -27.69
N TYR F 186 3.30 -1.77 -27.76
CA TYR F 186 4.24 -1.28 -26.77
C TYR F 186 4.37 0.24 -26.84
N GLU F 187 4.51 0.82 -28.00
CA GLU F 187 4.61 2.27 -28.11
C GLU F 187 3.31 2.91 -27.64
N GLN F 188 2.12 2.37 -27.92
CA GLN F 188 0.90 2.96 -27.41
C GLN F 188 0.90 3.00 -25.89
N VAL F 189 1.21 1.86 -25.25
CA VAL F 189 1.17 1.80 -23.80
C VAL F 189 2.23 2.71 -23.19
N GLY F 190 3.41 2.78 -23.81
CA GLY F 190 4.44 3.65 -23.28
C GLY F 190 4.02 5.11 -23.31
N THR F 191 3.49 5.57 -24.45
CA THR F 191 3.04 6.95 -24.54
C THR F 191 1.93 7.23 -23.53
N SER F 192 0.99 6.30 -23.39
CA SER F 192 -0.12 6.53 -22.45
C SER F 192 0.39 6.62 -21.02
N ALA F 193 1.30 5.73 -20.62
CA ALA F 193 1.83 5.75 -19.27
C ALA F 193 2.75 6.93 -19.00
N MET F 194 3.32 7.52 -20.04
CA MET F 194 4.22 8.65 -19.84
C MET F 194 3.53 9.82 -19.17
N ASP F 195 2.22 9.97 -19.38
CA ASP F 195 1.46 11.12 -18.89
C ASP F 195 0.75 10.84 -17.57
N SER F 196 1.36 10.07 -16.67
CA SER F 196 0.71 9.75 -15.41
C SER F 196 1.66 9.99 -14.25
N PRO F 197 1.15 10.39 -13.08
CA PRO F 197 2.05 10.67 -11.96
C PRO F 197 2.72 9.42 -11.41
N LEU F 198 2.00 8.31 -11.32
CA LEU F 198 2.51 7.11 -10.67
C LEU F 198 3.25 6.20 -11.65
N LEU F 199 2.60 5.81 -12.74
CA LEU F 199 3.18 4.85 -13.65
C LEU F 199 4.41 5.40 -14.36
N LYS F 200 4.62 6.71 -14.32
CA LYS F 200 5.75 7.36 -15.00
C LYS F 200 7.03 6.56 -14.85
N TYR F 201 7.32 6.08 -13.63
CA TYR F 201 8.62 5.50 -13.36
C TYR F 201 8.85 4.23 -14.17
N SER F 202 7.80 3.44 -14.40
CA SER F 202 7.93 2.23 -15.19
C SER F 202 7.99 2.51 -16.69
N ALA F 203 7.59 3.71 -17.11
CA ALA F 203 7.38 3.96 -18.53
C ALA F 203 8.62 3.68 -19.37
N LYS F 204 9.82 3.75 -18.78
CA LYS F 204 11.01 3.47 -19.57
C LYS F 204 11.00 2.04 -20.10
N ASP F 205 10.65 1.08 -19.25
CA ASP F 205 10.82 -0.32 -19.58
C ASP F 205 10.17 -0.65 -20.91
N TYR F 206 8.90 -0.29 -21.09
CA TYR F 206 8.20 -0.63 -22.32
C TYR F 206 9.00 -0.18 -23.53
N PHE F 207 9.48 1.06 -23.52
CA PHE F 207 10.24 1.55 -24.67
C PHE F 207 11.39 0.61 -24.98
N PHE F 208 12.15 0.22 -23.96
CA PHE F 208 13.26 -0.71 -24.19
C PHE F 208 12.77 -1.92 -24.95
N LYS F 209 11.68 -2.55 -24.48
CA LYS F 209 11.17 -3.71 -25.19
C LYS F 209 10.93 -3.40 -26.65
N ALA F 210 10.24 -2.30 -26.93
CA ALA F 210 9.97 -1.95 -28.32
C ALA F 210 11.25 -1.90 -29.11
N ALA F 211 12.29 -1.26 -28.56
CA ALA F 211 13.54 -1.15 -29.30
C ALA F 211 14.04 -2.52 -29.72
N LEU F 212 13.99 -3.50 -28.80
CA LEU F 212 14.48 -4.83 -29.15
C LEU F 212 13.76 -5.37 -30.37
N CYS F 213 12.44 -5.21 -30.44
CA CYS F 213 11.73 -5.69 -31.61
C CYS F 213 12.22 -4.99 -32.87
N HIS F 214 12.41 -3.68 -32.80
CA HIS F 214 12.93 -2.96 -33.95
C HIS F 214 14.27 -3.53 -34.39
N PHE F 215 15.04 -4.10 -33.46
CA PHE F 215 16.33 -4.66 -33.82
C PHE F 215 16.16 -5.90 -34.69
N CYS F 216 15.17 -6.73 -34.38
CA CYS F 216 15.01 -7.98 -35.12
C CYS F 216 14.73 -7.70 -36.59
N ILE F 217 13.94 -6.68 -36.90
CA ILE F 217 13.68 -6.37 -38.30
C ILE F 217 14.95 -5.92 -39.01
N ASP F 218 15.63 -4.92 -38.44
CA ASP F 218 16.83 -4.36 -39.05
C ASP F 218 17.47 -3.39 -38.06
N MET F 219 18.81 -3.30 -38.12
CA MET F 219 19.54 -2.50 -37.14
C MET F 219 19.21 -1.02 -37.27
N LEU F 220 19.25 -0.50 -38.50
CA LEU F 220 19.09 0.94 -38.68
C LEU F 220 17.74 1.42 -38.14
N ASN F 221 16.69 0.62 -38.35
CA ASN F 221 15.40 0.96 -37.77
C ASN F 221 15.52 1.12 -36.27
N ALA F 222 16.27 0.23 -35.61
CA ALA F 222 16.44 0.34 -34.17
C ALA F 222 17.17 1.61 -33.79
N LYS F 223 18.20 1.97 -34.56
CA LYS F 223 18.94 3.20 -34.27
C LYS F 223 18.02 4.41 -34.34
N LEU F 224 17.25 4.50 -35.43
CA LEU F 224 16.36 5.65 -35.60
C LEU F 224 15.25 5.66 -34.55
N ALA F 225 14.76 4.48 -34.16
CA ALA F 225 13.71 4.44 -33.15
C ALA F 225 14.26 4.84 -31.78
N VAL F 226 15.47 4.42 -31.46
CA VAL F 226 16.07 4.86 -30.20
C VAL F 226 16.21 6.38 -30.20
N GLN F 227 16.66 6.95 -31.32
CA GLN F 227 16.76 8.41 -31.38
C GLN F 227 15.40 9.06 -31.16
N LYS F 228 14.36 8.54 -31.81
CA LYS F 228 13.03 9.13 -31.69
C LYS F 228 12.53 9.07 -30.26
N TYR F 229 12.65 7.92 -29.59
CA TYR F 229 12.13 7.81 -28.24
C TYR F 229 12.97 8.62 -27.26
N GLU F 230 14.26 8.76 -27.51
CA GLU F 230 15.07 9.61 -26.64
C GLU F 230 14.64 11.06 -26.75
N GLU F 231 14.39 11.53 -27.98
CA GLU F 231 13.92 12.90 -28.16
C GLU F 231 12.55 13.09 -27.51
N LEU F 232 11.65 12.12 -27.68
CA LEU F 232 10.29 12.27 -27.16
C LEU F 232 10.25 12.23 -25.64
N PHE F 233 11.19 11.52 -25.01
CA PHE F 233 11.14 11.26 -23.57
C PHE F 233 12.55 11.42 -23.03
N PRO F 234 12.96 12.64 -22.67
CA PRO F 234 14.37 12.88 -22.35
C PRO F 234 14.90 12.03 -21.22
N ALA F 235 14.07 11.70 -20.22
CA ALA F 235 14.55 10.91 -19.10
C ALA F 235 15.01 9.52 -19.53
N PHE F 236 14.62 9.08 -20.73
CA PHE F 236 15.08 7.80 -21.27
C PHE F 236 16.55 7.82 -21.65
N SER F 237 17.17 9.00 -21.74
CA SER F 237 18.53 9.11 -22.24
C SER F 237 19.58 8.67 -21.23
N ASP F 238 19.21 8.46 -19.96
CA ASP F 238 20.16 8.11 -18.92
C ASP F 238 20.00 6.70 -18.39
N SER F 239 18.85 6.07 -18.56
CA SER F 239 18.62 4.76 -18.00
C SER F 239 19.62 3.75 -18.57
N ARG F 240 19.74 2.62 -17.88
CA ARG F 240 20.69 1.60 -18.29
C ARG F 240 20.35 1.04 -19.67
N GLU F 241 19.07 0.88 -19.96
CA GLU F 241 18.67 0.21 -21.20
C GLU F 241 19.15 0.96 -22.42
N CYS F 242 19.06 2.29 -22.41
CA CYS F 242 19.51 3.06 -23.57
C CYS F 242 21.02 2.88 -23.78
N LYS F 243 21.79 2.91 -22.71
CA LYS F 243 23.23 2.70 -22.82
C LYS F 243 23.54 1.33 -23.39
N LEU F 244 22.83 0.30 -22.89
CA LEU F 244 23.05 -1.05 -23.42
C LEU F 244 22.71 -1.10 -24.90
N MET F 245 21.62 -0.44 -25.31
CA MET F 245 21.26 -0.45 -26.72
C MET F 245 22.32 0.24 -27.56
N LYS F 246 22.87 1.35 -27.08
CA LYS F 246 23.95 2.00 -27.82
C LYS F 246 25.12 1.05 -28.00
N LYS F 247 25.50 0.36 -26.92
CA LYS F 247 26.67 -0.51 -27.03
C LYS F 247 26.40 -1.66 -27.97
N LEU F 248 25.21 -2.26 -27.90
CA LEU F 248 24.91 -3.38 -28.78
C LEU F 248 24.85 -2.94 -30.24
N LEU F 249 24.32 -1.74 -30.50
CA LEU F 249 24.29 -1.25 -31.86
C LEU F 249 25.70 -1.06 -32.40
N GLU F 250 26.57 -0.46 -31.61
CA GLU F 250 27.94 -0.24 -32.07
C GLU F 250 28.66 -1.57 -32.28
N ALA F 251 28.45 -2.54 -31.38
CA ALA F 251 29.09 -3.83 -31.55
C ALA F 251 28.58 -4.55 -32.80
N HIS F 252 27.28 -4.49 -33.05
CA HIS F 252 26.70 -5.15 -34.21
C HIS F 252 26.98 -4.42 -35.50
N GLU F 253 27.53 -3.21 -35.43
CA GLU F 253 27.83 -2.47 -36.64
C GLU F 253 29.14 -2.89 -37.29
N GLU F 254 29.99 -3.65 -36.58
CA GLU F 254 31.34 -3.95 -37.08
C GLU F 254 31.65 -5.44 -36.95
N GLN F 255 30.64 -6.30 -37.05
CA GLN F 255 30.84 -7.75 -36.98
C GLN F 255 31.76 -8.14 -35.82
N ASN F 256 31.48 -7.60 -34.64
CA ASN F 256 32.25 -7.89 -33.43
C ASN F 256 31.34 -8.60 -32.44
N VAL F 257 31.40 -9.92 -32.39
CA VAL F 257 30.56 -10.66 -31.47
C VAL F 257 31.14 -10.61 -30.06
N ASP F 258 32.45 -10.44 -29.92
CA ASP F 258 33.08 -10.48 -28.61
C ASP F 258 32.52 -9.40 -27.70
N SER F 259 32.61 -8.14 -28.15
CA SER F 259 32.14 -7.03 -27.31
C SER F 259 30.64 -7.11 -27.07
N TYR F 260 29.90 -7.65 -28.04
CA TYR F 260 28.48 -7.88 -27.83
C TYR F 260 28.26 -8.79 -26.62
N THR F 261 28.94 -9.94 -26.61
CA THR F 261 28.77 -10.87 -25.50
C THR F 261 29.25 -10.26 -24.19
N GLU F 262 30.35 -9.49 -24.24
CA GLU F 262 30.87 -8.89 -23.02
C GLU F 262 29.85 -7.92 -22.42
N SER F 263 29.26 -7.07 -23.25
CA SER F 263 28.26 -6.14 -22.73
C SER F 263 27.06 -6.88 -22.19
N VAL F 264 26.62 -7.94 -22.88
CA VAL F 264 25.47 -8.69 -22.40
C VAL F 264 25.76 -9.28 -21.03
N LYS F 265 26.94 -9.87 -20.86
CA LYS F 265 27.29 -10.46 -19.57
C LYS F 265 27.40 -9.40 -18.48
N GLU F 266 27.99 -8.26 -18.80
CA GLU F 266 28.11 -7.20 -17.80
C GLU F 266 26.74 -6.76 -17.32
N TYR F 267 25.80 -6.56 -18.24
CA TYR F 267 24.45 -6.18 -17.83
C TYR F 267 23.75 -7.31 -17.09
N ASP F 268 24.06 -8.56 -17.44
CA ASP F 268 23.44 -9.68 -16.75
C ASP F 268 23.87 -9.73 -15.29
N SER F 269 25.14 -9.43 -15.02
CA SER F 269 25.65 -9.59 -13.65
C SER F 269 24.79 -8.84 -12.64
N ILE F 270 24.53 -7.56 -12.90
CA ILE F 270 23.80 -6.74 -11.92
C ILE F 270 22.35 -7.21 -11.79
N SER F 271 21.73 -7.62 -12.90
CA SER F 271 20.34 -8.03 -12.90
C SER F 271 20.15 -9.22 -13.83
N ARG F 272 19.32 -10.18 -13.38
CA ARG F 272 19.16 -11.43 -14.11
C ARG F 272 18.12 -11.28 -15.21
N LEU F 273 18.49 -11.69 -16.42
CA LEU F 273 17.60 -11.60 -17.56
C LEU F 273 16.51 -12.67 -17.49
N ASP F 274 15.33 -12.33 -17.99
CA ASP F 274 14.22 -13.27 -18.04
C ASP F 274 14.34 -14.16 -19.26
N GLN F 275 13.41 -15.10 -19.40
CA GLN F 275 13.39 -15.95 -20.58
C GLN F 275 13.16 -15.12 -21.85
N TRP F 276 12.23 -14.18 -21.80
CA TRP F 276 11.91 -13.38 -22.98
C TRP F 276 13.13 -12.63 -23.49
N LEU F 277 13.77 -11.88 -22.61
CA LEU F 277 14.91 -11.06 -23.04
C LEU F 277 16.05 -11.92 -23.53
N THR F 278 16.34 -13.03 -22.85
CA THR F 278 17.45 -13.87 -23.28
C THR F 278 17.18 -14.49 -24.64
N THR F 279 15.95 -14.95 -24.89
CA THR F 279 15.66 -15.50 -26.21
C THR F 279 15.79 -14.44 -27.28
N MET F 280 15.32 -13.22 -27.02
CA MET F 280 15.39 -12.19 -28.04
C MET F 280 16.84 -11.79 -28.31
N LEU F 281 17.65 -11.66 -27.27
CA LEU F 281 19.06 -11.34 -27.46
C LEU F 281 19.77 -12.45 -28.20
N LEU F 282 19.42 -13.71 -27.92
CA LEU F 282 20.02 -14.82 -28.66
C LEU F 282 19.68 -14.74 -30.14
N ARG F 283 18.43 -14.42 -30.48
CA ARG F 283 18.09 -14.24 -31.89
C ARG F 283 18.95 -13.15 -32.51
N ILE F 284 19.06 -12.01 -31.82
CA ILE F 284 19.84 -10.89 -32.37
C ILE F 284 21.27 -11.32 -32.62
N LYS F 285 21.89 -11.99 -31.64
CA LYS F 285 23.28 -12.40 -31.79
C LYS F 285 23.44 -13.47 -32.86
N LYS F 286 22.41 -14.29 -33.07
CA LYS F 286 22.47 -15.26 -34.16
C LYS F 286 22.41 -14.57 -35.51
N THR F 287 21.82 -13.37 -35.59
CA THR F 287 21.84 -12.66 -36.86
C THR F 287 23.27 -12.35 -37.29
N ILE F 288 24.11 -11.91 -36.36
CA ILE F 288 25.52 -11.68 -36.64
C ILE F 288 26.21 -11.25 -35.34
N GLY G 1 -20.98 1.43 40.63
CA GLY G 1 -22.22 0.89 40.01
C GLY G 1 -22.72 1.75 38.87
N MET G 2 -23.71 2.60 39.17
CA MET G 2 -24.28 3.47 38.15
C MET G 2 -24.86 2.63 37.02
N ASP G 3 -24.22 2.64 35.84
CA ASP G 3 -24.75 1.92 34.70
C ASP G 3 -24.82 0.42 34.98
N THR G 4 -23.81 -0.13 35.66
CA THR G 4 -23.73 -1.58 35.84
C THR G 4 -24.96 -2.11 36.55
N SER G 5 -25.33 -1.50 37.68
CA SER G 5 -26.44 -2.02 38.48
C SER G 5 -27.75 -1.94 37.72
N GLY G 6 -28.02 -0.79 37.08
CA GLY G 6 -29.27 -0.65 36.36
C GLY G 6 -29.35 -1.55 35.15
N LYS G 7 -28.23 -1.75 34.46
CA LYS G 7 -28.22 -2.65 33.31
C LYS G 7 -28.45 -4.09 33.77
N GLN G 8 -27.83 -4.48 34.88
CA GLN G 8 -28.10 -5.81 35.43
C GLN G 8 -29.58 -5.96 35.78
N ALA G 9 -30.17 -4.92 36.40
CA ALA G 9 -31.56 -5.01 36.79
C ALA G 9 -32.46 -5.18 35.58
N GLU G 10 -32.21 -4.40 34.52
CA GLU G 10 -33.04 -4.52 33.33
C GLU G 10 -32.81 -5.85 32.63
N ALA G 11 -31.59 -6.37 32.64
CA ALA G 11 -31.33 -7.67 32.04
C ALA G 11 -32.11 -8.77 32.77
N MET G 12 -32.06 -8.76 34.10
CA MET G 12 -32.81 -9.75 34.85
C MET G 12 -34.31 -9.59 34.62
N ALA G 13 -34.78 -8.36 34.53
CA ALA G 13 -36.21 -8.14 34.25
C ALA G 13 -36.59 -8.75 32.91
N LEU G 14 -35.79 -8.51 31.88
CA LEU G 14 -36.10 -9.05 30.56
C LEU G 14 -36.04 -10.58 30.58
N LEU G 15 -35.07 -11.15 31.29
CA LEU G 15 -35.02 -12.61 31.38
C LEU G 15 -36.27 -13.16 32.05
N ALA G 16 -36.73 -12.50 33.11
CA ALA G 16 -37.96 -12.92 33.78
C ALA G 16 -39.15 -12.84 32.84
N GLU G 17 -39.26 -11.75 32.08
CA GLU G 17 -40.36 -11.62 31.13
C GLU G 17 -40.29 -12.70 30.06
N ALA G 18 -39.09 -13.03 29.61
CA ALA G 18 -38.95 -14.08 28.60
C ALA G 18 -39.40 -15.43 29.16
N GLU G 19 -39.00 -15.73 30.39
CA GLU G 19 -39.42 -16.99 31.00
C GLU G 19 -40.93 -17.03 31.18
N ARG G 20 -41.52 -15.91 31.59
CA ARG G 20 -42.98 -15.83 31.72
C ARG G 20 -43.65 -16.12 30.40
N LYS G 21 -43.18 -15.48 29.32
CA LYS G 21 -43.86 -15.65 28.04
C LYS G 21 -43.68 -17.06 27.48
N VAL G 22 -42.51 -17.68 27.72
CA VAL G 22 -42.33 -19.03 27.20
C VAL G 22 -43.22 -20.01 27.96
N LYS G 23 -43.28 -19.88 29.29
CA LYS G 23 -44.17 -20.76 30.05
C LYS G 23 -45.63 -20.49 29.72
N ASN G 24 -45.97 -19.26 29.36
CA ASN G 24 -47.33 -18.97 28.91
C ASN G 24 -47.64 -19.66 27.59
N SER G 25 -46.69 -19.65 26.66
CA SER G 25 -46.95 -20.25 25.35
C SER G 25 -46.89 -21.77 25.41
N GLN G 26 -45.72 -22.31 25.75
CA GLN G 26 -45.51 -23.76 25.85
C GLN G 26 -46.15 -24.49 24.68
N GLY G 35 -49.42 -17.66 19.83
CA GLY G 35 -48.40 -18.68 20.01
C GLY G 35 -47.06 -18.30 19.39
N SER G 36 -46.95 -18.51 18.08
CA SER G 36 -45.70 -18.24 17.39
C SER G 36 -45.17 -16.84 17.72
N SER G 37 -46.07 -15.85 17.70
CA SER G 37 -45.68 -14.50 18.10
C SER G 37 -45.07 -14.49 19.50
N LYS G 38 -45.56 -15.35 20.39
CA LYS G 38 -44.96 -15.42 21.73
C LYS G 38 -43.50 -15.83 21.66
N ILE G 39 -43.18 -16.83 20.84
CA ILE G 39 -41.80 -17.28 20.73
C ILE G 39 -40.95 -16.20 20.07
N GLU G 40 -41.47 -15.54 19.03
CA GLU G 40 -40.71 -14.48 18.39
C GLU G 40 -40.40 -13.37 19.39
N GLU G 41 -41.40 -12.97 20.17
CA GLU G 41 -41.20 -11.90 21.14
C GLU G 41 -40.18 -12.32 22.20
N ALA G 42 -40.27 -13.58 22.65
CA ALA G 42 -39.32 -14.07 23.64
C ALA G 42 -37.90 -14.03 23.10
N CYS G 43 -37.70 -14.46 21.86
CA CYS G 43 -36.36 -14.44 21.28
C CYS G 43 -35.85 -13.01 21.17
N GLU G 44 -36.72 -12.09 20.75
CA GLU G 44 -36.32 -10.69 20.63
C GLU G 44 -35.84 -10.14 21.97
N ILE G 45 -36.62 -10.38 23.03
CA ILE G 45 -36.20 -9.84 24.33
C ILE G 45 -34.96 -10.55 24.84
N TYR G 46 -34.79 -11.83 24.50
CA TYR G 46 -33.54 -12.51 24.85
C TYR G 46 -32.36 -11.78 24.23
N ALA G 47 -32.47 -11.46 22.94
CA ALA G 47 -31.37 -10.76 22.26
C ALA G 47 -31.12 -9.39 22.89
N ARG G 48 -32.19 -8.65 23.20
CA ARG G 48 -32.02 -7.34 23.80
C ARG G 48 -31.36 -7.46 25.18
N ALA G 49 -31.75 -8.46 25.96
CA ALA G 49 -31.15 -8.66 27.27
C ALA G 49 -29.67 -8.98 27.14
N ALA G 50 -29.30 -9.81 26.15
CA ALA G 50 -27.89 -10.10 25.94
C ALA G 50 -27.11 -8.84 25.59
N ASN G 51 -27.65 -8.02 24.70
CA ASN G 51 -26.98 -6.78 24.34
C ASN G 51 -26.80 -5.89 25.55
N MET G 52 -27.82 -5.83 26.41
CA MET G 52 -27.72 -5.00 27.61
C MET G 52 -26.72 -5.58 28.60
N PHE G 53 -26.58 -6.90 28.67
CA PHE G 53 -25.53 -7.49 29.48
C PHE G 53 -24.16 -7.04 29.00
N LYS G 54 -23.96 -7.05 27.67
CA LYS G 54 -22.64 -6.72 27.15
C LYS G 54 -22.19 -5.33 27.55
N MET G 55 -23.13 -4.44 27.89
CA MET G 55 -22.76 -3.08 28.28
C MET G 55 -22.00 -3.07 29.60
N ALA G 56 -22.39 -3.93 30.53
CA ALA G 56 -21.83 -3.92 31.88
C ALA G 56 -20.63 -4.85 32.05
N LYS G 57 -20.15 -5.45 30.96
CA LYS G 57 -19.00 -6.34 31.01
C LYS G 57 -19.25 -7.55 31.90
N ASN G 58 -20.32 -8.27 31.60
CA ASN G 58 -20.62 -9.57 32.21
C ASN G 58 -20.84 -10.55 31.07
N TRP G 59 -19.76 -11.20 30.62
CA TRP G 59 -19.81 -11.95 29.38
C TRP G 59 -20.54 -13.27 29.50
N SER G 60 -20.46 -13.93 30.66
CA SER G 60 -21.10 -15.24 30.82
C SER G 60 -22.60 -15.16 30.56
N ALA G 61 -23.27 -14.21 31.20
CA ALA G 61 -24.71 -14.06 30.99
C ALA G 61 -25.03 -13.72 29.55
N ALA G 62 -24.17 -12.93 28.90
CA ALA G 62 -24.38 -12.61 27.50
C ALA G 62 -24.36 -13.89 26.66
N GLY G 63 -23.36 -14.74 26.88
CA GLY G 63 -23.30 -15.97 26.12
C GLY G 63 -24.49 -16.87 26.38
N ASN G 64 -24.92 -16.95 27.64
CA ASN G 64 -26.09 -17.76 27.97
C ASN G 64 -27.33 -17.27 27.23
N ALA G 65 -27.57 -15.96 27.27
CA ALA G 65 -28.74 -15.41 26.59
C ALA G 65 -28.66 -15.66 25.08
N PHE G 66 -27.49 -15.45 24.49
CA PHE G 66 -27.36 -15.65 23.05
C PHE G 66 -27.62 -17.10 22.67
N CYS G 67 -27.10 -18.04 23.47
CA CYS G 67 -27.34 -19.46 23.15
C CYS G 67 -28.81 -19.82 23.32
N GLN G 68 -29.46 -19.25 24.33
CA GLN G 68 -30.89 -19.50 24.50
C GLN G 68 -31.67 -19.00 23.28
N ALA G 69 -31.34 -17.81 22.81
CA ALA G 69 -32.02 -17.29 21.62
C ALA G 69 -31.74 -18.16 20.40
N ALA G 70 -30.52 -18.67 20.29
CA ALA G 70 -30.18 -19.57 19.20
C ALA G 70 -31.06 -20.81 19.22
N GLN G 71 -31.22 -21.40 20.41
CA GLN G 71 -32.08 -22.58 20.52
C GLN G 71 -33.51 -22.25 20.16
N LEU G 72 -34.01 -21.09 20.61
CA LEU G 72 -35.37 -20.69 20.27
C LEU G 72 -35.55 -20.55 18.77
N HIS G 73 -34.57 -19.96 18.09
CA HIS G 73 -34.64 -19.87 16.64
C HIS G 73 -34.54 -21.25 15.99
N LEU G 74 -33.81 -22.17 16.62
CA LEU G 74 -33.68 -23.50 16.06
C LEU G 74 -35.00 -24.25 16.08
N GLN G 75 -35.70 -24.22 17.23
CA GLN G 75 -36.96 -24.96 17.30
C GLN G 75 -37.95 -24.45 16.26
N LEU G 76 -38.03 -23.13 16.10
CA LEU G 76 -38.72 -22.56 14.96
C LEU G 76 -37.94 -22.87 13.69
N GLN G 77 -38.67 -22.88 12.56
CA GLN G 77 -38.09 -23.30 11.28
C GLN G 77 -37.32 -22.17 10.62
N SER G 78 -36.23 -21.76 11.28
CA SER G 78 -35.30 -20.80 10.72
C SER G 78 -33.89 -21.23 11.09
N LYS G 79 -32.95 -21.02 10.16
CA LYS G 79 -31.59 -21.52 10.32
C LYS G 79 -30.55 -20.41 10.39
N HIS G 80 -30.54 -19.50 9.41
CA HIS G 80 -29.49 -18.49 9.37
C HIS G 80 -29.43 -17.70 10.67
N ASP G 81 -30.59 -17.35 11.22
CA ASP G 81 -30.60 -16.61 12.49
C ASP G 81 -29.99 -17.45 13.60
N ALA G 82 -30.26 -18.76 13.58
CA ALA G 82 -29.63 -19.63 14.57
C ALA G 82 -28.12 -19.62 14.42
N ALA G 83 -27.63 -19.63 13.18
CA ALA G 83 -26.18 -19.58 12.98
C ALA G 83 -25.59 -18.28 13.50
N THR G 84 -26.25 -17.16 13.21
CA THR G 84 -25.74 -15.87 13.67
C THR G 84 -25.70 -15.81 15.19
N CYS G 85 -26.78 -16.26 15.83
CA CYS G 85 -26.80 -16.25 17.29
C CYS G 85 -25.73 -17.18 17.86
N PHE G 86 -25.54 -18.36 17.26
CA PHE G 86 -24.53 -19.27 17.76
C PHE G 86 -23.13 -18.66 17.67
N VAL G 87 -22.81 -18.05 16.53
CA VAL G 87 -21.47 -17.49 16.38
C VAL G 87 -21.26 -16.33 17.34
N ASP G 88 -22.30 -15.51 17.54
CA ASP G 88 -22.17 -14.43 18.51
C ASP G 88 -21.97 -14.97 19.92
N ALA G 89 -22.70 -16.05 20.26
CA ALA G 89 -22.52 -16.65 21.57
C ALA G 89 -21.10 -17.15 21.75
N GLY G 90 -20.54 -17.78 20.73
CA GLY G 90 -19.16 -18.23 20.83
C GLY G 90 -18.21 -17.07 21.03
N ASN G 91 -18.38 -16.01 20.25
CA ASN G 91 -17.51 -14.85 20.39
C ASN G 91 -17.59 -14.28 21.79
N ALA G 92 -18.80 -14.18 22.35
CA ALA G 92 -18.94 -13.69 23.72
C ALA G 92 -18.23 -14.61 24.70
N PHE G 93 -18.40 -15.93 24.53
CA PHE G 93 -17.77 -16.89 25.43
C PHE G 93 -16.27 -16.95 25.28
N LYS G 94 -15.71 -16.30 24.25
CA LYS G 94 -14.27 -16.33 24.02
C LYS G 94 -13.50 -15.73 25.20
N LYS G 95 -14.20 -15.18 26.19
CA LYS G 95 -13.54 -14.57 27.34
C LYS G 95 -13.38 -15.55 28.50
N ALA G 96 -14.49 -16.14 28.96
CA ALA G 96 -14.46 -16.92 30.19
C ALA G 96 -13.99 -18.35 29.96
N ASP G 97 -14.76 -19.13 29.22
CA ASP G 97 -14.52 -20.58 29.10
C ASP G 97 -14.43 -20.99 27.64
N PRO G 98 -13.24 -21.20 27.10
CA PRO G 98 -13.11 -21.46 25.66
C PRO G 98 -13.85 -22.70 25.19
N GLN G 99 -14.10 -23.69 26.05
CA GLN G 99 -14.73 -24.92 25.59
C GLN G 99 -16.11 -24.63 24.99
N GLU G 100 -16.91 -23.81 25.65
CA GLU G 100 -18.22 -23.49 25.13
C GLU G 100 -18.12 -22.70 23.82
N ALA G 101 -17.11 -21.84 23.71
CA ALA G 101 -16.90 -21.13 22.45
C ALA G 101 -16.62 -22.12 21.33
N ILE G 102 -15.80 -23.14 21.61
CA ILE G 102 -15.52 -24.15 20.59
C ILE G 102 -16.79 -24.86 20.20
N ASN G 103 -17.61 -25.24 21.17
CA ASN G 103 -18.84 -25.95 20.85
C ASN G 103 -19.76 -25.10 19.97
N CYS G 104 -19.96 -23.84 20.34
CA CYS G 104 -20.85 -22.97 19.57
C CYS G 104 -20.31 -22.76 18.16
N LEU G 105 -19.00 -22.54 18.02
CA LEU G 105 -18.45 -22.34 16.68
C LEU G 105 -18.56 -23.60 15.85
N MET G 106 -18.43 -24.77 16.46
CA MET G 106 -18.63 -26.00 15.70
C MET G 106 -20.06 -26.10 15.19
N ARG G 107 -21.04 -25.76 16.02
CA ARG G 107 -22.43 -25.81 15.56
C ARG G 107 -22.63 -24.83 14.41
N ALA G 108 -22.09 -23.62 14.52
CA ALA G 108 -22.24 -22.63 13.46
C ALA G 108 -21.58 -23.11 12.17
N ILE G 109 -20.40 -23.72 12.27
CA ILE G 109 -19.71 -24.20 11.08
C ILE G 109 -20.52 -25.28 10.40
N GLU G 110 -21.10 -26.20 11.18
CA GLU G 110 -21.92 -27.24 10.58
C GLU G 110 -23.09 -26.62 9.82
N ILE G 111 -23.78 -25.67 10.47
CA ILE G 111 -24.93 -25.06 9.81
C ILE G 111 -24.51 -24.36 8.52
N TYR G 112 -23.40 -23.62 8.57
CA TYR G 112 -22.98 -22.89 7.37
C TYR G 112 -22.60 -23.83 6.24
N THR G 113 -21.87 -24.90 6.54
CA THR G 113 -21.42 -25.78 5.47
C THR G 113 -22.58 -26.57 4.88
N ASP G 114 -23.62 -26.81 5.67
CA ASP G 114 -24.79 -27.50 5.13
C ASP G 114 -25.34 -26.77 3.90
N MET G 115 -25.47 -25.45 3.99
CA MET G 115 -26.13 -24.68 2.94
C MET G 115 -25.30 -24.54 1.67
N GLY G 116 -24.01 -24.85 1.71
CA GLY G 116 -23.16 -24.76 0.54
C GLY G 116 -22.19 -23.61 0.52
N ARG G 117 -22.10 -22.84 1.60
CA ARG G 117 -21.18 -21.71 1.69
C ARG G 117 -19.90 -22.17 2.36
N PHE G 118 -18.78 -22.10 1.65
CA PHE G 118 -17.51 -22.63 2.13
C PHE G 118 -16.49 -21.55 2.46
N THR G 119 -16.79 -20.28 2.23
CA THR G 119 -15.84 -19.24 2.61
C THR G 119 -15.86 -19.02 4.12
N ILE G 120 -17.04 -18.96 4.73
CA ILE G 120 -17.14 -18.62 6.14
C ILE G 120 -16.64 -19.76 7.03
N ALA G 121 -16.79 -21.00 6.57
CA ALA G 121 -16.31 -22.12 7.35
C ALA G 121 -14.81 -22.00 7.58
N ALA G 122 -14.08 -21.50 6.59
CA ALA G 122 -12.64 -21.35 6.76
C ALA G 122 -12.33 -20.35 7.87
N LYS G 123 -13.04 -19.22 7.90
CA LYS G 123 -12.80 -18.23 8.94
C LYS G 123 -13.07 -18.82 10.32
N HIS G 124 -14.19 -19.53 10.46
CA HIS G 124 -14.51 -20.06 11.78
C HIS G 124 -13.53 -21.15 12.20
N HIS G 125 -13.09 -21.99 11.26
CA HIS G 125 -12.09 -22.99 11.59
C HIS G 125 -10.80 -22.32 12.05
N ILE G 126 -10.39 -21.25 11.38
CA ILE G 126 -9.17 -20.56 11.78
C ILE G 126 -9.32 -20.01 13.20
N SER G 127 -10.47 -19.44 13.51
CA SER G 127 -10.67 -18.91 14.86
C SER G 127 -10.61 -20.02 15.90
N ILE G 128 -11.25 -21.16 15.62
CA ILE G 128 -11.19 -22.28 16.54
C ILE G 128 -9.75 -22.71 16.77
N ALA G 129 -8.97 -22.81 15.69
CA ALA G 129 -7.59 -23.24 15.83
C ALA G 129 -6.80 -22.25 16.67
N GLU G 130 -7.04 -20.95 16.47
CA GLU G 130 -6.33 -19.96 17.29
C GLU G 130 -6.65 -20.13 18.76
N ILE G 131 -7.92 -20.34 19.10
CA ILE G 131 -8.26 -20.60 20.50
C ILE G 131 -7.51 -21.82 21.01
N TYR G 132 -7.56 -22.91 20.24
CA TYR G 132 -6.94 -24.16 20.68
C TYR G 132 -5.47 -23.95 20.99
N GLU G 133 -4.77 -23.27 20.09
CA GLU G 133 -3.33 -23.07 20.30
C GLU G 133 -3.05 -22.13 21.47
N THR G 134 -3.80 -21.03 21.58
CA THR G 134 -3.44 -19.99 22.55
C THR G 134 -3.84 -20.33 23.97
N GLU G 135 -4.95 -21.05 24.19
CA GLU G 135 -5.46 -21.27 25.54
C GLU G 135 -5.32 -22.69 26.04
N LEU G 136 -5.54 -23.68 25.19
CA LEU G 136 -5.46 -25.08 25.60
C LEU G 136 -4.11 -25.71 25.33
N VAL G 137 -3.16 -24.96 24.79
CA VAL G 137 -1.79 -25.43 24.57
C VAL G 137 -1.81 -26.85 24.02
N ASP G 138 -2.51 -27.04 22.90
CA ASP G 138 -2.56 -28.32 22.22
C ASP G 138 -2.42 -28.04 20.73
N VAL G 139 -1.56 -28.78 20.06
CA VAL G 139 -1.18 -28.45 18.68
C VAL G 139 -1.72 -29.44 17.66
N GLU G 140 -2.05 -30.67 18.05
CA GLU G 140 -2.58 -31.61 17.07
C GLU G 140 -3.89 -31.10 16.48
N LYS G 141 -4.82 -30.68 17.34
CA LYS G 141 -6.10 -30.21 16.85
C LYS G 141 -5.95 -28.92 16.07
N ALA G 142 -4.97 -28.08 16.44
CA ALA G 142 -4.67 -26.92 15.61
C ALA G 142 -4.26 -27.33 14.22
N ILE G 143 -3.43 -28.37 14.11
CA ILE G 143 -3.03 -28.87 12.80
C ILE G 143 -4.24 -29.33 12.02
N ALA G 144 -5.14 -30.08 12.67
CA ALA G 144 -6.30 -30.59 11.96
C ALA G 144 -7.17 -29.44 11.43
N HIS G 145 -7.45 -28.46 12.29
CA HIS G 145 -8.30 -27.35 11.88
C HIS G 145 -7.65 -26.54 10.76
N TYR G 146 -6.35 -26.29 10.86
CA TYR G 146 -5.69 -25.54 9.80
C TYR G 146 -5.73 -26.29 8.49
N GLU G 147 -5.53 -27.61 8.51
CA GLU G 147 -5.60 -28.36 7.27
C GLU G 147 -6.99 -28.31 6.67
N GLN G 148 -8.02 -28.42 7.49
CA GLN G 148 -9.38 -28.33 6.98
C GLN G 148 -9.63 -26.97 6.33
N SER G 149 -9.19 -25.90 7.00
CA SER G 149 -9.39 -24.57 6.44
C SER G 149 -8.64 -24.41 5.13
N ALA G 150 -7.41 -24.91 5.06
CA ALA G 150 -6.65 -24.82 3.82
C ALA G 150 -7.36 -25.53 2.68
N ASP G 151 -7.90 -26.72 2.96
CA ASP G 151 -8.62 -27.45 1.93
C ASP G 151 -9.83 -26.65 1.44
N TYR G 152 -10.61 -26.10 2.38
CA TYR G 152 -11.78 -25.34 1.97
C TYR G 152 -11.40 -24.14 1.13
N TYR G 153 -10.37 -23.41 1.53
CA TYR G 153 -9.95 -22.24 0.77
C TYR G 153 -9.48 -22.64 -0.62
N LYS G 154 -8.60 -23.63 -0.71
CA LYS G 154 -8.11 -24.06 -2.01
C LYS G 154 -9.24 -24.57 -2.90
N GLY G 155 -10.34 -25.03 -2.31
CA GLY G 155 -11.44 -25.50 -3.12
C GLY G 155 -11.98 -24.44 -4.06
N GLU G 156 -11.98 -23.17 -3.61
CA GLU G 156 -12.55 -22.07 -4.38
C GLU G 156 -11.51 -21.30 -5.15
N GLU G 157 -10.28 -21.81 -5.25
CA GLU G 157 -9.22 -21.20 -6.03
C GLU G 157 -8.74 -19.88 -5.45
N SER G 158 -8.88 -19.70 -4.14
CA SER G 158 -8.28 -18.57 -3.44
C SER G 158 -6.93 -19.04 -2.92
N ASN G 159 -5.90 -18.94 -3.77
CA ASN G 159 -4.64 -19.60 -3.48
C ASN G 159 -3.94 -18.99 -2.28
N SER G 160 -3.98 -17.67 -2.13
CA SER G 160 -3.14 -17.01 -1.11
C SER G 160 -3.50 -17.48 0.29
N SER G 161 -4.81 -17.55 0.59
CA SER G 161 -5.22 -18.02 1.91
C SER G 161 -4.78 -19.46 2.15
N ALA G 162 -4.91 -20.31 1.13
CA ALA G 162 -4.45 -21.68 1.26
C ALA G 162 -2.96 -21.72 1.56
N ASN G 163 -2.18 -20.88 0.88
CA ASN G 163 -0.75 -20.85 1.13
C ASN G 163 -0.45 -20.44 2.56
N LYS G 164 -1.17 -19.45 3.08
CA LYS G 164 -0.92 -19.03 4.46
C LYS G 164 -1.20 -20.16 5.44
N CYS G 165 -2.37 -20.79 5.30
CA CYS G 165 -2.70 -21.87 6.22
C CYS G 165 -1.70 -23.01 6.12
N LEU G 166 -1.31 -23.38 4.91
CA LEU G 166 -0.36 -24.48 4.76
C LEU G 166 1.00 -24.12 5.34
N LEU G 167 1.43 -22.86 5.22
CA LEU G 167 2.69 -22.48 5.85
C LEU G 167 2.62 -22.68 7.36
N LYS G 168 1.51 -22.27 7.97
CA LYS G 168 1.40 -22.45 9.42
C LYS G 168 1.41 -23.94 9.79
N VAL G 169 0.69 -24.76 9.02
CA VAL G 169 0.67 -26.20 9.28
C VAL G 169 2.07 -26.76 9.19
N ALA G 170 2.82 -26.38 8.15
CA ALA G 170 4.16 -26.90 7.96
C ALA G 170 5.07 -26.51 9.11
N GLY G 171 5.01 -25.25 9.54
CA GLY G 171 5.86 -24.83 10.64
C GLY G 171 5.59 -25.65 11.90
N TYR G 172 4.31 -25.79 12.26
CA TYR G 172 3.99 -26.55 13.47
C TYR G 172 4.39 -28.01 13.33
N ALA G 173 4.14 -28.61 12.17
CA ALA G 173 4.50 -30.02 12.01
C ALA G 173 6.00 -30.21 12.11
N ALA G 174 6.78 -29.34 11.49
CA ALA G 174 8.24 -29.47 11.59
C ALA G 174 8.70 -29.32 13.02
N GLN G 175 8.09 -28.42 13.78
CA GLN G 175 8.46 -28.32 15.19
C GLN G 175 8.28 -29.63 15.93
N LEU G 176 7.28 -30.41 15.55
CA LEU G 176 6.92 -31.63 16.28
C LEU G 176 7.60 -32.87 15.73
N GLU G 177 8.67 -32.72 14.96
CA GLU G 177 9.55 -33.79 14.51
C GLU G 177 9.02 -34.58 13.32
N GLN G 178 7.85 -34.28 12.78
CA GLN G 178 7.37 -34.93 11.56
C GLN G 178 7.88 -34.13 10.37
N TYR G 179 9.00 -34.55 9.78
CA TYR G 179 9.68 -33.71 8.81
C TYR G 179 9.11 -33.84 7.41
N GLN G 180 8.82 -35.05 6.95
CA GLN G 180 8.48 -35.25 5.53
C GLN G 180 7.31 -34.37 5.11
N LYS G 181 6.29 -34.25 5.96
CA LYS G 181 5.16 -33.40 5.62
C LYS G 181 5.61 -31.95 5.42
N ALA G 182 6.46 -31.46 6.32
CA ALA G 182 6.95 -30.09 6.20
C ALA G 182 7.74 -29.92 4.91
N ILE G 183 8.58 -30.89 4.56
CA ILE G 183 9.34 -30.77 3.33
C ILE G 183 8.41 -30.68 2.15
N ASP G 184 7.38 -31.53 2.11
CA ASP G 184 6.47 -31.49 0.97
C ASP G 184 5.79 -30.13 0.85
N ILE G 185 5.28 -29.61 1.97
CA ILE G 185 4.57 -28.33 1.91
C ILE G 185 5.50 -27.22 1.47
N TYR G 186 6.71 -27.20 2.01
CA TYR G 186 7.64 -26.14 1.64
C TYR G 186 8.01 -26.22 0.17
N GLU G 187 8.23 -27.43 -0.34
CA GLU G 187 8.52 -27.56 -1.77
C GLU G 187 7.37 -27.01 -2.60
N GLN G 188 6.14 -27.39 -2.26
CA GLN G 188 5.00 -26.96 -3.04
C GLN G 188 4.88 -25.44 -3.05
N VAL G 189 4.94 -24.83 -1.88
CA VAL G 189 4.77 -23.38 -1.82
C VAL G 189 5.91 -22.67 -2.54
N GLY G 190 7.14 -23.12 -2.33
CA GLY G 190 8.27 -22.45 -2.95
C GLY G 190 8.19 -22.51 -4.46
N THR G 191 7.90 -23.68 -5.02
CA THR G 191 7.83 -23.79 -6.47
C THR G 191 6.65 -23.00 -7.03
N SER G 192 5.51 -23.01 -6.34
CA SER G 192 4.36 -22.29 -6.86
C SER G 192 4.60 -20.78 -6.88
N ALA G 193 5.17 -20.23 -5.80
CA ALA G 193 5.32 -18.79 -5.72
C ALA G 193 6.42 -18.26 -6.63
N MET G 194 7.32 -19.13 -7.09
CA MET G 194 8.44 -18.67 -7.91
C MET G 194 7.97 -18.04 -9.20
N ASP G 195 6.99 -18.66 -9.86
CA ASP G 195 6.60 -18.21 -11.20
C ASP G 195 6.03 -16.80 -11.17
N SER G 196 5.19 -16.49 -10.21
CA SER G 196 4.51 -15.20 -10.21
C SER G 196 5.53 -14.08 -10.14
N PRO G 197 5.41 -13.04 -10.97
CA PRO G 197 6.43 -11.98 -10.97
C PRO G 197 6.46 -11.17 -9.68
N LEU G 198 5.38 -11.18 -8.90
CA LEU G 198 5.30 -10.35 -7.70
C LEU G 198 6.05 -10.99 -6.53
N LEU G 199 5.73 -12.25 -6.22
CA LEU G 199 6.29 -12.94 -5.08
C LEU G 199 7.64 -13.58 -5.36
N LYS G 200 8.24 -13.28 -6.51
CA LYS G 200 9.47 -13.96 -6.92
C LYS G 200 10.59 -13.77 -5.91
N TYR G 201 10.60 -12.66 -5.18
CA TYR G 201 11.74 -12.35 -4.33
C TYR G 201 11.73 -13.08 -3.00
N SER G 202 10.59 -13.61 -2.57
CA SER G 202 10.51 -14.30 -1.30
C SER G 202 10.79 -15.79 -1.38
N ALA G 203 10.73 -16.37 -2.58
CA ALA G 203 10.82 -17.83 -2.69
C ALA G 203 12.13 -18.34 -2.10
N LYS G 204 13.21 -17.58 -2.25
CA LYS G 204 14.50 -18.06 -1.77
C LYS G 204 14.42 -18.43 -0.29
N ASP G 205 13.51 -17.81 0.45
CA ASP G 205 13.36 -18.15 1.86
C ASP G 205 12.85 -19.56 2.04
N TYR G 206 11.74 -19.90 1.38
CA TYR G 206 11.09 -21.18 1.65
C TYR G 206 12.04 -22.34 1.37
N PHE G 207 12.70 -22.32 0.21
CA PHE G 207 13.63 -23.39 -0.09
C PHE G 207 14.63 -23.56 1.04
N PHE G 208 15.17 -22.45 1.56
CA PHE G 208 16.12 -22.53 2.65
C PHE G 208 15.57 -23.37 3.78
N LYS G 209 14.35 -23.07 4.23
CA LYS G 209 13.78 -23.82 5.34
C LYS G 209 13.70 -25.29 4.99
N ALA G 210 13.24 -25.63 3.78
CA ALA G 210 13.16 -27.02 3.41
C ALA G 210 14.51 -27.68 3.59
N ALA G 211 15.57 -27.03 3.13
CA ALA G 211 16.90 -27.61 3.26
C ALA G 211 17.20 -27.96 4.70
N LEU G 212 16.91 -27.05 5.62
CA LEU G 212 17.19 -27.31 7.02
C LEU G 212 16.55 -28.62 7.45
N CYS G 213 15.28 -28.81 7.10
CA CYS G 213 14.60 -30.03 7.50
C CYS G 213 15.33 -31.26 6.95
N HIS G 214 15.74 -31.23 5.68
CA HIS G 214 16.49 -32.36 5.16
C HIS G 214 17.74 -32.61 5.98
N PHE G 215 18.41 -31.54 6.41
CA PHE G 215 19.64 -31.70 7.16
C PHE G 215 19.39 -32.32 8.52
N CYS G 216 18.16 -32.31 9.01
CA CYS G 216 17.83 -32.99 10.26
C CYS G 216 17.72 -34.49 10.08
N ILE G 217 17.49 -34.97 8.86
CA ILE G 217 17.45 -36.40 8.61
C ILE G 217 18.87 -36.95 8.46
N ASP G 218 19.62 -36.44 7.49
CA ASP G 218 20.99 -36.89 7.25
C ASP G 218 21.64 -35.93 6.27
N MET G 219 22.97 -35.83 6.37
CA MET G 219 23.69 -34.82 5.59
C MET G 219 23.49 -35.02 4.09
N LEU G 220 23.62 -36.26 3.62
CA LEU G 220 23.59 -36.51 2.18
C LEU G 220 22.28 -36.01 1.58
N ASN G 221 21.17 -36.19 2.29
CA ASN G 221 19.91 -35.66 1.79
C ASN G 221 19.99 -34.16 1.62
N ALA G 222 20.62 -33.47 2.59
CA ALA G 222 20.73 -32.03 2.49
C ALA G 222 21.55 -31.63 1.28
N LYS G 223 22.66 -32.32 1.04
CA LYS G 223 23.50 -31.97 -0.11
C LYS G 223 22.74 -32.17 -1.41
N LEU G 224 22.09 -33.32 -1.56
CA LEU G 224 21.37 -33.59 -2.80
C LEU G 224 20.23 -32.59 -3.00
N ALA G 225 19.52 -32.25 -1.93
CA ALA G 225 18.42 -31.31 -2.05
C ALA G 225 18.92 -29.92 -2.39
N VAL G 226 20.06 -29.51 -1.83
CA VAL G 226 20.61 -28.21 -2.16
C VAL G 226 20.98 -28.17 -3.64
N GLN G 227 21.62 -29.23 -4.14
CA GLN G 227 21.95 -29.28 -5.56
C GLN G 227 20.70 -29.19 -6.41
N LYS G 228 19.66 -29.96 -6.06
CA LYS G 228 18.44 -29.95 -6.85
C LYS G 228 17.78 -28.57 -6.84
N TYR G 229 17.72 -27.92 -5.68
CA TYR G 229 17.11 -26.61 -5.61
C TYR G 229 17.90 -25.59 -6.43
N GLU G 230 19.22 -25.62 -6.32
CA GLU G 230 20.02 -24.68 -7.10
C GLU G 230 19.80 -24.91 -8.58
N GLU G 231 19.64 -26.16 -8.99
CA GLU G 231 19.35 -26.45 -10.39
C GLU G 231 17.98 -25.93 -10.79
N LEU G 232 16.99 -26.06 -9.91
CA LEU G 232 15.61 -25.73 -10.27
C LEU G 232 15.50 -24.28 -10.73
N PHE G 233 16.25 -23.39 -10.10
CA PHE G 233 16.32 -22.01 -10.57
C PHE G 233 17.55 -21.37 -9.97
N PRO G 234 18.29 -20.54 -10.71
CA PRO G 234 19.65 -20.20 -10.29
C PRO G 234 19.74 -19.08 -9.27
N ALA G 235 18.69 -18.28 -9.10
CA ALA G 235 18.78 -17.16 -8.17
C ALA G 235 19.10 -17.63 -6.76
N PHE G 236 18.67 -18.84 -6.39
CA PHE G 236 18.94 -19.35 -5.06
C PHE G 236 20.43 -19.52 -4.80
N SER G 237 21.26 -19.53 -5.84
CA SER G 237 22.70 -19.61 -5.66
C SER G 237 23.32 -18.28 -5.23
N ASP G 238 22.50 -17.30 -4.85
CA ASP G 238 23.02 -16.07 -4.29
C ASP G 238 23.86 -16.40 -3.06
N SER G 239 24.99 -15.71 -2.91
CA SER G 239 25.92 -16.05 -1.84
C SER G 239 25.26 -16.06 -0.48
N ARG G 240 24.26 -15.20 -0.26
CA ARG G 240 23.74 -14.93 1.08
C ARG G 240 23.46 -16.18 1.89
N GLU G 241 22.52 -17.02 1.45
CA GLU G 241 22.09 -18.18 2.21
C GLU G 241 22.76 -19.47 1.77
N CYS G 242 23.01 -19.63 0.47
CA CYS G 242 23.73 -20.81 0.01
C CYS G 242 25.12 -20.87 0.60
N LYS G 243 25.78 -19.72 0.78
CA LYS G 243 27.10 -19.73 1.40
C LYS G 243 27.02 -20.30 2.81
N LEU G 244 26.04 -19.85 3.58
CA LEU G 244 25.87 -20.38 4.93
C LEU G 244 25.61 -21.87 4.89
N MET G 245 24.75 -22.31 3.98
CA MET G 245 24.44 -23.73 3.90
C MET G 245 25.68 -24.55 3.58
N LYS G 246 26.47 -24.10 2.60
CA LYS G 246 27.67 -24.84 2.22
C LYS G 246 28.67 -24.88 3.37
N LYS G 247 28.86 -23.75 4.06
CA LYS G 247 29.79 -23.74 5.18
C LYS G 247 29.34 -24.69 6.28
N LEU G 248 28.04 -24.69 6.60
CA LEU G 248 27.53 -25.61 7.62
C LEU G 248 27.80 -27.06 7.21
N LEU G 249 27.48 -27.40 5.96
CA LEU G 249 27.71 -28.76 5.50
C LEU G 249 29.17 -29.15 5.66
N GLU G 250 30.08 -28.30 5.18
CA GLU G 250 31.49 -28.63 5.23
C GLU G 250 31.97 -28.77 6.68
N ALA G 251 31.51 -27.90 7.57
CA ALA G 251 31.89 -28.01 8.96
C ALA G 251 31.40 -29.31 9.57
N HIS G 252 30.22 -29.76 9.15
CA HIS G 252 29.69 -31.00 9.69
C HIS G 252 30.36 -32.22 9.07
N GLU G 253 30.99 -32.06 7.91
CA GLU G 253 31.62 -33.19 7.25
C GLU G 253 32.88 -33.66 7.97
N GLU G 254 33.65 -32.72 8.53
CA GLU G 254 34.97 -33.01 9.08
C GLU G 254 34.97 -33.01 10.62
N GLN G 255 33.80 -33.12 11.24
CA GLN G 255 33.67 -33.16 12.69
C GLN G 255 34.40 -32.00 13.36
N ASN G 256 34.07 -30.78 12.94
CA ASN G 256 34.65 -29.56 13.49
C ASN G 256 33.49 -28.69 13.96
N VAL G 257 33.24 -28.64 15.26
CA VAL G 257 32.11 -27.89 15.78
C VAL G 257 32.47 -26.43 16.03
N ASP G 258 33.74 -26.12 16.27
CA ASP G 258 34.13 -24.73 16.49
C ASP G 258 33.87 -23.89 15.24
N SER G 259 34.19 -24.42 14.06
CA SER G 259 33.90 -23.68 12.83
C SER G 259 32.40 -23.47 12.65
N TYR G 260 31.61 -24.48 13.01
CA TYR G 260 30.16 -24.35 12.92
C TYR G 260 29.67 -23.22 13.81
N THR G 261 30.13 -23.18 15.06
CA THR G 261 29.70 -22.13 15.97
C THR G 261 30.14 -20.76 15.46
N GLU G 262 31.38 -20.66 14.97
CA GLU G 262 31.86 -19.40 14.44
C GLU G 262 30.97 -18.93 13.28
N SER G 263 30.66 -19.83 12.35
CA SER G 263 29.87 -19.43 11.20
C SER G 263 28.48 -18.98 11.61
N VAL G 264 27.85 -19.73 12.53
CA VAL G 264 26.51 -19.36 12.95
C VAL G 264 26.52 -18.01 13.66
N LYS G 265 27.52 -17.78 14.50
CA LYS G 265 27.62 -16.49 15.19
C LYS G 265 27.84 -15.35 14.20
N GLU G 266 28.68 -15.58 13.19
CA GLU G 266 28.93 -14.54 12.20
C GLU G 266 27.66 -14.19 11.45
N TYR G 267 26.90 -15.21 11.04
CA TYR G 267 25.64 -14.93 10.36
C TYR G 267 24.65 -14.25 11.29
N ASP G 268 24.67 -14.61 12.57
CA ASP G 268 23.75 -14.00 13.53
C ASP G 268 24.05 -12.52 13.70
N SER G 269 25.33 -12.15 13.72
CA SER G 269 25.69 -10.77 14.04
C SER G 269 25.05 -9.80 13.06
N ILE G 270 25.13 -10.09 11.77
CA ILE G 270 24.59 -9.17 10.76
C ILE G 270 23.07 -9.12 10.84
N SER G 271 22.43 -10.27 11.10
CA SER G 271 20.98 -10.34 11.16
C SER G 271 20.58 -11.27 12.29
N ARG G 272 19.66 -10.81 13.14
CA ARG G 272 19.20 -11.61 14.25
C ARG G 272 18.43 -12.83 13.76
N LEU G 273 18.47 -13.90 14.55
CA LEU G 273 17.79 -15.14 14.22
C LEU G 273 16.49 -15.27 14.99
N ASP G 274 15.56 -16.04 14.43
CA ASP G 274 14.29 -16.32 15.06
C ASP G 274 14.38 -17.61 15.87
N GLN G 275 13.42 -17.78 16.79
CA GLN G 275 13.42 -18.96 17.64
C GLN G 275 13.44 -20.25 16.84
N TRP G 276 12.66 -20.31 15.76
CA TRP G 276 12.60 -21.53 14.95
C TRP G 276 13.99 -21.88 14.41
N LEU G 277 14.65 -20.91 13.79
CA LEU G 277 15.95 -21.17 13.21
C LEU G 277 16.97 -21.56 14.28
N THR G 278 16.92 -20.88 15.43
CA THR G 278 17.88 -21.21 16.49
C THR G 278 17.69 -22.64 16.98
N THR G 279 16.44 -23.06 17.15
CA THR G 279 16.20 -24.43 17.59
C THR G 279 16.72 -25.43 16.56
N MET G 280 16.42 -25.21 15.28
CA MET G 280 16.86 -26.18 14.28
C MET G 280 18.37 -26.23 14.20
N LEU G 281 19.03 -25.08 14.24
CA LEU G 281 20.48 -25.05 14.21
C LEU G 281 21.07 -25.72 15.43
N LEU G 282 20.43 -25.60 16.59
CA LEU G 282 20.95 -26.27 17.78
C LEU G 282 20.87 -27.78 17.62
N ARG G 283 19.78 -28.28 17.04
CA ARG G 283 19.68 -29.74 16.88
C ARG G 283 20.75 -30.23 15.92
N ILE G 284 20.90 -29.54 14.79
CA ILE G 284 21.93 -29.91 13.83
C ILE G 284 23.30 -29.89 14.48
N LYS G 285 23.60 -28.84 15.24
CA LYS G 285 24.90 -28.76 15.90
C LYS G 285 25.10 -29.98 16.80
N LYS G 286 24.12 -30.28 17.64
CA LYS G 286 24.29 -31.37 18.59
C LYS G 286 24.64 -32.65 17.86
N THR G 287 23.78 -33.08 16.92
CA THR G 287 24.00 -34.38 16.27
C THR G 287 25.44 -34.52 15.78
N ILE G 288 25.95 -33.51 15.10
CA ILE G 288 27.33 -33.47 14.55
C ILE G 288 28.02 -34.83 14.54
N GLY H 1 -24.61 30.55 -9.06
CA GLY H 1 -25.49 31.01 -10.17
C GLY H 1 -26.67 31.82 -9.69
N MET H 2 -27.63 31.13 -9.06
CA MET H 2 -28.84 31.79 -8.59
C MET H 2 -28.59 32.69 -7.38
N ASP H 3 -27.48 32.49 -6.67
CA ASP H 3 -27.11 33.31 -5.53
C ASP H 3 -27.95 32.95 -4.31
N THR H 4 -27.41 33.20 -3.11
CA THR H 4 -28.06 32.78 -1.87
C THR H 4 -29.45 33.39 -1.71
N SER H 5 -29.73 34.52 -2.37
CA SER H 5 -31.03 35.16 -2.19
C SER H 5 -32.17 34.25 -2.63
N GLY H 6 -32.09 33.73 -3.86
CA GLY H 6 -33.18 32.89 -4.35
C GLY H 6 -33.27 31.57 -3.62
N LYS H 7 -32.13 30.95 -3.31
CA LYS H 7 -32.16 29.70 -2.57
C LYS H 7 -32.75 29.90 -1.18
N GLN H 8 -32.38 30.97 -0.50
CA GLN H 8 -32.95 31.25 0.81
C GLN H 8 -34.44 31.55 0.70
N ALA H 9 -34.86 32.24 -0.36
CA ALA H 9 -36.28 32.49 -0.55
C ALA H 9 -37.05 31.19 -0.73
N GLU H 10 -36.51 30.26 -1.52
CA GLU H 10 -37.19 29.00 -1.72
C GLU H 10 -37.19 28.16 -0.46
N ALA H 11 -36.10 28.20 0.30
CA ALA H 11 -36.06 27.50 1.58
C ALA H 11 -37.10 28.06 2.54
N MET H 12 -37.25 29.38 2.59
CA MET H 12 -38.26 29.98 3.45
C MET H 12 -39.66 29.60 2.99
N ALA H 13 -39.89 29.54 1.68
CA ALA H 13 -41.18 29.11 1.17
C ALA H 13 -41.48 27.68 1.61
N LEU H 14 -40.50 26.79 1.47
CA LEU H 14 -40.69 25.41 1.88
C LEU H 14 -40.94 25.31 3.39
N LEU H 15 -40.19 26.08 4.18
CA LEU H 15 -40.39 26.07 5.62
C LEU H 15 -41.78 26.53 5.99
N ALA H 16 -42.26 27.60 5.36
CA ALA H 16 -43.60 28.08 5.64
C ALA H 16 -44.65 27.04 5.26
N GLU H 17 -44.47 26.39 4.11
CA GLU H 17 -45.41 25.35 3.71
C GLU H 17 -45.43 24.21 4.71
N ALA H 18 -44.26 23.77 5.15
CA ALA H 18 -44.20 22.68 6.12
C ALA H 18 -44.86 23.09 7.44
N GLU H 19 -44.60 24.32 7.88
CA GLU H 19 -45.19 24.79 9.14
C GLU H 19 -46.70 24.82 9.04
N ARG H 20 -47.24 25.35 7.93
CA ARG H 20 -48.69 25.39 7.81
C ARG H 20 -49.27 23.99 7.71
N LYS H 21 -48.57 23.09 7.03
CA LYS H 21 -49.04 21.71 6.91
C LYS H 21 -49.12 21.05 8.28
N VAL H 22 -48.11 21.23 9.11
CA VAL H 22 -48.15 20.65 10.44
C VAL H 22 -49.22 21.34 11.29
N LYS H 23 -49.48 22.63 11.03
CA LYS H 23 -50.43 23.36 11.85
C LYS H 23 -51.82 22.74 11.80
N ASN H 24 -52.29 22.39 10.60
CA ASN H 24 -53.62 21.81 10.43
C ASN H 24 -53.56 20.29 10.66
N SER H 25 -53.14 19.93 11.87
CA SER H 25 -53.02 18.52 12.26
C SER H 25 -54.13 18.13 13.23
N GLY H 35 -53.67 12.11 9.27
CA GLY H 35 -52.62 12.88 9.92
C GLY H 35 -51.24 12.42 9.52
N SER H 36 -51.08 11.11 9.33
CA SER H 36 -49.78 10.56 8.97
C SER H 36 -49.26 11.20 7.69
N SER H 37 -50.13 11.38 6.70
CA SER H 37 -49.72 12.01 5.45
C SER H 37 -49.18 13.42 5.71
N LYS H 38 -49.86 14.18 6.57
CA LYS H 38 -49.43 15.54 6.83
C LYS H 38 -48.02 15.57 7.43
N ILE H 39 -47.79 14.76 8.46
CA ILE H 39 -46.49 14.77 9.12
C ILE H 39 -45.39 14.27 8.18
N GLU H 40 -45.67 13.19 7.43
CA GLU H 40 -44.66 12.68 6.52
C GLU H 40 -44.31 13.72 5.45
N GLU H 41 -45.33 14.39 4.90
CA GLU H 41 -45.08 15.40 3.89
C GLU H 41 -44.29 16.55 4.48
N ALA H 42 -44.61 16.92 5.73
CA ALA H 42 -43.88 18.00 6.38
C ALA H 42 -42.41 17.66 6.59
N CYS H 43 -42.12 16.42 7.02
CA CYS H 43 -40.72 16.06 7.19
C CYS H 43 -40.00 16.02 5.85
N GLU H 44 -40.68 15.57 4.81
CA GLU H 44 -40.07 15.60 3.49
C GLU H 44 -39.73 17.03 3.07
N ILE H 45 -40.64 17.96 3.30
CA ILE H 45 -40.33 19.36 2.99
C ILE H 45 -39.17 19.84 3.82
N TYR H 46 -39.12 19.45 5.10
CA TYR H 46 -38.02 19.88 5.95
C TYR H 46 -36.69 19.40 5.40
N ALA H 47 -36.64 18.15 4.96
CA ALA H 47 -35.41 17.62 4.38
C ALA H 47 -35.02 18.39 3.11
N ARG H 48 -35.99 18.65 2.24
CA ARG H 48 -35.68 19.38 1.02
C ARG H 48 -35.16 20.78 1.34
N ALA H 49 -35.80 21.46 2.29
CA ALA H 49 -35.37 22.80 2.67
C ALA H 49 -33.95 22.77 3.25
N ALA H 50 -33.65 21.76 4.07
CA ALA H 50 -32.31 21.66 4.62
C ALA H 50 -31.28 21.47 3.52
N ASN H 51 -31.58 20.63 2.54
CA ASN H 51 -30.64 20.45 1.44
C ASN H 51 -30.44 21.76 0.69
N MET H 52 -31.52 22.50 0.43
CA MET H 52 -31.39 23.77 -0.28
C MET H 52 -30.53 24.75 0.52
N PHE H 53 -30.73 24.80 1.84
CA PHE H 53 -29.92 25.67 2.67
C PHE H 53 -28.45 25.29 2.59
N LYS H 54 -28.16 23.99 2.69
CA LYS H 54 -26.77 23.54 2.59
C LYS H 54 -26.18 23.90 1.24
N MET H 55 -27.01 23.96 0.21
CA MET H 55 -26.54 24.48 -1.07
C MET H 55 -26.31 26.00 -1.01
N ALA H 56 -27.04 26.69 -0.14
CA ALA H 56 -26.95 28.14 -0.06
C ALA H 56 -25.74 28.64 0.70
N LYS H 57 -25.00 27.76 1.38
CA LYS H 57 -23.80 28.04 2.17
C LYS H 57 -24.14 28.60 3.56
N ASN H 58 -25.41 28.76 3.90
CA ASN H 58 -25.76 28.96 5.29
C ASN H 58 -25.55 27.65 6.06
N TRP H 59 -25.27 27.75 7.35
CA TRP H 59 -24.96 26.57 8.14
C TRP H 59 -25.74 26.45 9.44
N SER H 60 -26.56 27.45 9.79
CA SER H 60 -27.37 27.37 11.00
C SER H 60 -28.81 26.99 10.71
N ALA H 61 -29.42 27.58 9.68
CA ALA H 61 -30.77 27.19 9.31
C ALA H 61 -30.83 25.74 8.86
N ALA H 62 -29.73 25.25 8.25
CA ALA H 62 -29.68 23.83 7.89
C ALA H 62 -29.73 22.95 9.13
N GLY H 63 -28.98 23.32 10.16
CA GLY H 63 -29.03 22.57 11.40
C GLY H 63 -30.40 22.60 12.04
N ASN H 64 -31.04 23.78 12.05
CA ASN H 64 -32.37 23.88 12.63
C ASN H 64 -33.36 23.00 11.88
N ALA H 65 -33.33 23.06 10.55
CA ALA H 65 -34.25 22.24 9.75
C ALA H 65 -34.03 20.76 10.04
N PHE H 66 -32.78 20.32 10.03
CA PHE H 66 -32.51 18.91 10.27
C PHE H 66 -32.97 18.48 11.65
N CYS H 67 -32.75 19.33 12.66
CA CYS H 67 -33.16 18.99 14.01
C CYS H 67 -34.69 18.87 14.10
N GLN H 68 -35.41 19.79 13.47
CA GLN H 68 -36.86 19.70 13.49
C GLN H 68 -37.35 18.43 12.81
N ALA H 69 -36.75 18.09 11.66
CA ALA H 69 -37.12 16.85 10.99
C ALA H 69 -36.85 15.65 11.88
N ALA H 70 -35.73 15.66 12.58
CA ALA H 70 -35.39 14.57 13.48
C ALA H 70 -36.42 14.45 14.59
N GLN H 71 -36.84 15.58 15.16
CA GLN H 71 -37.85 15.54 16.21
C GLN H 71 -39.17 15.01 15.70
N LEU H 72 -39.53 15.35 14.47
CA LEU H 72 -40.77 14.81 13.90
C LEU H 72 -40.67 13.30 13.71
N HIS H 73 -39.52 12.81 13.21
CA HIS H 73 -39.34 11.37 13.07
C HIS H 73 -39.34 10.69 14.43
N LEU H 74 -38.86 11.38 15.46
CA LEU H 74 -38.86 10.81 16.80
C LEU H 74 -40.29 10.69 17.33
N GLN H 75 -41.08 11.75 17.21
CA GLN H 75 -42.44 11.68 17.72
C GLN H 75 -43.23 10.60 16.99
N LEU H 76 -43.08 10.53 15.67
CA LEU H 76 -43.59 9.35 14.99
C LEU H 76 -42.73 8.14 15.37
N GLN H 77 -43.31 6.95 15.28
CA GLN H 77 -42.67 5.73 15.78
C GLN H 77 -41.62 5.21 14.79
N SER H 78 -40.57 6.01 14.60
CA SER H 78 -39.41 5.60 13.83
C SER H 78 -38.16 6.14 14.51
N LYS H 79 -37.08 5.37 14.49
CA LYS H 79 -35.88 5.68 15.24
C LYS H 79 -34.67 5.92 14.37
N HIS H 80 -34.41 4.95 13.49
CA HIS H 80 -33.22 4.99 12.61
C HIS H 80 -33.17 6.33 11.91
N ASP H 81 -34.29 6.80 11.38
CA ASP H 81 -34.38 8.06 10.63
C ASP H 81 -34.05 9.24 11.54
N ALA H 82 -34.52 9.20 12.78
CA ALA H 82 -34.14 10.24 13.73
C ALA H 82 -32.63 10.27 13.93
N ALA H 83 -32.01 9.09 14.05
CA ALA H 83 -30.57 9.06 14.24
C ALA H 83 -29.84 9.65 13.04
N THR H 84 -30.28 9.32 11.84
CA THR H 84 -29.63 9.84 10.64
C THR H 84 -29.77 11.35 10.56
N CYS H 85 -30.96 11.87 10.89
CA CYS H 85 -31.14 13.32 10.85
C CYS H 85 -30.31 14.00 11.92
N PHE H 86 -30.19 13.39 13.09
CA PHE H 86 -29.37 13.98 14.15
C PHE H 86 -27.91 14.04 13.76
N VAL H 87 -27.37 12.96 13.17
CA VAL H 87 -25.97 12.98 12.79
C VAL H 87 -25.74 13.99 11.67
N ASP H 88 -26.67 14.09 10.72
CA ASP H 88 -26.53 15.10 9.68
C ASP H 88 -26.58 16.51 10.25
N ALA H 89 -27.46 16.75 11.22
CA ALA H 89 -27.51 18.06 11.87
C ALA H 89 -26.20 18.35 12.58
N GLY H 90 -25.61 17.34 13.22
CA GLY H 90 -24.32 17.55 13.86
C GLY H 90 -23.23 17.92 12.86
N ASN H 91 -23.18 17.20 11.75
CA ASN H 91 -22.21 17.54 10.72
C ASN H 91 -22.41 18.96 10.21
N ALA H 92 -23.67 19.40 10.10
CA ALA H 92 -23.94 20.75 9.66
C ALA H 92 -23.47 21.78 10.68
N PHE H 93 -23.82 21.57 11.95
CA PHE H 93 -23.42 22.49 13.01
C PHE H 93 -21.91 22.50 13.24
N LYS H 94 -21.21 21.47 12.77
CA LYS H 94 -19.77 21.35 12.96
C LYS H 94 -19.07 22.70 12.84
N LYS H 95 -19.51 23.53 11.91
CA LYS H 95 -18.89 24.85 11.70
C LYS H 95 -19.66 26.00 12.32
N ALA H 96 -20.96 25.82 12.57
CA ALA H 96 -21.76 26.92 13.12
C ALA H 96 -21.50 27.09 14.62
N ASP H 97 -21.74 26.04 15.40
CA ASP H 97 -21.70 26.14 16.85
C ASP H 97 -21.31 24.78 17.46
N PRO H 98 -20.13 24.68 18.08
CA PRO H 98 -19.69 23.36 18.57
C PRO H 98 -20.65 22.70 19.55
N GLN H 99 -21.23 23.46 20.49
CA GLN H 99 -21.95 22.82 21.58
C GLN H 99 -23.23 22.14 21.10
N GLU H 100 -23.92 22.76 20.15
CA GLU H 100 -25.09 22.10 19.57
C GLU H 100 -24.68 20.83 18.87
N ALA H 101 -23.54 20.83 18.19
CA ALA H 101 -23.05 19.62 17.55
C ALA H 101 -22.79 18.54 18.58
N ILE H 102 -22.18 18.91 19.71
CA ILE H 102 -21.93 17.93 20.76
C ILE H 102 -23.24 17.31 21.22
N ASN H 103 -24.24 18.15 21.48
CA ASN H 103 -25.51 17.63 21.96
C ASN H 103 -26.16 16.69 20.94
N CYS H 104 -26.18 17.09 19.68
CA CYS H 104 -26.82 16.27 18.66
C CYS H 104 -26.10 14.93 18.51
N LEU H 105 -24.77 14.95 18.45
CA LEU H 105 -24.03 13.70 18.31
C LEU H 105 -24.25 12.81 19.53
N MET H 106 -24.32 13.39 20.72
CA MET H 106 -24.57 12.60 21.91
C MET H 106 -25.92 11.91 21.84
N ARG H 107 -26.95 12.62 21.40
CA ARG H 107 -28.26 12.00 21.27
C ARG H 107 -28.24 10.90 20.22
N ALA H 108 -27.50 11.11 19.12
CA ALA H 108 -27.39 10.08 18.11
C ALA H 108 -26.74 8.83 18.65
N ILE H 109 -25.67 8.99 19.43
CA ILE H 109 -24.99 7.84 20.02
C ILE H 109 -25.92 7.12 20.98
N GLU H 110 -26.68 7.88 21.76
CA GLU H 110 -27.62 7.27 22.70
C GLU H 110 -28.62 6.40 21.96
N ILE H 111 -29.16 6.90 20.85
CA ILE H 111 -30.11 6.09 20.08
C ILE H 111 -29.41 4.87 19.49
N TYR H 112 -28.20 5.05 18.95
CA TYR H 112 -27.53 3.96 18.25
C TYR H 112 -27.23 2.80 19.18
N THR H 113 -26.69 3.10 20.37
CA THR H 113 -26.20 2.04 21.23
C THR H 113 -27.31 1.15 21.78
N ASP H 114 -28.57 1.54 21.65
CA ASP H 114 -29.65 0.74 22.20
C ASP H 114 -29.78 -0.59 21.48
N MET H 115 -29.63 -0.58 20.15
CA MET H 115 -29.91 -1.75 19.33
C MET H 115 -28.68 -2.58 19.02
N GLY H 116 -27.53 -2.24 19.59
CA GLY H 116 -26.36 -3.07 19.47
C GLY H 116 -25.36 -2.66 18.39
N ARG H 117 -25.55 -1.52 17.76
CA ARG H 117 -24.63 -1.05 16.71
C ARG H 117 -23.51 -0.29 17.39
N PHE H 118 -22.53 -1.05 17.91
CA PHE H 118 -21.51 -0.46 18.76
C PHE H 118 -20.46 0.31 17.97
N THR H 119 -20.04 -0.21 16.81
CA THR H 119 -18.97 0.45 16.07
C THR H 119 -19.33 1.89 15.69
N ILE H 120 -20.59 2.11 15.29
CA ILE H 120 -21.02 3.46 14.93
C ILE H 120 -20.92 4.38 16.13
N ALA H 121 -21.33 3.89 17.29
CA ALA H 121 -21.19 4.70 18.50
C ALA H 121 -19.73 5.02 18.76
N ALA H 122 -18.83 4.07 18.52
CA ALA H 122 -17.41 4.34 18.72
C ALA H 122 -16.93 5.46 17.81
N LYS H 123 -17.32 5.40 16.53
CA LYS H 123 -16.88 6.43 15.60
C LYS H 123 -17.38 7.81 16.03
N HIS H 124 -18.66 7.89 16.41
CA HIS H 124 -19.20 9.18 16.82
C HIS H 124 -18.51 9.69 18.08
N HIS H 125 -18.14 8.78 18.99
CA HIS H 125 -17.38 9.21 20.16
C HIS H 125 -16.05 9.82 19.74
N ILE H 126 -15.35 9.18 18.81
CA ILE H 126 -14.09 9.76 18.36
C ILE H 126 -14.30 11.12 17.74
N SER H 127 -15.47 11.36 17.16
CA SER H 127 -15.68 12.66 16.52
C SER H 127 -15.94 13.74 17.57
N ILE H 128 -16.77 13.42 18.56
CA ILE H 128 -16.98 14.36 19.66
C ILE H 128 -15.63 14.68 20.31
N ALA H 129 -14.76 13.68 20.41
CA ALA H 129 -13.47 13.90 21.05
C ALA H 129 -12.62 14.87 20.24
N GLU H 130 -12.56 14.66 18.93
CA GLU H 130 -11.81 15.60 18.09
C GLU H 130 -12.33 17.01 18.27
N ILE H 131 -13.65 17.18 18.35
CA ILE H 131 -14.20 18.51 18.63
C ILE H 131 -13.63 19.05 19.93
N TYR H 132 -13.80 18.30 21.03
CA TYR H 132 -13.35 18.81 22.32
C TYR H 132 -11.87 19.12 22.37
N GLU H 133 -11.06 18.52 21.51
CA GLU H 133 -9.63 18.75 21.60
C GLU H 133 -9.09 19.76 20.59
N THR H 134 -9.85 20.05 19.53
CA THR H 134 -9.32 20.98 18.52
C THR H 134 -9.74 22.42 18.74
N GLU H 135 -10.98 22.66 19.16
CA GLU H 135 -11.47 24.02 19.43
C GLU H 135 -11.59 24.30 20.93
N LEU H 136 -12.33 23.46 21.66
CA LEU H 136 -12.40 23.57 23.11
C LEU H 136 -11.09 23.08 23.73
N VAL H 137 -10.82 23.56 24.93
CA VAL H 137 -9.57 23.25 25.63
C VAL H 137 -9.76 22.18 26.71
N ASP H 138 -10.87 21.44 26.69
CA ASP H 138 -11.16 20.48 27.76
C ASP H 138 -10.52 19.14 27.42
N VAL H 139 -9.28 18.94 27.87
CA VAL H 139 -8.59 17.68 27.59
C VAL H 139 -9.19 16.53 28.38
N GLU H 140 -9.71 16.78 29.59
CA GLU H 140 -10.21 15.67 30.40
C GLU H 140 -11.36 14.97 29.70
N LYS H 141 -12.29 15.73 29.13
CA LYS H 141 -13.40 15.12 28.41
C LYS H 141 -12.90 14.37 27.19
N ALA H 142 -11.87 14.89 26.53
CA ALA H 142 -11.29 14.17 25.40
C ALA H 142 -10.74 12.82 25.84
N ILE H 143 -10.07 12.78 26.99
CA ILE H 143 -9.56 11.51 27.48
C ILE H 143 -10.71 10.55 27.77
N ALA H 144 -11.78 11.06 28.40
CA ALA H 144 -12.90 10.18 28.73
C ALA H 144 -13.52 9.60 27.46
N HIS H 145 -13.72 10.43 26.45
CA HIS H 145 -14.33 9.96 25.21
C HIS H 145 -13.44 8.96 24.50
N TYR H 146 -12.13 9.20 24.47
CA TYR H 146 -11.24 8.24 23.86
C TYR H 146 -11.28 6.90 24.58
N GLU H 147 -11.32 6.94 25.91
CA GLU H 147 -11.41 5.69 26.67
C GLU H 147 -12.68 4.92 26.31
N GLN H 148 -13.81 5.62 26.23
CA GLN H 148 -15.05 4.94 25.89
C GLN H 148 -14.97 4.30 24.50
N SER H 149 -14.42 5.03 23.53
CA SER H 149 -14.29 4.48 22.19
C SER H 149 -13.38 3.26 22.17
N ALA H 150 -12.26 3.33 22.91
CA ALA H 150 -11.35 2.20 22.95
C ALA H 150 -12.04 0.98 23.53
N ASP H 151 -12.83 1.16 24.58
CA ASP H 151 -13.54 0.03 25.17
C ASP H 151 -14.52 -0.57 24.17
N TYR H 152 -15.29 0.27 23.47
CA TYR H 152 -16.25 -0.25 22.51
C TYR H 152 -15.55 -1.05 21.43
N TYR H 153 -14.46 -0.53 20.89
CA TYR H 153 -13.75 -1.27 19.85
C TYR H 153 -13.19 -2.58 20.39
N LYS H 154 -12.58 -2.54 21.58
CA LYS H 154 -12.00 -3.75 22.14
C LYS H 154 -13.06 -4.82 22.35
N GLY H 155 -14.30 -4.41 22.59
CA GLY H 155 -15.35 -5.39 22.81
C GLY H 155 -15.68 -6.24 21.61
N GLU H 156 -15.17 -5.91 20.42
CA GLU H 156 -15.47 -6.64 19.19
C GLU H 156 -14.24 -7.29 18.59
N GLU H 157 -13.16 -7.42 19.35
CA GLU H 157 -11.91 -8.03 18.92
C GLU H 157 -11.20 -7.22 17.85
N SER H 158 -11.62 -5.97 17.61
CA SER H 158 -10.93 -5.10 16.65
C SER H 158 -9.69 -4.48 17.30
N ASN H 159 -8.77 -5.36 17.72
CA ASN H 159 -7.57 -4.90 18.39
C ASN H 159 -6.78 -3.91 17.55
N SER H 160 -6.86 -4.02 16.21
CA SER H 160 -6.03 -3.18 15.37
C SER H 160 -6.50 -1.73 15.36
N SER H 161 -7.76 -1.48 15.69
CA SER H 161 -8.31 -0.14 15.74
C SER H 161 -8.56 0.33 17.16
N ALA H 162 -8.31 -0.51 18.16
CA ALA H 162 -8.40 -0.11 19.56
C ALA H 162 -7.06 0.27 20.15
N ASN H 163 -6.01 0.37 19.34
CA ASN H 163 -4.69 0.69 19.84
C ASN H 163 -4.28 2.11 19.49
N LYS H 164 -5.03 2.78 18.62
CA LYS H 164 -4.83 4.19 18.33
C LYS H 164 -5.41 5.06 19.44
N CYS H 165 -6.63 4.75 19.87
CA CYS H 165 -7.24 5.50 20.95
C CYS H 165 -6.43 5.38 22.24
N LEU H 166 -5.94 4.18 22.52
CA LEU H 166 -5.14 4.02 23.74
C LEU H 166 -3.87 4.84 23.67
N LEU H 167 -3.22 4.90 22.51
CA LEU H 167 -2.01 5.70 22.40
C LEU H 167 -2.29 7.18 22.59
N LYS H 168 -3.38 7.68 22.01
CA LYS H 168 -3.72 9.09 22.21
C LYS H 168 -4.01 9.36 23.68
N VAL H 169 -4.76 8.47 24.34
CA VAL H 169 -5.04 8.63 25.76
C VAL H 169 -3.74 8.68 26.55
N ALA H 170 -2.81 7.78 26.24
CA ALA H 170 -1.55 7.73 26.96
C ALA H 170 -0.77 9.02 26.79
N GLY H 171 -0.73 9.54 25.57
CA GLY H 171 -0.02 10.79 25.35
C GLY H 171 -0.61 11.94 26.13
N TYR H 172 -1.94 12.06 26.13
CA TYR H 172 -2.56 13.16 26.83
C TYR H 172 -2.41 13.01 28.34
N ALA H 173 -2.41 11.78 28.86
CA ALA H 173 -2.20 11.59 30.28
C ALA H 173 -0.76 11.86 30.68
N ALA H 174 0.19 11.58 29.79
CA ALA H 174 1.58 11.94 30.08
C ALA H 174 1.75 13.45 30.10
N GLN H 175 1.10 14.17 29.20
CA GLN H 175 1.18 15.63 29.23
C GLN H 175 0.66 16.18 30.55
N LEU H 176 -0.38 15.57 31.10
CA LEU H 176 -1.02 16.06 32.32
C LEU H 176 -0.27 15.69 33.60
N GLU H 177 0.80 14.91 33.50
CA GLU H 177 1.63 14.43 34.60
C GLU H 177 1.10 13.18 35.30
N GLN H 178 0.01 12.57 34.85
CA GLN H 178 -0.37 11.25 35.36
C GLN H 178 0.52 10.23 34.67
N TYR H 179 1.65 9.88 35.29
CA TYR H 179 2.65 9.07 34.60
C TYR H 179 2.35 7.58 34.68
N GLN H 180 1.73 7.11 35.77
CA GLN H 180 1.51 5.67 35.89
C GLN H 180 0.61 5.17 34.79
N LYS H 181 -0.46 5.91 34.46
CA LYS H 181 -1.36 5.47 33.41
C LYS H 181 -0.66 5.39 32.07
N ALA H 182 0.15 6.40 31.75
CA ALA H 182 0.87 6.39 30.48
C ALA H 182 1.85 5.22 30.43
N ILE H 183 2.54 4.95 31.53
CA ILE H 183 3.49 3.84 31.54
C ILE H 183 2.77 2.52 31.30
N ASP H 184 1.65 2.32 31.99
CA ASP H 184 0.92 1.07 31.83
C ASP H 184 0.48 0.88 30.39
N ILE H 185 -0.12 1.92 29.80
CA ILE H 185 -0.63 1.78 28.43
C ILE H 185 0.51 1.53 27.45
N TYR H 186 1.61 2.28 27.59
CA TYR H 186 2.72 2.13 26.67
C TYR H 186 3.30 0.73 26.75
N GLU H 187 3.56 0.23 27.96
CA GLU H 187 4.08 -1.13 28.05
C GLU H 187 3.11 -2.10 27.41
N GLN H 188 1.84 -2.09 27.84
CA GLN H 188 0.88 -3.07 27.31
C GLN H 188 0.89 -3.09 25.79
N VAL H 189 0.84 -1.91 25.17
CA VAL H 189 0.81 -1.87 23.70
C VAL H 189 2.10 -2.41 23.12
N GLY H 190 3.25 -2.08 23.72
CA GLY H 190 4.51 -2.59 23.22
C GLY H 190 4.57 -4.10 23.29
N THR H 191 4.15 -4.68 24.41
CA THR H 191 4.16 -6.13 24.57
C THR H 191 3.22 -6.79 23.57
N SER H 192 2.04 -6.20 23.35
CA SER H 192 1.12 -6.76 22.38
C SER H 192 1.69 -6.73 20.97
N ALA H 193 2.30 -5.62 20.58
CA ALA H 193 2.83 -5.49 19.23
C ALA H 193 4.13 -6.25 19.02
N MET H 194 4.83 -6.59 20.09
CA MET H 194 6.10 -7.30 19.95
C MET H 194 5.92 -8.62 19.22
N ASP H 195 4.88 -9.38 19.59
CA ASP H 195 4.73 -10.73 19.06
C ASP H 195 4.43 -10.72 17.56
N SER H 196 3.54 -9.83 17.11
CA SER H 196 3.14 -9.85 15.71
C SER H 196 4.33 -9.56 14.82
N PRO H 197 4.58 -10.38 13.79
CA PRO H 197 5.75 -10.14 12.94
C PRO H 197 5.70 -8.81 12.20
N LEU H 198 4.52 -8.40 11.74
CA LEU H 198 4.43 -7.19 10.92
C LEU H 198 4.73 -5.93 11.72
N LEU H 199 4.09 -5.79 12.88
CA LEU H 199 4.22 -4.58 13.68
C LEU H 199 5.48 -4.58 14.55
N LYS H 200 6.25 -5.66 14.52
CA LYS H 200 7.42 -5.75 15.39
C LYS H 200 8.34 -4.56 15.20
N TYR H 201 8.57 -4.15 13.95
CA TYR H 201 9.56 -3.12 13.68
C TYR H 201 9.24 -1.82 14.39
N SER H 202 7.96 -1.54 14.63
CA SER H 202 7.58 -0.30 15.30
C SER H 202 7.74 -0.39 16.81
N ALA H 203 7.62 -1.58 17.39
CA ALA H 203 7.53 -1.69 18.84
C ALA H 203 8.65 -0.91 19.53
N LYS H 204 9.83 -0.88 18.93
CA LYS H 204 10.98 -0.24 19.56
C LYS H 204 10.62 1.14 20.10
N ASP H 205 9.75 1.86 19.41
CA ASP H 205 9.40 3.21 19.86
C ASP H 205 8.76 3.17 21.24
N TYR H 206 7.67 2.40 21.39
CA TYR H 206 6.85 2.50 22.59
C TYR H 206 7.70 2.28 23.84
N PHE H 207 8.50 1.22 23.86
CA PHE H 207 9.32 0.96 25.04
C PHE H 207 10.15 2.18 25.39
N PHE H 208 10.83 2.77 24.41
CA PHE H 208 11.58 3.99 24.67
C PHE H 208 10.70 5.03 25.33
N LYS H 209 9.55 5.30 24.73
CA LYS H 209 8.66 6.32 25.26
C LYS H 209 8.19 5.97 26.66
N ALA H 210 8.16 4.69 27.00
CA ALA H 210 7.84 4.31 28.38
C ALA H 210 8.97 4.70 29.32
N ALA H 211 10.21 4.38 28.95
CA ALA H 211 11.33 4.61 29.85
C ALA H 211 11.40 6.07 30.27
N LEU H 212 11.25 6.98 29.31
CA LEU H 212 11.27 8.40 29.64
C LEU H 212 10.30 8.71 30.77
N CYS H 213 9.07 8.23 30.65
CA CYS H 213 8.10 8.49 31.71
C CYS H 213 8.63 8.02 33.06
N HIS H 214 9.17 6.80 33.11
CA HIS H 214 9.78 6.31 34.34
C HIS H 214 10.82 7.30 34.83
N PHE H 215 11.68 7.74 33.93
CA PHE H 215 12.79 8.61 34.30
C PHE H 215 12.29 9.93 34.89
N CYS H 216 11.05 10.31 34.62
CA CYS H 216 10.53 11.54 35.21
C CYS H 216 10.38 11.40 36.72
N ILE H 217 10.00 10.22 37.20
CA ILE H 217 9.82 10.05 38.64
C ILE H 217 11.16 10.07 39.35
N ASP H 218 12.09 9.22 38.94
CA ASP H 218 13.39 9.09 39.60
C ASP H 218 14.31 8.26 38.72
N MET H 219 15.61 8.52 38.82
CA MET H 219 16.57 7.90 37.91
C MET H 219 16.64 6.40 38.10
N LEU H 220 16.66 5.93 39.35
CA LEU H 220 16.82 4.50 39.59
C LEU H 220 15.71 3.70 38.93
N ASN H 221 14.48 4.23 38.97
CA ASN H 221 13.39 3.55 38.31
C ASN H 221 13.68 3.39 36.83
N ALA H 222 14.26 4.41 36.21
CA ALA H 222 14.60 4.31 34.80
C ALA H 222 15.64 3.23 34.57
N LYS H 223 16.67 3.16 35.42
CA LYS H 223 17.68 2.13 35.24
C LYS H 223 17.05 0.74 35.28
N LEU H 224 16.26 0.48 36.32
CA LEU H 224 15.67 -0.84 36.47
C LEU H 224 14.71 -1.15 35.33
N ALA H 225 13.91 -0.17 34.90
CA ALA H 225 12.97 -0.39 33.81
C ALA H 225 13.70 -0.71 32.52
N VAL H 226 14.78 0.02 32.21
CA VAL H 226 15.53 -0.27 31.00
C VAL H 226 16.09 -1.69 31.04
N GLN H 227 16.62 -2.09 32.20
CA GLN H 227 17.10 -3.47 32.31
C GLN H 227 15.97 -4.46 32.05
N LYS H 228 14.80 -4.21 32.64
CA LYS H 228 13.69 -5.13 32.45
C LYS H 228 13.33 -5.25 30.98
N TYR H 229 13.28 -4.13 30.25
CA TYR H 229 12.86 -4.20 28.86
C TYR H 229 13.91 -4.86 27.98
N GLU H 230 15.19 -4.63 28.29
CA GLU H 230 16.22 -5.33 27.52
C GLU H 230 16.11 -6.83 27.74
N GLU H 231 15.91 -7.26 28.98
CA GLU H 231 15.76 -8.70 29.23
C GLU H 231 14.53 -9.25 28.52
N LEU H 232 13.41 -8.54 28.60
CA LEU H 232 12.17 -9.03 27.99
C LEU H 232 12.26 -9.10 26.47
N PHE H 233 13.03 -8.21 25.87
CA PHE H 233 13.03 -8.05 24.42
C PHE H 233 14.42 -7.61 23.99
N PRO H 234 15.13 -8.39 23.18
CA PRO H 234 16.57 -8.19 23.04
C PRO H 234 16.97 -7.18 21.97
N ALA H 235 16.15 -7.01 20.94
CA ALA H 235 16.51 -6.08 19.87
C ALA H 235 16.61 -4.64 20.40
N PHE H 236 15.80 -4.31 21.40
CA PHE H 236 15.88 -2.98 21.99
C PHE H 236 17.29 -2.62 22.39
N SER H 237 18.08 -3.60 22.81
CA SER H 237 19.43 -3.36 23.29
C SER H 237 20.40 -2.96 22.19
N ASP H 238 20.00 -2.93 20.92
CA ASP H 238 20.94 -2.60 19.85
C ASP H 238 20.37 -1.55 18.91
N SER H 239 19.49 -0.71 19.41
CA SER H 239 18.99 0.43 18.65
C SER H 239 19.73 1.68 19.10
N ARG H 240 19.27 2.84 18.64
CA ARG H 240 19.89 4.10 19.04
C ARG H 240 19.22 4.72 20.25
N GLU H 241 17.93 4.45 20.48
CA GLU H 241 17.27 5.02 21.65
C GLU H 241 17.87 4.48 22.94
N CYS H 242 18.16 3.19 23.00
CA CYS H 242 18.76 2.63 24.20
C CYS H 242 20.13 3.21 24.46
N LYS H 243 20.89 3.49 23.40
CA LYS H 243 22.20 4.12 23.57
C LYS H 243 22.05 5.48 24.25
N LEU H 244 21.10 6.29 23.76
CA LEU H 244 20.87 7.60 24.34
C LEU H 244 20.43 7.48 25.79
N MET H 245 19.54 6.53 26.09
CA MET H 245 19.08 6.36 27.46
C MET H 245 20.25 6.02 28.37
N LYS H 246 21.08 5.08 27.96
CA LYS H 246 22.24 4.72 28.78
C LYS H 246 23.15 5.92 28.98
N LYS H 247 23.41 6.67 27.90
CA LYS H 247 24.31 7.80 27.99
C LYS H 247 23.78 8.84 28.96
N LEU H 248 22.49 9.15 28.89
CA LEU H 248 21.92 10.14 29.80
C LEU H 248 21.90 9.65 31.24
N LEU H 249 21.54 8.38 31.45
CA LEU H 249 21.50 7.86 32.80
C LEU H 249 22.89 7.86 33.43
N GLU H 250 23.93 7.68 32.63
CA GLU H 250 25.27 7.81 33.17
C GLU H 250 25.64 9.27 33.40
N ALA H 251 25.32 10.13 32.44
CA ALA H 251 25.75 11.52 32.52
C ALA H 251 25.14 12.24 33.71
N HIS H 252 23.86 12.01 33.98
CA HIS H 252 23.16 12.74 35.02
C HIS H 252 23.38 12.16 36.42
N GLU H 253 24.33 11.25 36.57
CA GLU H 253 24.61 10.73 37.90
C GLU H 253 25.69 11.54 38.61
N GLU H 254 26.26 12.54 37.94
CA GLU H 254 27.33 13.36 38.51
C GLU H 254 27.09 14.84 38.27
N GLN H 255 25.83 15.24 38.09
CA GLN H 255 25.48 16.64 37.92
C GLN H 255 26.40 17.32 36.91
N ASN H 256 26.36 16.81 35.67
CA ASN H 256 27.20 17.27 34.59
C ASN H 256 26.30 17.62 33.41
N VAL H 257 25.81 18.86 33.37
CA VAL H 257 24.78 19.21 32.39
C VAL H 257 25.35 19.37 30.99
N ASP H 258 26.64 19.67 30.87
CA ASP H 258 27.23 19.81 29.54
C ASP H 258 27.12 18.50 28.78
N SER H 259 27.39 17.38 29.44
CA SER H 259 27.26 16.08 28.77
C SER H 259 25.81 15.82 28.38
N TYR H 260 24.87 16.19 29.26
CA TYR H 260 23.46 16.01 28.95
C TYR H 260 23.09 16.74 27.66
N THR H 261 23.39 18.03 27.61
CA THR H 261 23.02 18.80 26.43
C THR H 261 23.75 18.31 25.20
N GLU H 262 25.02 17.92 25.37
CA GLU H 262 25.78 17.40 24.24
C GLU H 262 25.12 16.16 23.65
N SER H 263 24.75 15.21 24.50
CA SER H 263 24.11 14.00 24.01
C SER H 263 22.78 14.31 23.32
N VAL H 264 21.99 15.19 23.94
CA VAL H 264 20.69 15.51 23.35
C VAL H 264 20.88 16.15 21.97
N LYS H 265 21.82 17.09 21.86
CA LYS H 265 22.03 17.77 20.58
C LYS H 265 22.56 16.80 19.54
N GLU H 266 23.49 15.92 19.92
CA GLU H 266 24.01 14.95 18.97
C GLU H 266 22.90 14.06 18.44
N TYR H 267 22.03 13.57 19.32
CA TYR H 267 20.92 12.76 18.86
C TYR H 267 20.00 13.57 17.96
N ASP H 268 19.74 14.83 18.32
CA ASP H 268 18.84 15.66 17.53
C ASP H 268 19.37 15.90 16.13
N SER H 269 20.70 15.98 15.97
CA SER H 269 21.27 16.33 14.68
C SER H 269 20.83 15.34 13.60
N ILE H 270 21.00 14.04 13.84
CA ILE H 270 20.70 13.04 12.82
C ILE H 270 19.20 12.91 12.61
N SER H 271 18.41 13.17 13.65
CA SER H 271 16.95 13.03 13.56
C SER H 271 16.31 14.05 14.49
N ARG H 272 15.39 14.85 13.93
CA ARG H 272 14.73 15.88 14.72
C ARG H 272 13.69 15.28 15.65
N LEU H 273 13.41 16.01 16.73
CA LEU H 273 12.50 15.56 17.79
C LEU H 273 11.26 16.44 17.80
N ASP H 274 10.10 15.79 17.90
CA ASP H 274 8.84 16.52 17.88
C ASP H 274 8.64 17.22 19.23
N GLN H 275 7.46 17.85 19.38
CA GLN H 275 7.21 18.67 20.57
C GLN H 275 7.18 17.82 21.84
N TRP H 276 6.54 16.66 21.79
CA TRP H 276 6.39 15.84 22.98
C TRP H 276 7.75 15.47 23.57
N LEU H 277 8.66 14.99 22.71
CA LEU H 277 9.97 14.56 23.20
C LEU H 277 10.76 15.71 23.80
N THR H 278 10.76 16.87 23.15
CA THR H 278 11.53 17.98 23.70
C THR H 278 10.96 18.45 25.01
N THR H 279 9.62 18.49 25.13
CA THR H 279 9.04 18.88 26.41
C THR H 279 9.45 17.90 27.50
N MET H 280 9.43 16.60 27.20
CA MET H 280 9.82 15.63 28.22
C MET H 280 11.28 15.77 28.60
N LEU H 281 12.16 15.98 27.63
CA LEU H 281 13.58 16.10 27.94
C LEU H 281 13.84 17.34 28.79
N LEU H 282 13.15 18.45 28.51
CA LEU H 282 13.35 19.64 29.33
C LEU H 282 12.84 19.42 30.75
N ARG H 283 11.67 18.80 30.89
CA ARG H 283 11.17 18.46 32.22
C ARG H 283 12.19 17.65 32.99
N ILE H 284 12.76 16.64 32.33
CA ILE H 284 13.68 15.75 33.03
C ILE H 284 14.92 16.50 33.46
N LYS H 285 15.50 17.28 32.56
CA LYS H 285 16.71 18.01 32.91
C LYS H 285 16.45 18.93 34.08
N LYS H 286 15.43 19.79 33.98
CA LYS H 286 15.18 20.74 35.04
C LYS H 286 14.92 20.05 36.36
N THR H 287 14.07 19.03 36.36
CA THR H 287 13.67 18.40 37.61
C THR H 287 14.83 17.69 38.28
N ILE H 288 15.53 16.83 37.55
CA ILE H 288 16.44 15.88 38.14
C ILE H 288 17.89 16.35 38.11
N GLN H 289 18.33 16.96 37.00
CA GLN H 289 19.75 17.23 36.86
C GLN H 289 20.26 18.17 37.94
N GLY H 290 19.37 18.94 38.56
CA GLY H 290 19.76 19.85 39.63
C GLY H 290 20.47 19.15 40.77
N MET I 4 6.11 -7.76 63.92
CA MET I 4 6.53 -9.19 63.76
C MET I 4 5.63 -9.92 62.78
N ALA I 5 4.35 -9.56 62.75
CA ALA I 5 3.40 -10.23 61.86
C ALA I 5 3.58 -9.78 60.41
N GLY I 6 3.95 -8.53 60.18
CA GLY I 6 4.18 -8.02 58.85
C GLY I 6 3.05 -7.15 58.34
N ARG I 7 3.40 -6.06 57.66
CA ARG I 7 2.41 -5.14 57.09
C ARG I 7 2.87 -4.71 55.71
N SER I 8 1.91 -4.22 54.92
CA SER I 8 2.19 -3.74 53.57
C SER I 8 2.60 -2.27 53.65
N MET I 9 3.87 -1.99 53.35
CA MET I 9 4.42 -0.65 53.41
C MET I 9 4.99 -0.27 52.03
N GLN I 10 5.20 1.02 51.84
CA GLN I 10 5.58 1.56 50.55
C GLN I 10 6.91 2.30 50.65
N ALA I 11 7.77 2.09 49.67
CA ALA I 11 9.08 2.74 49.65
C ALA I 11 8.94 4.20 49.24
N ALA I 12 9.62 5.08 49.98
CA ALA I 12 9.61 6.52 49.73
C ALA I 12 11.05 7.02 49.65
N ARG I 13 11.20 8.32 49.41
CA ARG I 13 12.52 8.95 49.34
C ARG I 13 12.92 9.46 50.73
N CYS I 14 14.16 9.19 51.10
CA CYS I 14 14.65 9.58 52.41
C CYS I 14 14.62 11.09 52.59
N PRO I 15 14.07 11.60 53.70
CA PRO I 15 14.10 13.04 53.96
C PRO I 15 15.47 13.52 54.44
N THR I 16 15.83 14.73 54.01
CA THR I 16 17.05 15.41 54.43
C THR I 16 18.33 14.58 54.20
N ASP I 17 19.46 15.29 54.06
CA ASP I 17 20.74 14.63 53.81
C ASP I 17 21.28 13.93 55.04
N GLU I 18 21.17 14.56 56.22
CA GLU I 18 21.78 14.00 57.42
C GLU I 18 21.21 12.62 57.73
N LEU I 19 19.88 12.46 57.62
CA LEU I 19 19.30 11.14 57.82
C LEU I 19 19.76 10.16 56.74
N SER I 20 20.08 10.69 55.56
CA SER I 20 20.56 9.84 54.47
C SER I 20 21.96 9.32 54.76
N LEU I 21 22.80 10.14 55.40
CA LEU I 21 24.11 9.67 55.79
C LEU I 21 24.06 8.83 57.05
N SER I 22 22.98 8.95 57.83
CA SER I 22 22.76 8.10 59.00
C SER I 22 22.05 6.84 58.53
N ASN I 23 22.83 5.82 58.16
CA ASN I 23 22.26 4.59 57.62
C ASN I 23 21.15 4.04 58.49
N CYS I 24 19.94 4.03 57.95
CA CYS I 24 18.77 3.45 58.59
C CYS I 24 17.59 3.63 57.64
N ALA I 25 16.58 2.79 57.81
CA ALA I 25 15.31 2.99 57.14
C ALA I 25 14.47 3.95 57.95
N VAL I 26 13.88 4.94 57.29
CA VAL I 26 13.20 6.03 57.98
C VAL I 26 11.72 5.70 58.04
N VAL I 27 11.14 5.86 59.23
CA VAL I 27 9.76 5.47 59.51
C VAL I 27 9.06 6.62 60.21
N SER I 28 7.75 6.53 60.29
CA SER I 28 6.95 7.56 60.94
C SER I 28 7.00 7.41 62.44
N GLU I 29 6.98 8.56 63.13
CA GLU I 29 7.07 8.56 64.59
C GLU I 29 5.90 7.86 65.25
N LYS I 30 4.80 7.63 64.54
CA LYS I 30 3.62 7.01 65.14
C LYS I 30 3.78 5.51 65.32
N ASP I 31 4.68 4.87 64.56
CA ASP I 31 4.76 3.41 64.54
C ASP I 31 5.92 2.87 65.35
N TYR I 32 7.12 3.42 65.19
CA TYR I 32 8.30 2.84 65.80
C TYR I 32 9.18 3.97 66.34
N GLN I 33 10.40 3.58 66.74
CA GLN I 33 11.42 4.48 67.26
C GLN I 33 12.73 4.13 66.56
N SER I 34 13.86 4.26 67.22
CA SER I 34 15.15 4.03 66.58
C SER I 34 15.90 2.93 67.32
N GLY I 35 16.62 2.11 66.55
CA GLY I 35 17.36 0.98 67.06
C GLY I 35 16.66 -0.35 66.87
N GLN I 36 15.39 -0.36 66.49
CA GLN I 36 14.67 -1.60 66.24
C GLN I 36 15.17 -2.26 64.97
N HIS I 37 14.91 -3.57 64.85
CA HIS I 37 15.33 -4.36 63.71
C HIS I 37 14.12 -4.92 62.97
N VAL I 38 14.16 -4.86 61.63
CA VAL I 38 13.07 -5.37 60.81
C VAL I 38 13.64 -6.09 59.58
N ILE I 39 12.82 -6.97 59.03
CA ILE I 39 13.11 -7.67 57.79
C ILE I 39 12.10 -7.19 56.75
N VAL I 40 12.61 -6.78 55.59
CA VAL I 40 11.80 -6.31 54.48
C VAL I 40 11.87 -7.37 53.38
N ARG I 41 10.70 -7.81 52.94
CA ARG I 41 10.55 -8.80 51.87
C ARG I 41 9.91 -8.11 50.68
N THR I 42 10.59 -8.21 49.53
CA THR I 42 10.05 -7.76 48.25
C THR I 42 9.66 -8.92 47.35
N SER I 43 10.12 -10.13 47.67
CA SER I 43 9.79 -11.32 46.92
C SER I 43 10.18 -12.52 47.77
N PRO I 44 9.73 -13.74 47.42
CA PRO I 44 10.06 -14.90 48.26
C PRO I 44 11.54 -15.16 48.41
N ASN I 45 12.36 -14.79 47.41
CA ASN I 45 13.74 -15.23 47.35
C ASN I 45 14.79 -14.18 47.72
N HIS I 46 14.39 -12.93 47.97
CA HIS I 46 15.35 -11.90 48.40
C HIS I 46 14.70 -11.03 49.48
N LYS I 47 15.20 -11.14 50.70
CA LYS I 47 14.73 -10.33 51.83
C LYS I 47 15.95 -9.77 52.57
N TYR I 48 15.81 -8.55 53.10
CA TYR I 48 16.93 -7.83 53.70
C TYR I 48 16.54 -7.23 55.05
N ILE I 49 17.50 -7.22 55.98
CA ILE I 49 17.27 -6.73 57.35
C ILE I 49 17.82 -5.31 57.48
N PHE I 50 17.00 -4.41 58.02
CA PHE I 50 17.37 -3.02 58.24
C PHE I 50 16.96 -2.57 59.65
N THR I 51 17.61 -1.51 60.12
CA THR I 51 17.28 -0.88 61.38
C THR I 51 16.54 0.42 61.13
N LEU I 52 15.57 0.74 61.98
CA LEU I 52 14.66 1.85 61.77
C LEU I 52 15.10 3.11 62.53
N ARG I 53 14.71 4.27 61.99
CA ARG I 53 14.89 5.56 62.64
C ARG I 53 13.70 6.44 62.31
N THR I 54 13.19 7.17 63.32
CA THR I 54 12.05 8.04 63.10
C THR I 54 12.49 9.44 62.64
N HIS I 55 11.62 10.10 61.87
CA HIS I 55 11.87 11.45 61.32
C HIS I 55 10.56 12.23 61.41
N PRO I 56 10.57 13.58 61.50
CA PRO I 56 9.34 14.35 61.68
C PRO I 56 8.64 14.70 60.36
N SER I 57 8.95 13.99 59.27
CA SER I 57 8.38 14.28 57.93
C SER I 57 7.85 13.02 57.25
N VAL I 58 8.11 11.82 57.78
CA VAL I 58 7.71 10.58 57.13
C VAL I 58 6.19 10.43 57.19
N VAL I 59 5.59 10.17 56.03
CA VAL I 59 4.15 10.02 55.94
C VAL I 59 3.77 8.61 56.38
N PRO I 60 2.79 8.42 57.26
CA PRO I 60 2.47 7.07 57.73
C PRO I 60 2.12 6.15 56.57
N GLY I 61 2.56 4.90 56.68
CA GLY I 61 2.32 3.91 55.65
C GLY I 61 3.44 3.75 54.63
N SER I 62 4.57 4.41 54.82
CA SER I 62 5.69 4.30 53.90
C SER I 62 7.00 4.20 54.67
N VAL I 63 8.02 3.67 54.00
CA VAL I 63 9.37 3.56 54.53
C VAL I 63 10.33 4.18 53.51
N ALA I 64 11.17 5.09 53.97
CA ALA I 64 12.09 5.82 53.09
C ALA I 64 13.49 5.21 53.15
N PHE I 65 14.14 5.15 51.99
CA PHE I 65 15.49 4.61 51.87
C PHE I 65 16.37 5.59 51.12
N SER I 66 17.67 5.54 51.41
CA SER I 66 18.64 6.37 50.71
C SER I 66 19.10 5.68 49.42
N LEU I 67 19.80 6.43 48.58
CA LEU I 67 20.25 5.89 47.30
C LEU I 67 21.03 4.60 47.44
N PRO I 68 22.01 4.48 48.33
CA PRO I 68 22.74 3.20 48.44
C PRO I 68 21.84 2.02 48.78
N GLN I 69 20.89 2.20 49.69
CA GLN I 69 20.02 1.08 50.06
C GLN I 69 19.16 0.66 48.89
N ARG I 70 18.60 1.62 48.15
CA ARG I 70 17.79 1.28 46.99
C ARG I 70 18.64 0.62 45.90
N LYS I 71 19.87 1.08 45.71
CA LYS I 71 20.71 0.48 44.69
C LYS I 71 21.15 -0.93 45.08
N TRP I 72 21.23 -1.21 46.37
CA TRP I 72 21.62 -2.56 46.79
C TRP I 72 20.42 -3.51 46.75
N ALA I 73 19.29 -3.09 47.32
CA ALA I 73 18.14 -3.97 47.42
C ALA I 73 17.30 -4.01 46.15
N GLY I 74 17.59 -3.18 45.17
CA GLY I 74 16.84 -3.20 43.93
C GLY I 74 15.39 -2.79 44.12
N LEU I 75 15.17 -1.66 44.77
CA LEU I 75 13.84 -1.18 45.09
C LEU I 75 13.47 -0.02 44.18
N SER I 76 12.18 0.06 43.87
CA SER I 76 11.63 1.13 43.04
C SER I 76 10.69 1.98 43.89
N ILE I 77 10.76 3.30 43.71
CA ILE I 77 9.91 4.18 44.48
C ILE I 77 8.46 3.90 44.14
N GLY I 78 7.64 3.70 45.17
CA GLY I 78 6.23 3.41 45.00
C GLY I 78 5.87 1.94 44.99
N GLN I 79 6.86 1.05 44.97
CA GLN I 79 6.58 -0.38 44.94
C GLN I 79 6.17 -0.87 46.33
N GLU I 80 5.37 -1.93 46.36
CA GLU I 80 4.87 -2.48 47.60
C GLU I 80 5.81 -3.55 48.15
N ILE I 81 6.05 -3.48 49.46
CA ILE I 81 6.91 -4.42 50.16
C ILE I 81 6.30 -4.74 51.51
N GLU I 82 6.76 -5.84 52.11
CA GLU I 82 6.31 -6.26 53.43
C GLU I 82 7.43 -6.11 54.45
N VAL I 83 7.11 -5.59 55.63
CA VAL I 83 8.10 -5.37 56.68
C VAL I 83 7.60 -5.98 57.98
N ALA I 84 8.45 -6.79 58.62
CA ALA I 84 8.11 -7.42 59.88
C ALA I 84 9.25 -7.27 60.87
N LEU I 85 8.93 -7.06 62.14
CA LEU I 85 9.97 -6.92 63.16
C LEU I 85 10.76 -8.21 63.31
N TYR I 86 12.07 -8.08 63.49
CA TYR I 86 12.99 -9.20 63.62
C TYR I 86 13.76 -9.08 64.93
N SER I 87 14.00 -10.22 65.56
CA SER I 87 14.63 -10.28 66.88
C SER I 87 16.01 -10.92 66.77
N PHE I 88 17.06 -10.15 67.09
CA PHE I 88 18.43 -10.59 66.94
C PHE I 88 18.96 -11.25 68.21
N ASP I 89 19.58 -12.41 68.05
CA ASP I 89 20.37 -12.99 69.11
C ASP I 89 21.58 -12.10 69.41
N LYS I 90 22.05 -12.15 70.65
CA LYS I 90 23.25 -11.42 71.05
C LYS I 90 24.36 -12.32 71.54
N ALA I 91 24.09 -13.59 71.81
CA ALA I 91 25.10 -14.49 72.37
C ALA I 91 25.92 -15.21 71.31
N LYS I 92 25.41 -15.36 70.08
CA LYS I 92 26.09 -16.16 69.07
C LYS I 92 26.41 -15.40 67.79
N GLN I 93 25.72 -14.30 67.50
CA GLN I 93 25.95 -13.56 66.27
C GLN I 93 26.70 -12.26 66.50
N CYS I 94 27.11 -11.97 67.73
CA CYS I 94 27.82 -10.74 68.01
C CYS I 94 29.09 -10.68 67.17
N ILE I 95 29.29 -9.56 66.50
CA ILE I 95 30.44 -9.39 65.61
C ILE I 95 31.63 -8.89 66.43
N GLY I 96 32.75 -9.61 66.34
CA GLY I 96 33.98 -9.16 66.98
C GLY I 96 34.82 -8.29 66.06
N THR I 97 35.08 -8.78 64.85
CA THR I 97 35.85 -8.06 63.85
C THR I 97 35.25 -8.31 62.48
N MET I 98 35.45 -7.35 61.56
CA MET I 98 34.95 -7.51 60.20
C MET I 98 36.00 -7.00 59.23
N THR I 99 35.82 -7.36 57.96
CA THR I 99 36.62 -6.82 56.87
C THR I 99 35.74 -5.98 55.97
N ILE I 100 36.15 -4.74 55.73
CA ILE I 100 35.41 -3.79 54.93
C ILE I 100 36.33 -3.20 53.87
N GLU I 101 35.95 -3.30 52.61
CA GLU I 101 36.69 -2.69 51.52
C GLU I 101 36.24 -1.24 51.37
N ILE I 102 37.21 -0.34 51.20
CA ILE I 102 36.94 1.09 51.17
C ILE I 102 37.52 1.70 49.91
N ASP I 103 36.89 2.76 49.44
CA ASP I 103 37.38 3.52 48.30
C ASP I 103 36.75 4.89 48.32
N PHE I 104 37.28 5.80 47.51
CA PHE I 104 36.69 7.12 47.41
C PHE I 104 35.29 7.05 46.82
N LEU I 105 34.37 7.80 47.40
CA LEU I 105 33.00 7.86 46.89
C LEU I 105 32.84 8.87 45.77
N GLN I 106 33.56 9.98 45.84
CA GLN I 106 33.45 11.06 44.87
C GLN I 106 34.76 11.14 44.09
N LYS I 107 34.67 10.83 42.79
CA LYS I 107 35.83 10.88 41.89
C LYS I 107 36.40 12.28 41.76
N LYS I 108 35.71 13.32 42.24
CA LYS I 108 36.10 14.68 41.95
C LYS I 108 37.56 14.95 42.35
N ASN I 109 37.97 14.49 43.54
CA ASN I 109 39.31 14.81 44.07
C ASN I 109 39.99 13.56 44.62
N ILE I 110 40.63 12.79 43.73
CA ILE I 110 41.50 11.72 44.17
C ILE I 110 42.79 12.32 44.72
N ASP I 111 43.35 11.70 45.75
CA ASP I 111 44.60 12.17 46.32
C ASP I 111 45.43 11.01 46.85
N SER I 112 46.72 11.24 46.96
CA SER I 112 47.68 10.25 47.44
C SER I 112 48.11 10.50 48.88
N ASN I 113 47.46 11.42 49.59
CA ASN I 113 47.86 11.71 50.96
C ASN I 113 47.58 10.50 51.85
N PRO I 114 48.33 10.35 52.94
CA PRO I 114 48.10 9.21 53.83
C PRO I 114 46.83 9.40 54.65
N TYR I 115 46.12 8.31 54.88
CA TYR I 115 44.88 8.34 55.64
C TYR I 115 44.98 7.38 56.82
N ASP I 116 44.70 7.90 58.01
CA ASP I 116 44.77 7.12 59.24
C ASP I 116 43.67 6.08 59.26
N THR I 117 44.00 4.85 58.87
CA THR I 117 43.00 3.79 58.90
C THR I 117 42.58 3.44 60.32
N ASP I 118 43.41 3.78 61.32
CA ASP I 118 43.06 3.49 62.71
C ASP I 118 41.99 4.46 63.20
N LYS I 119 42.26 5.76 63.07
CA LYS I 119 41.32 6.75 63.58
C LYS I 119 39.96 6.59 62.92
N MET I 120 39.96 6.39 61.60
CA MET I 120 38.71 6.20 60.89
C MET I 120 37.91 5.07 61.51
N ALA I 121 38.58 3.93 61.77
CA ALA I 121 37.88 2.80 62.36
C ALA I 121 37.19 3.21 63.65
N ALA I 122 37.87 3.98 64.49
CA ALA I 122 37.26 4.41 65.74
C ALA I 122 36.03 5.25 65.45
N GLU I 123 36.13 6.18 64.50
CA GLU I 123 34.97 6.98 64.14
C GLU I 123 33.82 6.10 63.68
N PHE I 124 34.13 4.99 63.03
CA PHE I 124 33.08 4.06 62.64
C PHE I 124 32.23 3.69 63.84
N ILE I 125 32.89 3.28 64.93
CA ILE I 125 32.15 2.90 66.13
C ILE I 125 31.34 4.08 66.62
N GLN I 126 31.90 5.29 66.54
CA GLN I 126 31.18 6.46 67.00
C GLN I 126 29.88 6.64 66.22
N GLN I 127 29.90 6.42 64.91
CA GLN I 127 28.72 6.68 64.10
C GLN I 127 27.83 5.47 63.89
N PHE I 128 28.41 4.28 63.74
CA PHE I 128 27.66 3.10 63.30
C PHE I 128 27.45 2.08 64.40
N ASN I 129 27.70 2.42 65.66
CA ASN I 129 27.49 1.46 66.74
C ASN I 129 26.02 1.08 66.83
N ASN I 130 25.77 -0.20 67.14
CA ASN I 130 24.42 -0.73 67.34
C ASN I 130 23.61 -0.77 66.04
N GLN I 131 24.27 -1.02 64.92
CA GLN I 131 23.61 -1.15 63.63
C GLN I 131 24.00 -2.47 63.00
N ALA I 132 23.06 -3.07 62.28
CA ALA I 132 23.27 -4.38 61.65
C ALA I 132 23.94 -4.21 60.30
N PHE I 133 24.87 -5.12 59.99
CA PHE I 133 25.57 -5.13 58.72
C PHE I 133 25.64 -6.54 58.17
N SER I 134 25.50 -6.66 56.86
CA SER I 134 25.55 -7.95 56.18
C SER I 134 26.59 -7.89 55.08
N VAL I 135 27.09 -9.07 54.70
CA VAL I 135 28.05 -9.15 53.60
C VAL I 135 27.37 -8.68 52.31
N GLY I 136 28.10 -7.88 51.54
CA GLY I 136 27.60 -7.33 50.29
C GLY I 136 26.90 -5.99 50.41
N GLN I 137 26.59 -5.54 51.62
CA GLN I 137 25.96 -4.24 51.80
C GLN I 137 26.93 -3.12 51.50
N GLN I 138 26.45 -2.08 50.82
CA GLN I 138 27.24 -0.90 50.48
C GLN I 138 26.81 0.28 51.34
N LEU I 139 27.75 1.17 51.63
CA LEU I 139 27.43 2.34 52.44
C LEU I 139 28.38 3.50 52.17
N VAL I 140 28.01 4.65 52.70
CA VAL I 140 28.77 5.88 52.60
C VAL I 140 29.29 6.25 53.98
N PHE I 141 30.50 6.82 54.01
CA PHE I 141 31.19 7.16 55.24
C PHE I 141 31.69 8.60 55.14
N SER I 142 31.35 9.41 56.15
CA SER I 142 31.79 10.79 56.23
C SER I 142 32.99 10.89 57.17
N PHE I 143 34.14 11.29 56.64
CA PHE I 143 35.37 11.43 57.42
C PHE I 143 36.08 12.69 56.97
N ASN I 144 36.14 13.69 57.86
CA ASN I 144 36.75 14.99 57.56
C ASN I 144 36.19 15.57 56.27
N ASP I 145 34.86 15.60 56.18
CA ASP I 145 34.15 16.16 55.02
C ASP I 145 34.39 15.36 53.76
N LYS I 146 34.94 14.14 53.87
CA LYS I 146 35.22 13.30 52.72
C LYS I 146 34.25 12.13 52.70
N LEU I 147 33.75 11.82 51.51
CA LEU I 147 32.81 10.72 51.32
C LEU I 147 33.56 9.49 50.84
N PHE I 148 33.34 8.37 51.52
CA PHE I 148 33.95 7.10 51.16
C PHE I 148 32.86 6.06 50.93
N GLY I 149 33.11 5.17 49.96
CA GLY I 149 32.24 4.03 49.72
C GLY I 149 32.84 2.80 50.37
N LEU I 150 32.02 2.10 51.13
CA LEU I 150 32.42 0.91 51.85
C LEU I 150 31.56 -0.28 51.43
N LEU I 151 32.19 -1.45 51.41
CA LEU I 151 31.55 -2.71 51.04
C LEU I 151 31.93 -3.76 52.08
N VAL I 152 30.94 -4.38 52.70
CA VAL I 152 31.20 -5.37 53.74
C VAL I 152 31.80 -6.61 53.11
N LYS I 153 33.02 -6.95 53.52
CA LYS I 153 33.75 -8.08 52.94
C LYS I 153 33.66 -9.34 53.78
N ASP I 154 33.77 -9.24 55.10
CA ASP I 154 33.79 -10.40 55.98
C ASP I 154 33.32 -9.97 57.37
N ILE I 155 32.79 -10.94 58.12
CA ILE I 155 32.27 -10.71 59.46
C ILE I 155 32.79 -11.82 60.36
N GLU I 156 33.30 -11.44 61.54
CA GLU I 156 33.81 -12.39 62.53
C GLU I 156 33.03 -12.21 63.83
N ALA I 157 32.66 -13.33 64.44
CA ALA I 157 31.87 -13.31 65.66
C ALA I 157 32.69 -12.80 66.84
N LYS I 174 31.72 -17.59 61.41
CA LYS I 174 31.07 -16.82 60.37
C LYS I 174 29.56 -16.73 60.61
N ILE I 175 29.01 -15.54 60.43
CA ILE I 175 27.58 -15.30 60.59
C ILE I 175 27.09 -14.52 59.39
N GLU I 176 25.81 -14.71 59.06
CA GLU I 176 25.23 -14.01 57.91
C GLU I 176 24.78 -12.61 58.28
N VAL I 177 24.23 -12.43 59.48
CA VAL I 177 23.79 -11.13 59.97
C VAL I 177 24.04 -11.09 61.47
N GLY I 178 24.47 -9.92 61.96
CA GLY I 178 24.76 -9.76 63.37
C GLY I 178 24.60 -8.31 63.77
N LEU I 179 24.74 -8.07 65.07
CA LEU I 179 24.67 -6.73 65.65
C LEU I 179 26.07 -6.31 66.08
N VAL I 180 26.52 -5.15 65.58
CA VAL I 180 27.85 -4.66 65.90
C VAL I 180 27.85 -4.07 67.31
N VAL I 181 28.89 -4.41 68.08
CA VAL I 181 29.05 -3.88 69.42
C VAL I 181 30.05 -2.75 69.41
N GLY I 182 30.12 -2.01 70.53
CA GLY I 182 30.96 -0.83 70.59
C GLY I 182 32.44 -1.12 70.38
N ASN I 183 32.91 -2.28 70.82
CA ASN I 183 34.34 -2.57 70.85
C ASN I 183 34.80 -3.35 69.62
N SER I 184 34.00 -3.37 68.57
CA SER I 184 34.39 -4.03 67.34
C SER I 184 35.50 -3.26 66.64
N GLN I 185 36.38 -3.99 65.96
CA GLN I 185 37.48 -3.41 65.22
C GLN I 185 37.26 -3.60 63.73
N VAL I 186 37.58 -2.56 62.95
CA VAL I 186 37.34 -2.55 61.51
C VAL I 186 38.68 -2.48 60.79
N ALA I 187 38.79 -3.22 59.69
CA ALA I 187 39.99 -3.25 58.88
C ALA I 187 39.65 -2.82 57.46
N PHE I 188 40.48 -1.94 56.89
CA PHE I 188 40.27 -1.42 55.55
C PHE I 188 41.31 -1.99 54.59
N GLU I 189 40.91 -2.11 53.33
CA GLU I 189 41.84 -2.53 52.28
C GLU I 189 41.42 -1.82 50.99
N LYS I 190 42.37 -1.13 50.38
CA LYS I 190 42.07 -0.36 49.19
C LYS I 190 41.47 -1.22 48.08
N ALA I 191 40.46 -0.68 47.42
CA ALA I 191 39.85 -1.35 46.27
C ALA I 191 40.80 -1.32 45.08
N GLU I 192 40.67 -2.32 44.22
CA GLU I 192 41.53 -2.44 43.06
C GLU I 192 41.40 -1.21 42.16
N ASN I 193 42.49 -0.84 41.52
CA ASN I 193 42.54 0.28 40.60
C ASN I 193 42.17 1.59 41.30
N SER I 194 42.92 1.90 42.36
CA SER I 194 42.76 3.13 43.12
C SER I 194 44.13 3.58 43.61
N SER I 195 44.30 4.89 43.74
CA SER I 195 45.56 5.48 44.19
C SER I 195 45.54 5.83 45.67
N LEU I 196 44.55 5.36 46.42
CA LEU I 196 44.44 5.70 47.84
C LEU I 196 45.59 5.10 48.63
N ASN I 197 46.30 5.93 49.38
CA ASN I 197 47.40 5.48 50.24
C ASN I 197 46.88 5.42 51.67
N LEU I 198 46.60 4.21 52.15
CA LEU I 198 46.07 3.98 53.48
C LEU I 198 47.20 3.65 54.44
N ILE I 199 47.15 4.22 55.64
CA ILE I 199 48.17 3.97 56.65
C ILE I 199 47.54 3.96 58.04
N GLY I 200 47.39 2.77 58.62
CA GLY I 200 46.85 2.67 59.96
C GLY I 200 46.72 1.23 60.38
N LYS I 201 46.13 1.03 61.56
CA LYS I 201 45.92 -0.31 62.08
C LYS I 201 44.92 -1.09 61.22
N ALA I 202 43.90 -0.42 60.72
CA ALA I 202 42.87 -1.03 59.88
C ALA I 202 43.46 -1.31 58.50
N LYS I 203 44.23 -2.39 58.42
CA LYS I 203 44.89 -2.77 57.17
C LYS I 203 45.15 -4.27 57.22
N THR I 204 45.00 -4.92 56.06
CA THR I 204 45.19 -6.36 55.86
C THR I 204 43.92 -6.96 55.27
N MET J 4 8.21 9.54 -60.90
CA MET J 4 7.64 10.25 -62.07
C MET J 4 6.64 11.30 -61.63
N ALA J 5 5.46 10.85 -61.21
CA ALA J 5 4.41 11.75 -60.74
C ALA J 5 4.44 11.97 -59.23
N GLY J 6 5.17 11.14 -58.50
CA GLY J 6 5.22 11.21 -57.06
C GLY J 6 4.47 10.13 -56.32
N ARG J 7 4.25 8.97 -56.94
CA ARG J 7 3.48 7.91 -56.31
C ARG J 7 4.22 7.37 -55.10
N SER J 8 3.49 6.64 -54.26
CA SER J 8 4.04 6.12 -53.01
C SER J 8 4.77 4.81 -53.25
N MET J 9 6.01 4.73 -52.76
CA MET J 9 6.83 3.53 -52.83
C MET J 9 7.27 3.14 -51.43
N GLN J 10 8.03 2.04 -51.35
CA GLN J 10 8.50 1.52 -50.07
C GLN J 10 9.97 1.11 -50.21
N ALA J 11 10.78 1.48 -49.23
CA ALA J 11 12.19 1.15 -49.27
C ALA J 11 12.41 -0.33 -48.98
N ALA J 12 13.30 -0.95 -49.74
CA ALA J 12 13.63 -2.35 -49.60
C ALA J 12 15.14 -2.50 -49.44
N ARG J 13 15.58 -3.75 -49.27
CA ARG J 13 16.99 -4.07 -49.09
C ARG J 13 17.67 -4.29 -50.43
N CYS J 14 18.93 -3.85 -50.51
CA CYS J 14 19.70 -4.01 -51.73
C CYS J 14 19.72 -5.50 -52.13
N PRO J 15 19.48 -5.82 -53.40
CA PRO J 15 19.44 -7.25 -53.76
C PRO J 15 20.79 -7.92 -53.71
N THR J 16 21.84 -7.25 -54.17
CA THR J 16 23.18 -7.83 -54.21
C THR J 16 24.21 -6.78 -53.79
N ASP J 17 25.37 -7.27 -53.37
CA ASP J 17 26.44 -6.37 -52.94
C ASP J 17 26.96 -5.52 -54.08
N GLU J 18 27.09 -6.11 -55.27
CA GLU J 18 27.65 -5.36 -56.40
C GLU J 18 26.80 -4.16 -56.74
N LEU J 19 25.48 -4.34 -56.79
CA LEU J 19 24.60 -3.21 -57.09
C LEU J 19 24.61 -2.20 -55.95
N SER J 20 24.76 -2.65 -54.71
CA SER J 20 24.88 -1.71 -53.60
C SER J 20 26.12 -0.85 -53.75
N LEU J 21 27.23 -1.45 -54.19
CA LEU J 21 28.45 -0.69 -54.40
C LEU J 21 28.39 0.15 -55.66
N SER J 22 27.48 -0.17 -56.58
CA SER J 22 27.33 0.62 -57.79
C SER J 22 26.91 2.06 -57.50
N ASN J 23 26.35 2.32 -56.32
CA ASN J 23 25.89 3.64 -55.88
C ASN J 23 24.63 4.09 -56.62
N CYS J 24 23.98 3.19 -57.35
CA CYS J 24 22.76 3.51 -58.09
C CYS J 24 21.59 2.76 -57.46
N ALA J 25 20.57 3.51 -57.05
CA ALA J 25 19.40 2.92 -56.44
C ALA J 25 18.79 1.86 -57.35
N VAL J 26 18.75 0.61 -56.86
CA VAL J 26 18.14 -0.46 -57.62
C VAL J 26 16.62 -0.25 -57.70
N VAL J 27 16.07 -0.47 -58.89
CA VAL J 27 14.63 -0.36 -59.12
C VAL J 27 14.17 -1.54 -59.96
N SER J 28 12.86 -1.66 -60.10
CA SER J 28 12.27 -2.76 -60.86
C SER J 28 12.30 -2.46 -62.35
N GLU J 29 12.51 -3.51 -63.16
CA GLU J 29 12.57 -3.37 -64.60
C GLU J 29 11.23 -2.94 -65.21
N LYS J 30 10.12 -3.15 -64.49
CA LYS J 30 8.80 -2.85 -65.03
C LYS J 30 8.45 -1.38 -64.95
N ASP J 31 9.14 -0.59 -64.13
CA ASP J 31 8.73 0.77 -63.83
C ASP J 31 9.50 1.85 -64.58
N TYR J 32 10.81 1.72 -64.73
CA TYR J 32 11.61 2.77 -65.34
C TYR J 32 12.78 2.16 -66.10
N GLN J 33 13.61 3.03 -66.66
CA GLN J 33 14.80 2.64 -67.40
C GLN J 33 16.03 3.25 -66.77
N SER J 34 17.14 2.50 -66.78
CA SER J 34 18.37 2.95 -66.16
C SER J 34 18.79 4.31 -66.71
N GLY J 35 19.40 5.12 -65.84
CA GLY J 35 19.91 6.42 -66.19
C GLY J 35 19.01 7.58 -65.80
N GLN J 36 17.74 7.33 -65.51
CA GLN J 36 16.84 8.40 -65.10
C GLN J 36 17.17 8.85 -63.68
N HIS J 37 16.66 10.04 -63.33
CA HIS J 37 16.85 10.62 -62.01
C HIS J 37 15.50 10.85 -61.34
N VAL J 38 15.45 10.68 -60.02
CA VAL J 38 14.25 10.91 -59.24
C VAL J 38 14.61 11.64 -57.96
N ILE J 39 13.90 12.74 -57.68
CA ILE J 39 14.11 13.50 -56.44
C ILE J 39 13.15 12.92 -55.41
N VAL J 40 13.60 11.83 -54.78
CA VAL J 40 12.82 11.15 -53.74
C VAL J 40 12.36 12.17 -52.72
N ARG J 41 11.05 12.26 -52.50
CA ARG J 41 10.43 13.21 -51.58
C ARG J 41 9.97 12.44 -50.34
N THR J 42 10.61 12.72 -49.20
CA THR J 42 10.15 12.11 -47.94
C THR J 42 9.30 13.09 -47.14
N SER J 43 9.94 14.04 -46.47
CA SER J 43 9.25 15.12 -45.77
C SER J 43 8.93 16.26 -46.73
N PRO J 44 8.05 17.18 -46.32
CA PRO J 44 7.82 18.38 -47.15
C PRO J 44 9.07 19.20 -47.37
N ASN J 45 10.07 19.09 -46.50
CA ASN J 45 11.34 19.81 -46.63
C ASN J 45 12.52 18.86 -46.78
N HIS J 46 12.29 17.68 -47.36
CA HIS J 46 13.34 16.66 -47.51
C HIS J 46 13.13 15.98 -48.86
N LYS J 47 13.98 16.31 -49.81
CA LYS J 47 13.99 15.64 -51.11
C LYS J 47 15.44 15.44 -51.53
N TYR J 48 15.77 14.21 -51.96
CA TYR J 48 17.12 13.83 -52.31
C TYR J 48 17.13 13.21 -53.70
N ILE J 49 18.08 13.61 -54.53
CA ILE J 49 18.14 13.15 -55.92
C ILE J 49 18.91 11.84 -55.98
N PHE J 50 18.31 10.84 -56.61
CA PHE J 50 18.92 9.53 -56.78
C PHE J 50 18.80 9.10 -58.23
N THR J 51 19.80 8.34 -58.70
CA THR J 51 19.79 7.78 -60.04
C THR J 51 19.35 6.32 -59.96
N LEU J 52 18.53 5.90 -60.93
CA LEU J 52 17.94 4.57 -60.92
C LEU J 52 18.74 3.62 -61.79
N ARG J 53 18.76 2.35 -61.39
CA ARG J 53 19.34 1.28 -62.19
C ARG J 53 18.53 0.03 -61.95
N THR J 54 18.17 -0.68 -63.02
CA THR J 54 17.36 -1.87 -62.88
C THR J 54 18.23 -3.10 -62.65
N HIS J 55 17.64 -4.10 -61.99
CA HIS J 55 18.29 -5.37 -61.73
C HIS J 55 17.20 -6.43 -61.60
N PRO J 56 17.40 -7.65 -62.10
CA PRO J 56 16.36 -8.68 -61.98
C PRO J 56 15.90 -8.87 -60.55
N SER J 57 14.74 -9.49 -60.37
CA SER J 57 14.12 -9.72 -59.08
C SER J 57 13.52 -8.42 -58.55
N VAL J 58 13.35 -8.31 -57.24
CA VAL J 58 12.74 -7.14 -56.61
C VAL J 58 11.29 -7.00 -57.08
N VAL J 59 10.38 -6.79 -56.14
CA VAL J 59 8.97 -6.67 -56.46
C VAL J 59 8.70 -5.25 -56.96
N PRO J 60 8.04 -5.08 -58.11
CA PRO J 60 7.71 -3.73 -58.57
C PRO J 60 6.92 -2.96 -57.52
N GLY J 61 7.17 -1.66 -57.44
CA GLY J 61 6.54 -0.81 -56.45
C GLY J 61 7.37 -0.54 -55.22
N SER J 62 8.63 -0.96 -55.20
CA SER J 62 9.54 -0.66 -54.09
C SER J 62 10.90 -0.29 -54.67
N VAL J 63 11.69 0.42 -53.86
CA VAL J 63 13.02 0.85 -54.26
C VAL J 63 14.01 0.38 -53.21
N ALA J 64 15.08 -0.27 -53.66
CA ALA J 64 16.10 -0.81 -52.77
C ALA J 64 17.27 0.16 -52.66
N PHE J 65 17.76 0.35 -51.45
CA PHE J 65 18.86 1.26 -51.18
C PHE J 65 19.94 0.54 -50.39
N SER J 66 21.18 1.00 -50.55
CA SER J 66 22.27 0.47 -49.76
C SER J 66 22.36 1.22 -48.44
N LEU J 67 23.14 0.66 -47.51
CA LEU J 67 23.25 1.27 -46.19
C LEU J 67 23.61 2.74 -46.24
N PRO J 68 24.57 3.19 -47.05
CA PRO J 68 24.86 4.64 -47.08
C PRO J 68 23.65 5.47 -47.47
N GLN J 69 22.86 5.02 -48.44
CA GLN J 69 21.70 5.81 -48.85
C GLN J 69 20.69 5.89 -47.72
N ARG J 70 20.42 4.78 -47.04
CA ARG J 70 19.45 4.79 -45.96
C ARG J 70 19.94 5.66 -44.81
N LYS J 71 21.23 5.62 -44.51
CA LYS J 71 21.75 6.45 -43.43
C LYS J 71 21.78 7.93 -43.80
N TRP J 72 21.87 8.24 -45.09
CA TRP J 72 21.88 9.64 -45.50
C TRP J 72 20.47 10.22 -45.50
N ALA J 73 19.53 9.54 -46.16
CA ALA J 73 18.17 10.04 -46.25
C ALA J 73 17.32 9.64 -45.06
N GLY J 74 17.83 8.81 -44.16
CA GLY J 74 17.10 8.46 -42.96
C GLY J 74 15.83 7.67 -43.21
N LEU J 75 15.92 6.60 -43.98
CA LEU J 75 14.78 5.78 -44.32
C LEU J 75 14.85 4.45 -43.57
N SER J 76 13.69 3.94 -43.19
CA SER J 76 13.55 2.65 -42.53
C SER J 76 12.73 1.72 -43.41
N ILE J 77 13.10 0.44 -43.41
CA ILE J 77 12.39 -0.52 -44.24
C ILE J 77 10.91 -0.51 -43.88
N GLY J 78 10.06 -0.41 -44.91
CA GLY J 78 8.62 -0.37 -44.71
C GLY J 78 8.03 1.02 -44.68
N GLN J 79 8.86 2.07 -44.69
CA GLN J 79 8.35 3.43 -44.61
C GLN J 79 7.83 3.88 -45.96
N GLU J 80 6.89 4.82 -45.93
CA GLU J 80 6.29 5.36 -47.13
C GLU J 80 7.14 6.49 -47.69
N ILE J 81 7.34 6.48 -49.00
CA ILE J 81 8.15 7.48 -49.69
C ILE J 81 7.47 7.88 -50.98
N GLU J 82 7.82 9.07 -51.49
CA GLU J 82 7.29 9.57 -52.75
C GLU J 82 8.41 9.62 -53.79
N VAL J 83 8.12 9.13 -54.99
CA VAL J 83 9.11 9.07 -56.07
C VAL J 83 8.62 9.94 -57.22
N ALA J 84 9.35 11.02 -57.49
CA ALA J 84 9.08 11.92 -58.60
C ALA J 84 10.32 12.02 -59.49
N LEU J 85 10.11 12.07 -60.80
CA LEU J 85 11.23 12.18 -61.74
C LEU J 85 11.77 13.60 -61.81
N TYR J 86 13.05 13.70 -62.14
CA TYR J 86 13.78 14.97 -62.14
C TYR J 86 14.50 15.15 -63.46
N SER J 87 14.56 16.39 -63.93
CA SER J 87 15.25 16.76 -65.16
C SER J 87 16.37 17.75 -64.84
N PHE J 88 17.59 17.44 -65.28
CA PHE J 88 18.73 18.32 -65.03
C PHE J 88 18.74 19.50 -66.00
N ASP J 89 19.35 20.62 -65.56
CA ASP J 89 19.49 21.85 -66.38
C ASP J 89 20.92 21.90 -66.87
N LYS J 90 21.26 21.34 -68.02
CA LYS J 90 22.62 21.20 -68.51
C LYS J 90 23.38 22.52 -68.55
N ALA J 91 22.67 23.65 -68.54
CA ALA J 91 23.33 24.96 -68.62
C ALA J 91 23.90 25.42 -67.28
N LYS J 92 23.35 24.95 -66.17
CA LYS J 92 23.81 25.33 -64.84
C LYS J 92 24.13 24.17 -63.92
N GLN J 93 23.61 22.97 -64.20
CA GLN J 93 23.77 21.80 -63.31
C GLN J 93 24.99 20.96 -63.68
N CYS J 94 25.59 21.17 -64.85
CA CYS J 94 26.69 20.32 -65.29
C CYS J 94 27.87 20.48 -64.34
N ILE J 95 28.35 19.35 -63.81
CA ILE J 95 29.43 19.38 -62.83
C ILE J 95 30.76 19.48 -63.56
N GLY J 96 31.52 20.53 -63.25
CA GLY J 96 32.88 20.64 -63.74
C GLY J 96 33.86 19.96 -62.81
N THR J 97 33.93 20.45 -61.57
CA THR J 97 34.74 19.87 -60.52
C THR J 97 33.86 19.61 -59.30
N MET J 98 34.35 18.75 -58.40
CA MET J 98 33.67 18.51 -57.14
C MET J 98 34.72 18.35 -56.05
N THR J 99 34.33 18.72 -54.83
CA THR J 99 35.19 18.56 -53.66
C THR J 99 34.64 17.41 -52.81
N ILE J 100 35.50 16.45 -52.51
CA ILE J 100 35.11 15.25 -51.77
C ILE J 100 36.06 15.05 -50.61
N GLU J 101 35.52 14.93 -49.41
CA GLU J 101 36.29 14.57 -48.23
C GLU J 101 36.35 13.06 -48.13
N ILE J 102 37.54 12.54 -47.81
CA ILE J 102 37.78 11.10 -47.79
C ILE J 102 38.39 10.72 -46.45
N ASP J 103 38.05 9.52 -45.97
CA ASP J 103 38.58 9.02 -44.72
C ASP J 103 38.41 7.51 -44.68
N PHE J 104 39.07 6.89 -43.69
CA PHE J 104 38.98 5.45 -43.53
C PHE J 104 37.55 5.03 -43.18
N LEU J 105 37.11 3.92 -43.79
CA LEU J 105 35.81 3.35 -43.46
C LEU J 105 35.90 2.33 -42.33
N GLN J 106 36.96 1.51 -42.33
CA GLN J 106 37.14 0.44 -41.36
C GLN J 106 38.43 0.66 -40.59
N LYS J 107 38.32 0.88 -39.28
CA LYS J 107 39.49 1.09 -38.43
C LYS J 107 40.45 -0.09 -38.45
N LYS J 108 39.97 -1.29 -38.81
CA LYS J 108 40.85 -2.45 -38.83
C LYS J 108 41.97 -2.29 -39.84
N ASN J 109 41.67 -1.70 -41.01
CA ASN J 109 42.59 -1.68 -42.13
C ASN J 109 43.46 -0.43 -42.19
N ILE J 110 43.64 0.27 -41.07
CA ILE J 110 44.48 1.47 -41.08
C ILE J 110 45.90 1.07 -41.43
N ASP J 111 46.54 1.88 -42.28
CA ASP J 111 47.92 1.63 -42.68
C ASP J 111 48.58 2.94 -43.05
N SER J 112 49.91 2.93 -43.06
CA SER J 112 50.72 4.11 -43.34
C SER J 112 51.26 4.13 -44.76
N ASN J 113 50.80 3.25 -45.63
CA ASN J 113 51.35 3.20 -46.98
C ASN J 113 50.99 4.47 -47.74
N PRO J 114 51.80 4.86 -48.73
CA PRO J 114 51.50 6.08 -49.48
C PRO J 114 50.29 5.90 -50.39
N TYR J 115 49.56 6.99 -50.58
CA TYR J 115 48.36 7.00 -51.41
C TYR J 115 48.55 8.00 -52.55
N ASP J 116 48.51 7.51 -53.78
CA ASP J 116 48.62 8.36 -54.96
C ASP J 116 47.27 9.02 -55.18
N THR J 117 47.18 10.32 -54.90
CA THR J 117 45.90 11.01 -55.01
C THR J 117 45.43 11.14 -56.45
N ASP J 118 46.37 11.17 -57.40
CA ASP J 118 45.98 11.30 -58.80
C ASP J 118 45.45 9.98 -59.36
N LYS J 119 46.08 8.87 -58.97
CA LYS J 119 45.75 7.58 -59.60
C LYS J 119 44.31 7.18 -59.29
N MET J 120 43.85 7.45 -58.08
CA MET J 120 42.45 7.17 -57.76
C MET J 120 41.50 8.06 -58.55
N ALA J 121 41.88 9.31 -58.81
CA ALA J 121 40.91 10.27 -59.33
C ALA J 121 40.32 9.78 -60.65
N ALA J 122 41.18 9.28 -61.55
CA ALA J 122 40.67 8.81 -62.82
C ALA J 122 39.67 7.68 -62.62
N GLU J 123 39.96 6.76 -61.70
CA GLU J 123 39.02 5.67 -61.47
C GLU J 123 37.65 6.21 -61.10
N PHE J 124 37.62 7.28 -60.31
CA PHE J 124 36.34 7.89 -59.97
C PHE J 124 35.57 8.23 -61.23
N ILE J 125 36.22 8.95 -62.15
CA ILE J 125 35.57 9.27 -63.42
C ILE J 125 35.10 7.99 -64.09
N GLN J 126 35.98 6.98 -64.12
CA GLN J 126 35.63 5.73 -64.78
C GLN J 126 34.38 5.11 -64.19
N GLN J 127 34.12 5.34 -62.89
CA GLN J 127 33.04 4.62 -62.22
C GLN J 127 31.67 5.22 -62.51
N PHE J 128 31.45 6.46 -62.07
CA PHE J 128 30.11 7.07 -62.08
C PHE J 128 29.99 8.20 -63.10
N ASN J 129 30.78 8.17 -64.17
CA ASN J 129 30.65 9.18 -65.20
C ASN J 129 29.22 9.26 -65.69
N ASN J 130 28.71 10.48 -65.82
CA ASN J 130 27.38 10.81 -66.34
C ASN J 130 26.31 10.57 -65.26
N GLN J 131 26.70 10.28 -64.02
CA GLN J 131 25.75 9.99 -62.96
C GLN J 131 25.53 11.21 -62.07
N ALA J 132 24.28 11.40 -61.65
CA ALA J 132 23.93 12.54 -60.81
C ALA J 132 24.55 12.41 -59.43
N PHE J 133 25.07 13.53 -58.91
CA PHE J 133 25.60 13.61 -57.56
C PHE J 133 25.10 14.90 -56.92
N SER J 134 24.83 14.85 -55.62
CA SER J 134 24.30 15.99 -54.88
C SER J 134 25.22 16.34 -53.71
N VAL J 135 25.18 17.62 -53.32
CA VAL J 135 25.96 18.08 -52.18
C VAL J 135 25.47 17.41 -50.91
N GLY J 136 26.42 16.98 -50.07
CA GLY J 136 26.12 16.35 -48.80
C GLY J 136 25.97 14.84 -48.87
N GLN J 137 25.95 14.26 -50.06
CA GLN J 137 25.77 12.82 -50.19
C GLN J 137 26.98 12.08 -49.64
N GLN J 138 26.73 10.97 -48.97
CA GLN J 138 27.76 10.10 -48.44
C GLN J 138 27.86 8.85 -49.30
N LEU J 139 29.06 8.31 -49.44
CA LEU J 139 29.23 7.12 -50.27
C LEU J 139 30.49 6.38 -49.86
N VAL J 140 30.68 5.21 -50.49
CA VAL J 140 31.84 4.36 -50.25
C VAL J 140 32.74 4.42 -51.48
N PHE J 141 34.04 4.29 -51.23
CA PHE J 141 35.05 4.43 -52.28
C PHE J 141 35.94 3.19 -52.23
N SER J 142 36.06 2.52 -53.38
CA SER J 142 36.79 1.26 -53.48
C SER J 142 38.16 1.50 -54.09
N PHE J 143 39.11 1.88 -53.25
CA PHE J 143 40.50 1.93 -53.66
C PHE J 143 41.06 0.50 -53.67
N ASN J 144 42.25 0.34 -54.23
CA ASN J 144 42.87 -0.98 -54.22
C ASN J 144 42.80 -1.55 -52.80
N ASP J 145 42.03 -2.63 -52.64
CA ASP J 145 41.86 -3.30 -51.36
C ASP J 145 41.65 -2.30 -50.22
N LYS J 146 40.87 -1.25 -50.47
CA LYS J 146 40.62 -0.21 -49.46
C LYS J 146 39.20 0.28 -49.57
N LEU J 147 38.43 0.13 -48.49
CA LEU J 147 37.08 0.69 -48.39
C LEU J 147 37.15 1.99 -47.61
N PHE J 148 36.76 3.10 -48.25
CA PHE J 148 36.85 4.41 -47.63
C PHE J 148 35.50 5.10 -47.66
N GLY J 149 35.30 6.01 -46.71
CA GLY J 149 34.09 6.82 -46.67
C GLY J 149 34.34 8.18 -47.30
N LEU J 150 33.41 8.58 -48.18
CA LEU J 150 33.48 9.84 -48.90
C LEU J 150 32.25 10.68 -48.59
N LEU J 151 32.47 12.00 -48.52
CA LEU J 151 31.41 12.96 -48.23
C LEU J 151 31.58 14.15 -49.16
N VAL J 152 30.54 14.49 -49.92
CA VAL J 152 30.58 15.62 -50.82
C VAL J 152 30.43 16.90 -50.00
N LYS J 153 31.46 17.75 -50.04
CA LYS J 153 31.45 19.03 -49.32
C LYS J 153 31.16 20.22 -50.22
N ASP J 154 31.68 20.23 -51.45
CA ASP J 154 31.55 21.38 -52.32
C ASP J 154 31.62 20.92 -53.77
N ILE J 155 30.98 21.70 -54.65
CA ILE J 155 30.90 21.40 -56.07
C ILE J 155 31.19 22.67 -56.85
N GLU J 156 32.06 22.56 -57.85
CA GLU J 156 32.43 23.69 -58.69
C GLU J 156 32.13 23.34 -60.15
N ALA J 157 31.56 24.30 -60.86
CA ALA J 157 31.22 24.11 -62.27
C ALA J 157 32.48 24.07 -63.13
N LYS J 174 28.15 27.83 -57.26
CA LYS J 174 27.94 26.57 -56.55
C LYS J 174 26.50 26.12 -56.67
N ILE J 175 26.30 24.82 -56.82
CA ILE J 175 24.98 24.23 -56.99
C ILE J 175 24.81 23.11 -55.98
N GLU J 176 23.55 22.82 -55.64
CA GLU J 176 23.28 21.75 -54.69
C GLU J 176 23.32 20.39 -55.36
N VAL J 177 22.89 20.30 -56.62
CA VAL J 177 22.84 19.04 -57.35
C VAL J 177 23.39 19.28 -58.76
N GLY J 178 24.06 18.26 -59.30
CA GLY J 178 24.57 18.35 -60.65
C GLY J 178 24.83 16.97 -61.22
N LEU J 179 25.16 16.96 -62.51
CA LEU J 179 25.46 15.74 -63.26
C LEU J 179 26.96 15.66 -63.49
N VAL J 180 27.59 14.58 -63.02
CA VAL J 180 29.03 14.47 -63.15
C VAL J 180 29.41 14.24 -64.61
N VAL J 181 30.66 14.57 -64.92
CA VAL J 181 31.22 14.43 -66.27
C VAL J 181 32.63 13.88 -66.09
N GLY J 182 33.46 13.97 -67.12
CA GLY J 182 34.77 13.35 -67.07
C GLY J 182 35.91 14.32 -66.83
N ASN J 183 35.59 15.59 -66.57
CA ASN J 183 36.58 16.61 -66.31
C ASN J 183 36.68 16.96 -64.83
N SER J 184 36.18 16.09 -63.96
CA SER J 184 36.11 16.36 -62.52
C SER J 184 37.44 16.04 -61.87
N GLN J 185 38.23 17.06 -61.59
CA GLN J 185 39.50 16.91 -60.87
C GLN J 185 39.20 17.09 -59.39
N VAL J 186 38.86 15.98 -58.73
CA VAL J 186 38.47 16.00 -57.32
C VAL J 186 39.74 15.91 -56.48
N ALA J 187 40.07 17.00 -55.79
CA ALA J 187 41.19 16.99 -54.86
C ALA J 187 40.69 16.48 -53.50
N PHE J 188 41.42 15.54 -52.93
CA PHE J 188 41.04 14.93 -51.67
C PHE J 188 41.96 15.40 -50.56
N GLU J 189 41.41 15.53 -49.36
CA GLU J 189 42.19 15.97 -48.20
C GLU J 189 41.65 15.26 -46.97
N LYS J 190 42.56 14.65 -46.21
CA LYS J 190 42.18 13.99 -44.96
C LYS J 190 41.83 15.03 -43.90
N ALA J 191 40.97 14.63 -42.96
CA ALA J 191 40.53 15.55 -41.92
C ALA J 191 40.17 14.76 -40.66
N GLU J 192 40.18 15.48 -39.53
CA GLU J 192 39.74 14.95 -38.24
C GLU J 192 40.58 13.74 -37.82
N ASN J 193 41.85 14.01 -37.54
CA ASN J 193 42.77 13.04 -36.96
C ASN J 193 43.01 11.86 -37.90
N SER J 194 42.83 12.06 -39.20
CA SER J 194 43.00 10.96 -40.14
C SER J 194 44.48 10.61 -40.29
N SER J 195 44.75 9.31 -40.40
CA SER J 195 46.10 8.80 -40.54
C SER J 195 46.50 8.54 -41.99
N LEU J 196 45.71 9.01 -42.95
CA LEU J 196 46.02 8.78 -44.36
C LEU J 196 47.34 9.43 -44.72
N ASN J 197 48.24 8.64 -45.29
CA ASN J 197 49.52 9.15 -45.78
C ASN J 197 49.34 9.47 -47.25
N LEU J 198 49.03 10.73 -47.54
CA LEU J 198 48.63 11.16 -48.88
C LEU J 198 49.83 11.71 -49.63
N ILE J 199 50.02 11.22 -50.85
CA ILE J 199 51.06 11.70 -51.74
C ILE J 199 50.42 12.06 -53.07
N GLY J 200 51.19 12.75 -53.91
CA GLY J 200 50.71 13.18 -55.21
C GLY J 200 50.33 14.66 -55.22
N LYS J 201 49.97 15.12 -56.41
CA LYS J 201 49.63 16.52 -56.63
C LYS J 201 48.15 16.82 -56.52
N ALA J 202 47.30 15.79 -56.41
CA ALA J 202 45.85 15.98 -56.34
C ALA J 202 45.39 16.17 -54.90
N LYS J 203 45.96 17.18 -54.24
CA LYS J 203 45.62 17.53 -52.88
C LYS J 203 45.42 19.04 -52.78
N THR J 204 44.85 19.44 -51.64
CA THR J 204 44.59 20.85 -51.28
C THR J 204 43.08 21.06 -51.16
#